data_7SZP
#
_entry.id   7SZP
#
_cell.length_a   106.400
_cell.length_b   111.610
_cell.length_c   119.320
_cell.angle_alpha   90.000
_cell.angle_beta   90.000
_cell.angle_gamma   90.000
#
_symmetry.space_group_name_H-M   'P 21 21 21'
#
loop_
_entity.id
_entity.type
_entity.pdbx_description
1 polymer 'Histidinol-phosphate aminotransferase'
2 non-polymer "PYRIDOXAL-5'-PHOSPHATE"
3 non-polymer 1,2-ETHANEDIOL
4 non-polymer 'ACETATE ION'
5 non-polymer 'CHLORIDE ION'
6 non-polymer 'CALCIUM ION'
7 water water
#
_entity_poly.entity_id   1
_entity_poly.type   'polypeptide(L)'
_entity_poly.pdbx_seq_one_letter_code
;MAHHHHHHMSIEDLARANVRALTPYQSARRLGGKGDVWLNANEFPTAVAFQLTEQTLNRYPEPQPKAVIESYARYAEVKP
EQVLVSRGADEGIELLIRAFCEPGEDAVLYCPPTYGMYSVSAETIGVECRTVPTLADWQLDLPGIEARLDGVKVVFVCSP
NNPTGQIIDPQSMRDLLEMTRGKAIVVADEAYIEFCPQATLAGWLSDYPHLVVLRTLSKAFALAGLRCGFTLANAEVINV
LLKVIAPYPLSTPVADIAAQALSPEGIAAMRQRVAQILDERRYLVEQLRGIACVEQVFDSETNYVLARITASSAVFKSLW
DQGIILRDQNKQPSLSGCLRITIGTRAESQRVIDALTAENV
;
_entity_poly.pdbx_strand_id   A,B,C,D
#
# COMPACT_ATOMS: atom_id res chain seq x y z
N HIS A 8 46.89 -25.29 15.80
CA HIS A 8 45.80 -26.23 15.53
C HIS A 8 44.85 -26.25 16.72
N MET A 9 43.91 -25.32 16.74
CA MET A 9 43.00 -25.15 17.86
C MET A 9 41.62 -25.71 17.56
N SER A 10 41.00 -26.31 18.57
CA SER A 10 39.63 -26.78 18.44
C SER A 10 38.67 -25.60 18.57
N ILE A 11 37.40 -25.86 18.29
CA ILE A 11 36.43 -24.78 18.17
C ILE A 11 36.39 -23.97 19.46
N GLU A 12 36.23 -24.66 20.60
CA GLU A 12 36.12 -23.96 21.87
C GLU A 12 37.39 -23.18 22.19
N ASP A 13 38.54 -23.65 21.70
CA ASP A 13 39.77 -22.91 21.94
C ASP A 13 39.86 -21.64 21.10
N LEU A 14 39.13 -21.54 19.99
CA LEU A 14 39.10 -20.29 19.24
C LEU A 14 38.19 -19.25 19.87
N ALA A 15 37.27 -19.67 20.74
CA ALA A 15 36.38 -18.72 21.37
C ALA A 15 37.15 -17.84 22.36
N ARG A 16 36.61 -16.66 22.62
CA ARG A 16 37.20 -15.79 23.63
C ARG A 16 37.25 -16.52 24.97
N ALA A 17 38.28 -16.23 25.77
CA ALA A 17 38.42 -16.93 27.04
C ALA A 17 37.21 -16.74 27.94
N ASN A 18 36.70 -15.51 28.03
CA ASN A 18 35.55 -15.28 28.92
C ASN A 18 34.33 -16.05 28.45
N VAL A 19 34.19 -16.24 27.13
CA VAL A 19 33.04 -16.95 26.58
C VAL A 19 33.04 -18.42 26.97
N ARG A 20 34.22 -19.04 27.08
CA ARG A 20 34.27 -20.47 27.42
CA ARG A 20 34.27 -20.47 27.42
C ARG A 20 33.63 -20.76 28.77
N ALA A 21 33.71 -19.82 29.71
CA ALA A 21 33.14 -20.05 31.04
C ALA A 21 31.67 -19.64 31.14
N LEU A 22 31.07 -19.14 30.07
CA LEU A 22 29.66 -18.78 30.14
C LEU A 22 28.78 -20.03 30.10
N THR A 23 27.52 -19.86 30.47
CA THR A 23 26.57 -20.95 30.43
C THR A 23 25.40 -20.57 29.54
N PRO A 24 25.00 -21.42 28.59
CA PRO A 24 23.80 -21.13 27.81
C PRO A 24 22.60 -20.95 28.71
N TYR A 25 21.67 -20.11 28.25
CA TYR A 25 20.51 -19.78 29.07
C TYR A 25 19.60 -21.00 29.21
N GLN A 26 19.33 -21.38 30.46
CA GLN A 26 18.63 -22.62 30.76
C GLN A 26 17.19 -22.31 31.14
N SER A 27 16.25 -22.77 30.31
CA SER A 27 14.82 -22.69 30.60
C SER A 27 14.35 -24.08 31.00
N ALA A 28 13.94 -24.23 32.26
CA ALA A 28 13.40 -25.51 32.73
C ALA A 28 11.92 -25.67 32.40
N ARG A 29 11.41 -24.86 31.49
CA ARG A 29 9.97 -24.71 31.29
C ARG A 29 9.48 -25.73 30.28
N ARG A 30 8.53 -26.57 30.71
CA ARG A 30 7.94 -27.57 29.82
C ARG A 30 6.88 -26.93 28.94
N LEU A 31 6.44 -27.69 27.95
CA LEU A 31 5.28 -27.28 27.17
C LEU A 31 4.09 -27.01 28.10
N GLY A 32 3.28 -26.03 27.72
CA GLY A 32 1.91 -26.03 28.21
C GLY A 32 1.23 -27.34 27.87
N GLY A 33 0.29 -27.74 28.71
CA GLY A 33 -0.31 -29.05 28.58
C GLY A 33 0.20 -30.05 29.58
N LYS A 34 1.26 -29.72 30.33
CA LYS A 34 1.57 -30.49 31.53
C LYS A 34 0.86 -29.92 32.75
N GLY A 35 0.23 -28.75 32.62
CA GLY A 35 -0.51 -28.16 33.71
C GLY A 35 0.35 -27.47 34.74
N ASP A 36 1.62 -27.21 34.44
CA ASP A 36 2.46 -26.52 35.41
C ASP A 36 1.94 -25.12 35.69
N VAL A 37 2.07 -24.71 36.95
CA VAL A 37 1.67 -23.37 37.38
C VAL A 37 2.92 -22.50 37.38
N TRP A 38 3.00 -21.54 36.46
CA TRP A 38 4.22 -20.75 36.25
C TRP A 38 4.10 -19.47 37.06
N LEU A 39 4.83 -19.41 38.17
CA LEU A 39 4.87 -18.23 39.03
C LEU A 39 6.32 -17.83 39.27
N ASN A 40 7.15 -17.94 38.23
CA ASN A 40 8.59 -17.86 38.40
C ASN A 40 9.26 -16.80 37.54
N ALA A 41 8.52 -16.11 36.67
CA ALA A 41 9.13 -15.19 35.73
C ALA A 41 8.50 -13.81 35.78
N ASN A 42 7.61 -13.54 36.75
CA ASN A 42 6.95 -12.25 36.88
C ASN A 42 6.13 -11.89 35.64
N GLU A 43 5.60 -12.89 34.94
CA GLU A 43 4.69 -12.67 33.83
C GLU A 43 3.29 -12.33 34.33
N PHE A 44 2.58 -11.44 33.63
CA PHE A 44 1.15 -11.32 33.89
C PHE A 44 0.50 -12.67 33.60
N PRO A 45 -0.44 -13.15 34.44
CA PRO A 45 -0.82 -14.58 34.40
C PRO A 45 -1.76 -15.00 33.28
N THR A 46 -2.34 -14.07 32.53
CA THR A 46 -3.28 -14.42 31.49
CA THR A 46 -3.35 -14.33 31.52
C THR A 46 -2.99 -13.62 30.22
N ALA A 47 -3.28 -14.26 29.09
CA ALA A 47 -2.97 -13.64 27.80
C ALA A 47 -3.94 -12.50 27.51
N VAL A 48 -3.40 -11.45 26.90
CA VAL A 48 -4.20 -10.41 26.25
C VAL A 48 -3.98 -10.60 24.75
N ALA A 49 -5.06 -10.80 24.01
CA ALA A 49 -4.94 -11.18 22.60
C ALA A 49 -4.78 -9.95 21.71
N PHE A 50 -3.90 -10.06 20.72
CA PHE A 50 -3.79 -9.06 19.67
C PHE A 50 -3.64 -9.76 18.33
N GLN A 51 -4.15 -9.11 17.30
CA GLN A 51 -4.01 -9.59 15.94
C GLN A 51 -3.21 -8.59 15.13
N LEU A 52 -2.56 -9.07 14.08
CA LEU A 52 -1.83 -8.16 13.20
C LEU A 52 -2.78 -7.31 12.38
N THR A 53 -2.38 -6.07 12.13
CA THR A 53 -3.13 -5.14 11.31
C THR A 53 -2.37 -4.68 10.08
N GLU A 54 -1.09 -5.02 9.96
CA GLU A 54 -0.22 -4.53 8.89
CA GLU A 54 -0.22 -4.53 8.89
C GLU A 54 0.41 -5.72 8.18
N GLN A 55 -0.02 -5.97 6.94
CA GLN A 55 0.54 -7.09 6.17
C GLN A 55 1.57 -6.56 5.17
N THR A 56 2.74 -6.22 5.72
CA THR A 56 3.86 -5.65 4.96
C THR A 56 5.14 -6.45 5.20
N LEU A 57 5.01 -7.75 5.50
CA LEU A 57 6.13 -8.48 6.07
C LEU A 57 7.26 -8.71 5.05
N ASN A 58 7.01 -8.45 3.77
CA ASN A 58 8.10 -8.55 2.81
C ASN A 58 9.10 -7.40 2.94
N ARG A 59 8.71 -6.30 3.58
CA ARG A 59 9.55 -5.10 3.68
C ARG A 59 10.23 -5.02 5.04
N TYR A 60 11.46 -4.53 5.06
CA TYR A 60 12.14 -4.30 6.32
C TYR A 60 11.31 -3.34 7.19
N PRO A 61 11.35 -3.52 8.50
CA PRO A 61 10.58 -2.66 9.38
C PRO A 61 11.26 -1.29 9.50
N GLU A 62 10.56 -0.37 10.16
CA GLU A 62 11.22 0.86 10.55
C GLU A 62 12.33 0.55 11.55
N PRO A 63 13.49 1.18 11.46
CA PRO A 63 14.54 0.94 12.47
C PRO A 63 14.08 1.30 13.87
N GLN A 64 13.32 2.37 14.01
CA GLN A 64 12.77 2.79 15.29
C GLN A 64 11.35 3.22 15.00
N PRO A 65 10.40 2.28 15.06
CA PRO A 65 9.03 2.57 14.62
CA PRO A 65 9.03 2.57 14.60
C PRO A 65 8.43 3.80 15.28
N LYS A 66 8.14 4.79 14.44
CA LYS A 66 7.66 6.09 14.90
C LYS A 66 6.41 5.98 15.79
N ALA A 67 5.41 5.20 15.37
CA ALA A 67 4.18 5.11 16.17
C ALA A 67 4.43 4.49 17.53
N VAL A 68 5.35 3.54 17.62
CA VAL A 68 5.68 2.94 18.91
C VAL A 68 6.42 3.96 19.78
N ILE A 69 7.45 4.59 19.22
CA ILE A 69 8.21 5.61 19.95
C ILE A 69 7.29 6.72 20.45
N GLU A 70 6.47 7.26 19.55
CA GLU A 70 5.66 8.43 19.95
C GLU A 70 4.56 8.04 20.93
N SER A 71 4.00 6.84 20.78
CA SER A 71 3.01 6.37 21.75
C SER A 71 3.64 6.16 23.12
N TYR A 72 4.81 5.51 23.17
CA TYR A 72 5.47 5.29 24.45
C TYR A 72 5.87 6.61 25.09
N ALA A 73 6.30 7.58 24.26
CA ALA A 73 6.70 8.86 24.82
C ALA A 73 5.50 9.59 25.44
N ARG A 74 4.33 9.53 24.78
CA ARG A 74 3.11 10.11 25.34
C ARG A 74 2.78 9.47 26.68
N TYR A 75 2.85 8.13 26.71
CA TYR A 75 2.54 7.38 27.93
C TYR A 75 3.49 7.75 29.05
N ALA A 76 4.80 7.79 28.76
CA ALA A 76 5.81 8.02 29.79
C ALA A 76 6.01 9.50 30.07
N GLU A 77 5.33 10.38 29.35
CA GLU A 77 5.41 11.83 29.55
C GLU A 77 6.84 12.33 29.34
N VAL A 78 7.49 11.81 28.31
CA VAL A 78 8.79 12.31 27.87
C VAL A 78 8.69 12.65 26.39
N LYS A 79 9.78 13.23 25.87
CA LYS A 79 9.83 13.65 24.47
C LYS A 79 10.21 12.45 23.59
N PRO A 80 9.74 12.41 22.34
CA PRO A 80 10.10 11.27 21.47
C PRO A 80 11.60 11.12 21.28
N GLU A 81 12.36 12.23 21.25
CA GLU A 81 13.81 12.14 21.10
C GLU A 81 14.49 11.57 22.34
N GLN A 82 13.73 11.35 23.42
CA GLN A 82 14.24 10.75 24.65
C GLN A 82 13.93 9.27 24.76
N VAL A 83 13.51 8.62 23.67
CA VAL A 83 13.03 7.25 23.73
C VAL A 83 13.75 6.43 22.66
N LEU A 84 14.18 5.24 23.04
CA LEU A 84 14.69 4.22 22.13
C LEU A 84 13.92 2.94 22.43
N VAL A 85 13.56 2.20 21.39
CA VAL A 85 12.89 0.92 21.57
C VAL A 85 13.84 -0.21 21.19
N SER A 86 13.82 -1.30 21.97
CA SER A 86 14.79 -2.38 21.84
C SER A 86 14.07 -3.71 22.07
N ARG A 87 14.82 -4.82 21.93
CA ARG A 87 14.28 -6.16 22.19
C ARG A 87 14.32 -6.38 23.70
N GLY A 88 13.31 -5.85 24.37
CA GLY A 88 13.23 -5.94 25.80
C GLY A 88 14.18 -4.97 26.49
N ALA A 89 13.92 -4.77 27.79
CA ALA A 89 14.90 -4.07 28.61
C ALA A 89 16.23 -4.81 28.63
N ASP A 90 16.21 -6.13 28.41
CA ASP A 90 17.44 -6.89 28.29
C ASP A 90 18.37 -6.28 27.25
N GLU A 91 17.84 -5.96 26.07
CA GLU A 91 18.68 -5.32 25.06
C GLU A 91 19.07 -3.91 25.47
N GLY A 92 18.19 -3.19 26.19
CA GLY A 92 18.61 -1.89 26.74
C GLY A 92 19.86 -2.01 27.59
N ILE A 93 19.90 -3.03 28.46
CA ILE A 93 21.10 -3.32 29.28
C ILE A 93 22.30 -3.53 28.37
N GLU A 94 22.14 -4.34 27.34
CA GLU A 94 23.25 -4.65 26.45
C GLU A 94 23.75 -3.39 25.74
N LEU A 95 22.83 -2.56 25.25
CA LEU A 95 23.26 -1.38 24.50
C LEU A 95 24.06 -0.43 25.38
N LEU A 96 23.63 -0.28 26.64
CA LEU A 96 24.31 0.64 27.55
C LEU A 96 25.73 0.17 27.80
N ILE A 97 25.92 -1.13 28.00
CA ILE A 97 27.28 -1.61 28.21
C ILE A 97 28.08 -1.52 26.92
N ARG A 98 27.42 -1.83 25.80
CA ARG A 98 28.09 -1.82 24.49
C ARG A 98 28.54 -0.41 24.12
N ALA A 99 27.79 0.60 24.51
CA ALA A 99 28.14 1.97 24.12
C ALA A 99 29.20 2.57 25.04
N PHE A 100 29.14 2.26 26.33
CA PHE A 100 29.89 3.05 27.30
C PHE A 100 31.01 2.32 28.02
N CYS A 101 31.10 0.99 27.93
CA CYS A 101 32.09 0.24 28.71
C CYS A 101 33.12 -0.38 27.78
N GLU A 102 34.33 0.13 27.83
CA GLU A 102 35.42 -0.45 27.03
C GLU A 102 35.84 -1.77 27.64
N PRO A 103 35.73 -2.90 26.92
CA PRO A 103 36.06 -4.21 27.52
C PRO A 103 37.50 -4.26 28.01
N GLY A 104 37.68 -4.78 29.22
CA GLY A 104 38.99 -4.87 29.83
C GLY A 104 39.47 -3.59 30.48
N GLU A 105 38.73 -2.49 30.35
CA GLU A 105 39.13 -1.21 30.92
C GLU A 105 38.10 -0.67 31.90
N ASP A 106 36.82 -0.72 31.53
CA ASP A 106 35.77 -0.09 32.30
C ASP A 106 34.97 -1.17 33.02
N ALA A 107 34.15 -0.73 33.97
CA ALA A 107 33.37 -1.66 34.80
C ALA A 107 31.90 -1.26 34.79
N VAL A 108 31.05 -2.24 35.13
CA VAL A 108 29.68 -1.95 35.50
C VAL A 108 29.58 -2.10 37.01
N LEU A 109 28.59 -1.46 37.61
CA LEU A 109 28.36 -1.64 39.04
C LEU A 109 26.90 -1.91 39.30
N TYR A 110 26.62 -2.85 40.21
CA TYR A 110 25.26 -3.14 40.65
C TYR A 110 25.35 -3.65 42.08
N CYS A 111 24.19 -3.80 42.72
CA CYS A 111 24.12 -3.93 44.18
C CYS A 111 23.31 -5.16 44.55
N PRO A 112 23.98 -6.30 44.79
CA PRO A 112 23.24 -7.53 45.10
C PRO A 112 22.50 -7.42 46.42
N PRO A 113 21.39 -8.19 46.59
CA PRO A 113 20.82 -9.14 45.64
C PRO A 113 19.95 -8.41 44.65
N THR A 114 20.16 -8.60 43.35
CA THR A 114 19.34 -7.91 42.38
C THR A 114 19.28 -8.73 41.12
N TYR A 115 18.79 -8.10 40.05
CA TYR A 115 18.57 -8.75 38.76
C TYR A 115 19.90 -9.22 38.18
N GLY A 116 19.90 -10.44 37.61
CA GLY A 116 21.16 -11.05 37.17
C GLY A 116 21.69 -10.60 35.83
N MET A 117 20.87 -9.98 34.97
CA MET A 117 21.32 -9.75 33.60
C MET A 117 22.36 -8.63 33.47
N TYR A 118 22.46 -7.71 34.44
CA TYR A 118 23.56 -6.75 34.38
C TYR A 118 24.89 -7.50 34.34
N SER A 119 25.06 -8.45 35.26
CA SER A 119 26.30 -9.22 35.33
CA SER A 119 26.32 -9.18 35.31
C SER A 119 26.49 -10.08 34.09
N VAL A 120 25.42 -10.75 33.64
CA VAL A 120 25.51 -11.65 32.49
C VAL A 120 25.97 -10.89 31.26
N SER A 121 25.34 -9.73 31.00
CA SER A 121 25.71 -8.95 29.84
C SER A 121 27.15 -8.45 29.95
N ALA A 122 27.53 -7.94 31.13
CA ALA A 122 28.92 -7.48 31.31
C ALA A 122 29.91 -8.62 31.12
N GLU A 123 29.65 -9.77 31.74
CA GLU A 123 30.60 -10.87 31.63
C GLU A 123 30.72 -11.36 30.20
N THR A 124 29.61 -11.35 29.46
CA THR A 124 29.63 -11.80 28.08
C THR A 124 30.41 -10.82 27.20
N ILE A 125 30.20 -9.52 27.40
CA ILE A 125 30.91 -8.54 26.60
C ILE A 125 32.39 -8.51 27.00
N GLY A 126 32.69 -8.78 28.27
CA GLY A 126 34.06 -8.74 28.76
C GLY A 126 34.34 -7.49 29.59
N VAL A 127 33.37 -7.09 30.40
CA VAL A 127 33.42 -5.86 31.21
C VAL A 127 33.40 -6.24 32.68
N GLU A 128 34.31 -5.67 33.47
CA GLU A 128 34.40 -6.00 34.90
C GLU A 128 33.07 -5.73 35.60
N CYS A 129 32.68 -6.64 36.50
CA CYS A 129 31.52 -6.44 37.38
C CYS A 129 32.00 -5.97 38.75
N ARG A 130 31.55 -4.79 39.15
CA ARG A 130 31.79 -4.27 40.49
CA ARG A 130 31.79 -4.27 40.50
C ARG A 130 30.49 -4.43 41.28
N THR A 131 30.55 -5.10 42.43
CA THR A 131 29.35 -5.32 43.22
C THR A 131 29.41 -4.52 44.50
N VAL A 132 28.27 -3.95 44.89
CA VAL A 132 28.20 -3.28 46.19
C VAL A 132 26.92 -3.78 46.84
N PRO A 133 26.99 -4.89 47.59
CA PRO A 133 25.77 -5.42 48.24
C PRO A 133 25.04 -4.32 49.01
N THR A 134 23.71 -4.34 48.92
CA THR A 134 22.90 -3.36 49.61
C THR A 134 22.92 -3.59 51.12
N LEU A 135 22.32 -2.65 51.84
CA LEU A 135 22.21 -2.72 53.28
C LEU A 135 21.17 -3.77 53.68
N ALA A 136 20.97 -3.93 54.99
CA ALA A 136 20.10 -5.00 55.48
C ALA A 136 18.67 -4.85 54.99
N ASP A 137 18.19 -3.62 54.83
CA ASP A 137 16.86 -3.36 54.27
C ASP A 137 16.89 -3.23 52.75
N TRP A 138 17.99 -3.62 52.11
CA TRP A 138 18.17 -3.63 50.66
C TRP A 138 18.20 -2.22 50.07
N GLN A 139 18.34 -1.18 50.89
CA GLN A 139 18.62 0.15 50.38
C GLN A 139 20.11 0.29 50.04
N LEU A 140 20.43 1.33 49.28
CA LEU A 140 21.79 1.47 48.76
C LEU A 140 22.80 1.76 49.85
N ASP A 141 23.99 1.17 49.72
CA ASP A 141 25.13 1.51 50.57
C ASP A 141 25.93 2.59 49.83
N LEU A 142 25.59 3.84 50.09
CA LEU A 142 26.21 4.89 49.29
C LEU A 142 27.71 4.99 49.58
N PRO A 143 28.16 4.90 50.84
CA PRO A 143 29.62 4.88 51.07
C PRO A 143 30.29 3.71 50.37
N GLY A 144 29.62 2.56 50.37
CA GLY A 144 30.17 1.40 49.67
C GLY A 144 30.30 1.60 48.18
N ILE A 145 29.32 2.29 47.59
CA ILE A 145 29.38 2.60 46.16
C ILE A 145 30.49 3.61 45.89
N GLU A 146 30.58 4.67 46.70
CA GLU A 146 31.60 5.68 46.47
CA GLU A 146 31.61 5.69 46.50
C GLU A 146 32.99 5.07 46.51
N ALA A 147 33.23 4.11 47.42
CA ALA A 147 34.52 3.46 47.52
C ALA A 147 34.84 2.59 46.30
N ARG A 148 33.84 2.26 45.49
CA ARG A 148 34.02 1.30 44.42
C ARG A 148 33.73 1.90 43.05
N LEU A 149 33.67 3.22 42.94
CA LEU A 149 33.26 3.82 41.67
C LEU A 149 34.40 4.01 40.65
N ASP A 150 35.66 3.81 41.04
CA ASP A 150 36.77 4.05 40.11
C ASP A 150 36.70 3.11 38.91
N GLY A 151 36.72 3.69 37.71
CA GLY A 151 36.64 2.90 36.49
C GLY A 151 35.24 2.45 36.09
N VAL A 152 34.23 2.73 36.90
CA VAL A 152 32.86 2.35 36.56
C VAL A 152 32.30 3.35 35.55
N LYS A 153 31.72 2.83 34.46
CA LYS A 153 31.05 3.66 33.48
C LYS A 153 29.53 3.56 33.53
N VAL A 154 28.98 2.46 34.04
CA VAL A 154 27.53 2.29 34.10
C VAL A 154 27.17 1.67 35.44
N VAL A 155 26.25 2.33 36.15
CA VAL A 155 25.66 1.85 37.41
C VAL A 155 24.23 1.46 37.11
N PHE A 156 23.86 0.23 37.48
CA PHE A 156 22.49 -0.24 37.37
C PHE A 156 21.88 -0.30 38.76
N VAL A 157 20.69 0.28 38.91
CA VAL A 157 19.90 0.16 40.15
C VAL A 157 18.48 -0.21 39.75
N CYS A 158 18.00 -1.33 40.29
CA CYS A 158 16.64 -1.79 40.02
C CYS A 158 15.72 -1.20 41.09
N SER A 159 14.75 -0.38 40.66
CA SER A 159 13.81 0.22 41.61
C SER A 159 12.44 0.32 40.97
N PRO A 160 11.44 -0.40 41.50
CA PRO A 160 11.55 -1.32 42.65
C PRO A 160 12.45 -2.51 42.34
N ASN A 161 13.08 -3.09 43.35
CA ASN A 161 14.09 -4.09 43.12
C ASN A 161 13.48 -5.48 42.89
N ASN A 162 14.12 -6.22 42.00
CA ASN A 162 13.89 -7.63 41.79
C ASN A 162 15.11 -8.35 42.36
N PRO A 163 14.97 -9.19 43.41
CA PRO A 163 13.75 -9.90 43.81
C PRO A 163 13.08 -9.41 45.08
N THR A 164 13.61 -8.39 45.74
CA THR A 164 13.19 -8.08 47.10
C THR A 164 11.90 -7.27 47.13
N GLY A 165 11.64 -6.48 46.08
CA GLY A 165 10.33 -5.89 45.85
C GLY A 165 10.17 -4.43 46.25
N GLN A 166 11.13 -3.85 46.94
CA GLN A 166 10.95 -2.50 47.51
C GLN A 166 11.51 -1.42 46.57
N ILE A 167 10.99 -0.20 46.76
CA ILE A 167 11.43 0.98 46.04
C ILE A 167 12.69 1.52 46.70
N ILE A 168 13.68 1.92 45.89
CA ILE A 168 14.90 2.52 46.41
C ILE A 168 14.60 3.97 46.79
N ASP A 169 15.05 4.37 47.98
CA ASP A 169 14.77 5.70 48.49
C ASP A 169 15.14 6.77 47.45
N PRO A 170 14.21 7.67 47.08
CA PRO A 170 14.53 8.68 46.05
C PRO A 170 15.67 9.60 46.43
N GLN A 171 15.78 10.02 47.69
CA GLN A 171 16.92 10.87 48.03
C GLN A 171 18.23 10.14 47.81
N SER A 172 18.25 8.82 48.06
CA SER A 172 19.48 8.07 47.83
C SER A 172 19.82 8.01 46.33
N MET A 173 18.80 8.03 45.46
CA MET A 173 19.08 8.08 44.03
C MET A 173 19.63 9.45 43.62
N ARG A 174 19.09 10.53 44.19
CA ARG A 174 19.69 11.85 43.92
C ARG A 174 21.13 11.88 44.39
N ASP A 175 21.40 11.30 45.57
CA ASP A 175 22.77 11.28 46.10
C ASP A 175 23.68 10.47 45.17
N LEU A 176 23.19 9.34 44.69
CA LEU A 176 23.94 8.51 43.75
C LEU A 176 24.19 9.26 42.44
N LEU A 177 23.19 9.99 41.97
CA LEU A 177 23.38 10.76 40.73
C LEU A 177 24.44 11.85 40.91
N GLU A 178 24.50 12.50 42.07
CA GLU A 178 25.54 13.49 42.25
C GLU A 178 26.90 12.84 42.34
N MET A 179 26.98 11.70 43.02
CA MET A 179 28.19 10.92 43.15
C MET A 179 28.79 10.53 41.80
N THR A 180 27.92 10.28 40.81
CA THR A 180 28.33 9.74 39.51
C THR A 180 28.40 10.79 38.41
N ARG A 181 27.96 12.01 38.68
CA ARG A 181 27.98 13.05 37.65
C ARG A 181 29.37 13.21 37.05
N GLY A 182 29.44 13.10 35.72
CA GLY A 182 30.67 13.25 34.98
C GLY A 182 31.51 12.00 34.94
N LYS A 183 31.07 10.93 35.60
CA LYS A 183 31.88 9.73 35.77
C LYS A 183 31.19 8.48 35.22
N ALA A 184 29.87 8.39 35.37
CA ALA A 184 29.19 7.16 34.97
C ALA A 184 27.75 7.51 34.57
N ILE A 185 27.14 6.59 33.85
CA ILE A 185 25.71 6.61 33.55
C ILE A 185 25.02 5.88 34.70
N VAL A 186 23.90 6.41 35.18
CA VAL A 186 23.08 5.73 36.18
C VAL A 186 21.80 5.26 35.50
N VAL A 187 21.55 3.95 35.58
CA VAL A 187 20.42 3.32 34.90
C VAL A 187 19.43 2.90 35.98
N ALA A 188 18.26 3.52 36.03
CA ALA A 188 17.17 3.04 36.88
C ALA A 188 16.37 2.00 36.10
N ASP A 189 16.44 0.75 36.54
CA ASP A 189 15.70 -0.32 35.88
C ASP A 189 14.28 -0.33 36.43
N GLU A 190 13.34 0.09 35.60
CA GLU A 190 11.96 0.31 36.01
C GLU A 190 11.04 -0.74 35.38
N ALA A 191 11.55 -1.98 35.28
CA ALA A 191 10.77 -3.07 34.70
C ALA A 191 9.43 -3.23 35.42
N TYR A 192 9.39 -2.91 36.72
CA TYR A 192 8.19 -3.11 37.52
C TYR A 192 7.52 -1.80 37.93
N ILE A 193 7.89 -0.68 37.29
CA ILE A 193 7.38 0.62 37.77
C ILE A 193 5.88 0.81 37.56
N GLU A 194 5.26 0.09 36.62
CA GLU A 194 3.80 0.20 36.46
C GLU A 194 3.02 -0.17 37.71
N PHE A 195 3.59 -1.00 38.60
CA PHE A 195 2.89 -1.35 39.84
C PHE A 195 3.01 -0.28 40.90
N CYS A 196 3.87 0.71 40.70
CA CYS A 196 4.01 1.81 41.64
C CYS A 196 4.38 3.04 40.82
N PRO A 197 3.51 3.50 39.93
CA PRO A 197 3.92 4.46 38.91
C PRO A 197 4.37 5.79 39.47
N GLN A 198 3.90 6.16 40.66
CA GLN A 198 4.33 7.42 41.28
C GLN A 198 5.81 7.43 41.63
N ALA A 199 6.46 6.26 41.64
CA ALA A 199 7.86 6.16 42.05
C ALA A 199 8.84 6.31 40.88
N THR A 200 8.35 6.56 39.66
CA THR A 200 9.26 6.60 38.51
C THR A 200 10.23 7.79 38.60
N LEU A 201 11.41 7.61 38.02
CA LEU A 201 12.39 8.69 37.93
C LEU A 201 12.45 9.30 36.53
N ALA A 202 11.50 8.94 35.66
CA ALA A 202 11.51 9.43 34.28
C ALA A 202 11.38 10.95 34.20
N GLY A 203 10.71 11.55 35.16
CA GLY A 203 10.59 13.01 35.21
C GLY A 203 11.85 13.74 35.63
N TRP A 204 12.91 13.02 36.00
CA TRP A 204 14.14 13.66 36.45
C TRP A 204 15.15 13.92 35.34
N LEU A 205 14.86 13.52 34.09
CA LEU A 205 15.85 13.66 33.03
C LEU A 205 16.41 15.08 32.94
N SER A 206 15.56 16.10 33.11
CA SER A 206 16.07 17.46 32.92
C SER A 206 17.08 17.88 33.98
N ASP A 207 17.17 17.15 35.10
CA ASP A 207 18.11 17.48 36.15
C ASP A 207 19.41 16.69 36.10
N TYR A 208 19.44 15.57 35.38
CA TYR A 208 20.60 14.67 35.39
C TYR A 208 20.90 14.23 33.97
N PRO A 209 21.92 14.82 33.33
CA PRO A 209 22.29 14.41 31.96
C PRO A 209 22.63 12.94 31.83
N HIS A 210 22.99 12.25 32.94
CA HIS A 210 23.49 10.88 32.90
C HIS A 210 22.49 9.87 33.45
N LEU A 211 21.26 10.28 33.69
CA LEU A 211 20.21 9.37 34.14
C LEU A 211 19.54 8.67 32.96
N VAL A 212 19.36 7.35 33.08
CA VAL A 212 18.71 6.53 32.07
C VAL A 212 17.69 5.66 32.78
N VAL A 213 16.53 5.43 32.15
CA VAL A 213 15.48 4.60 32.74
C VAL A 213 15.14 3.50 31.75
N LEU A 214 15.10 2.26 32.21
CA LEU A 214 14.68 1.12 31.39
C LEU A 214 13.23 0.77 31.69
N ARG A 215 12.45 0.56 30.63
CA ARG A 215 11.07 0.15 30.76
C ARG A 215 10.83 -1.08 29.91
N THR A 216 9.73 -1.78 30.18
CA THR A 216 9.45 -3.00 29.46
C THR A 216 7.94 -3.14 29.23
N LEU A 217 7.58 -3.86 28.18
CA LEU A 217 6.20 -4.28 28.05
C LEU A 217 5.98 -5.68 28.60
N SER A 218 6.98 -6.27 29.23
CA SER A 218 6.90 -7.69 29.56
C SER A 218 6.12 -8.00 30.82
N LYS A 219 5.81 -7.01 31.67
CA LYS A 219 5.30 -7.30 33.01
C LYS A 219 3.86 -6.82 33.10
N ALA A 220 3.59 -5.62 33.63
CA ALA A 220 2.21 -5.13 33.73
C ALA A 220 1.52 -5.10 32.36
N PHE A 221 2.28 -4.77 31.30
CA PHE A 221 1.67 -4.72 29.97
C PHE A 221 1.34 -6.10 29.41
N ALA A 222 1.79 -7.18 30.06
CA ALA A 222 1.36 -8.54 29.74
C ALA A 222 1.81 -8.97 28.34
N LEU A 223 3.00 -8.52 27.93
CA LEU A 223 3.48 -8.73 26.56
C LEU A 223 4.94 -9.20 26.56
N ALA A 224 5.29 -10.05 27.52
CA ALA A 224 6.62 -10.67 27.55
C ALA A 224 6.98 -11.32 26.21
N GLY A 225 5.99 -11.94 25.56
CA GLY A 225 6.23 -12.62 24.29
C GLY A 225 6.65 -11.69 23.16
N LEU A 226 6.38 -10.40 23.28
CA LEU A 226 6.76 -9.45 22.23
C LEU A 226 8.23 -9.11 22.24
N ARG A 227 8.91 -9.25 23.38
CA ARG A 227 10.31 -8.81 23.53
C ARG A 227 10.45 -7.36 23.12
N CYS A 228 9.71 -6.51 23.82
CA CYS A 228 9.68 -5.09 23.49
C CYS A 228 9.94 -4.29 24.75
N GLY A 229 11.02 -3.47 24.73
CA GLY A 229 11.36 -2.65 25.88
C GLY A 229 11.83 -1.29 25.40
N PHE A 230 12.06 -0.40 26.37
CA PHE A 230 12.34 0.99 26.07
C PHE A 230 13.46 1.52 26.96
N THR A 231 14.25 2.42 26.39
CA THR A 231 15.23 3.18 27.15
C THR A 231 14.83 4.65 27.08
N LEU A 232 14.68 5.28 28.23
CA LEU A 232 14.36 6.71 28.32
C LEU A 232 15.62 7.42 28.79
N ALA A 233 16.02 8.46 28.08
CA ALA A 233 17.23 9.19 28.48
C ALA A 233 17.23 10.53 27.79
N ASN A 234 18.10 11.42 28.25
CA ASN A 234 18.28 12.63 27.47
C ASN A 234 18.72 12.29 26.05
N ALA A 235 18.39 13.17 25.11
CA ALA A 235 18.62 12.88 23.70
C ALA A 235 20.09 12.60 23.41
N GLU A 236 21.00 13.28 24.11
CA GLU A 236 22.43 13.03 23.90
C GLU A 236 22.77 11.58 24.14
N VAL A 237 22.17 10.97 25.17
CA VAL A 237 22.43 9.58 25.51
C VAL A 237 21.77 8.66 24.50
N ILE A 238 20.51 8.94 24.16
CA ILE A 238 19.80 8.17 23.14
C ILE A 238 20.62 8.12 21.86
N ASN A 239 21.18 9.27 21.47
CA ASN A 239 21.88 9.34 20.20
C ASN A 239 23.15 8.50 20.22
N VAL A 240 23.83 8.39 21.36
CA VAL A 240 24.96 7.47 21.47
C VAL A 240 24.48 6.03 21.32
N LEU A 241 23.45 5.65 22.09
CA LEU A 241 22.92 4.30 22.00
C LEU A 241 22.48 3.95 20.57
N LEU A 242 21.91 4.91 19.84
CA LEU A 242 21.47 4.60 18.48
C LEU A 242 22.65 4.33 17.55
N LYS A 243 23.87 4.72 17.94
CA LYS A 243 25.03 4.37 17.13
C LYS A 243 25.41 2.89 17.25
N VAL A 244 24.97 2.22 18.31
CA VAL A 244 25.38 0.83 18.52
C VAL A 244 24.24 -0.16 18.36
N ILE A 245 22.99 0.29 18.24
CA ILE A 245 21.87 -0.63 18.08
C ILE A 245 21.89 -1.30 16.72
N ALA A 246 21.31 -2.50 16.63
CA ALA A 246 21.18 -3.15 15.35
C ALA A 246 20.36 -2.29 14.40
N PRO A 247 20.59 -2.40 13.09
CA PRO A 247 19.85 -1.54 12.15
C PRO A 247 18.34 -1.75 12.18
N TYR A 248 17.87 -2.98 12.42
CA TYR A 248 16.43 -3.28 12.46
C TYR A 248 16.13 -4.16 13.64
N PRO A 249 16.08 -3.59 14.86
CA PRO A 249 15.96 -4.40 16.06
C PRO A 249 14.55 -4.82 16.44
N LEU A 250 13.52 -4.23 15.83
CA LEU A 250 12.14 -4.55 16.17
C LEU A 250 11.43 -5.05 14.92
N SER A 251 10.85 -6.26 15.01
CA SER A 251 10.12 -6.81 13.88
C SER A 251 8.79 -6.06 13.67
N THR A 252 8.30 -6.11 12.45
CA THR A 252 7.02 -5.46 12.16
C THR A 252 5.86 -6.00 12.98
N PRO A 253 5.70 -7.31 13.19
CA PRO A 253 4.60 -7.77 14.06
C PRO A 253 4.70 -7.22 15.47
N VAL A 254 5.90 -7.09 16.02
CA VAL A 254 6.04 -6.55 17.36
C VAL A 254 5.68 -5.07 17.37
N ALA A 255 6.15 -4.32 16.36
CA ALA A 255 5.83 -2.89 16.29
C ALA A 255 4.32 -2.67 16.19
N ASP A 256 3.66 -3.48 15.37
CA ASP A 256 2.23 -3.43 15.17
C ASP A 256 1.49 -3.64 16.50
N ILE A 257 1.79 -4.74 17.18
CA ILE A 257 1.12 -5.02 18.45
C ILE A 257 1.49 -4.01 19.52
N ALA A 258 2.76 -3.62 19.61
CA ALA A 258 3.18 -2.63 20.60
C ALA A 258 2.38 -1.34 20.45
N ALA A 259 2.23 -0.85 19.22
CA ALA A 259 1.45 0.36 19.00
C ALA A 259 0.00 0.17 19.44
N GLN A 260 -0.56 -1.01 19.17
CA GLN A 260 -1.92 -1.29 19.65
C GLN A 260 -1.99 -1.24 21.17
N ALA A 261 -1.00 -1.82 21.84
CA ALA A 261 -1.01 -1.92 23.29
C ALA A 261 -0.78 -0.58 23.96
N LEU A 262 -0.15 0.36 23.26
CA LEU A 262 0.14 1.69 23.80
C LEU A 262 -0.88 2.74 23.38
N SER A 263 -1.97 2.35 22.74
CA SER A 263 -3.07 3.28 22.52
C SER A 263 -3.65 3.73 23.86
N PRO A 264 -4.40 4.83 23.90
CA PRO A 264 -5.02 5.24 25.17
C PRO A 264 -5.83 4.13 25.82
N GLU A 265 -6.64 3.41 25.02
CA GLU A 265 -7.38 2.25 25.51
C GLU A 265 -6.45 1.16 26.01
N GLY A 266 -5.32 0.95 25.32
CA GLY A 266 -4.35 -0.03 25.78
C GLY A 266 -3.72 0.36 27.11
N ILE A 267 -3.40 1.65 27.29
CA ILE A 267 -2.89 2.10 28.58
C ILE A 267 -3.91 1.87 29.68
N ALA A 268 -5.18 2.19 29.42
CA ALA A 268 -6.21 1.99 30.44
C ALA A 268 -6.35 0.52 30.80
N ALA A 269 -6.26 -0.37 29.81
CA ALA A 269 -6.33 -1.80 30.08
C ALA A 269 -5.15 -2.24 30.94
N MET A 270 -3.96 -1.70 30.66
CA MET A 270 -2.80 -2.01 31.48
C MET A 270 -3.01 -1.54 32.91
N ARG A 271 -3.57 -0.34 33.10
CA ARG A 271 -3.83 0.10 34.47
C ARG A 271 -4.75 -0.87 35.18
N GLN A 272 -5.75 -1.41 34.47
CA GLN A 272 -6.66 -2.38 35.09
C GLN A 272 -5.92 -3.66 35.46
N ARG A 273 -4.98 -4.09 34.62
CA ARG A 273 -4.16 -5.26 34.96
C ARG A 273 -3.37 -5.01 36.23
N VAL A 274 -2.81 -3.79 36.38
CA VAL A 274 -2.08 -3.48 37.60
C VAL A 274 -2.99 -3.56 38.82
N ALA A 275 -4.18 -2.96 38.72
CA ALA A 275 -5.11 -2.98 39.85
C ALA A 275 -5.48 -4.42 40.23
N GLN A 276 -5.64 -5.28 39.22
CA GLN A 276 -5.91 -6.69 39.49
C GLN A 276 -4.78 -7.32 40.28
N ILE A 277 -3.55 -7.04 39.88
CA ILE A 277 -2.40 -7.63 40.55
C ILE A 277 -2.27 -7.10 41.96
N LEU A 278 -2.50 -5.79 42.15
CA LEU A 278 -2.41 -5.25 43.49
C LEU A 278 -3.40 -5.93 44.43
N ASP A 279 -4.62 -6.18 43.97
CA ASP A 279 -5.62 -6.83 44.80
CA ASP A 279 -5.61 -6.83 44.82
C ASP A 279 -5.23 -8.27 45.11
N GLU A 280 -4.71 -8.97 44.11
CA GLU A 280 -4.30 -10.36 44.32
C GLU A 280 -3.10 -10.45 45.23
N ARG A 281 -2.15 -9.51 45.09
CA ARG A 281 -1.00 -9.49 45.99
C ARG A 281 -1.44 -9.35 47.45
N ARG A 282 -2.42 -8.49 47.72
CA ARG A 282 -2.88 -8.33 49.10
C ARG A 282 -3.44 -9.64 49.63
N TYR A 283 -4.20 -10.35 48.81
CA TYR A 283 -4.76 -11.63 49.23
C TYR A 283 -3.65 -12.65 49.49
N LEU A 284 -2.73 -12.80 48.55
CA LEU A 284 -1.67 -13.80 48.71
C LEU A 284 -0.81 -13.52 49.92
N VAL A 285 -0.43 -12.26 50.15
CA VAL A 285 0.44 -11.94 51.28
C VAL A 285 -0.26 -12.28 52.59
N GLU A 286 -1.53 -11.90 52.71
CA GLU A 286 -2.26 -12.16 53.94
C GLU A 286 -2.36 -13.66 54.18
N GLN A 287 -2.61 -14.44 53.13
CA GLN A 287 -2.72 -15.88 53.30
C GLN A 287 -1.37 -16.51 53.61
N LEU A 288 -0.32 -16.03 52.94
CA LEU A 288 1.02 -16.55 53.16
C LEU A 288 1.46 -16.36 54.60
N ARG A 289 1.18 -15.20 55.19
CA ARG A 289 1.62 -14.95 56.55
C ARG A 289 0.98 -15.88 57.56
N GLY A 290 -0.10 -16.57 57.20
CA GLY A 290 -0.77 -17.52 58.07
C GLY A 290 -0.33 -18.97 57.95
N ILE A 291 0.71 -19.25 57.16
CA ILE A 291 1.13 -20.61 56.83
C ILE A 291 2.36 -20.99 57.67
N ALA A 292 2.33 -22.18 58.25
CA ALA A 292 3.35 -22.59 59.21
C ALA A 292 4.76 -22.44 58.66
N CYS A 293 5.00 -22.87 57.42
CA CYS A 293 6.37 -22.87 56.91
C CYS A 293 6.83 -21.51 56.40
N VAL A 294 5.96 -20.52 56.34
CA VAL A 294 6.36 -19.18 55.89
C VAL A 294 6.86 -18.40 57.09
N GLU A 295 8.14 -18.02 57.05
CA GLU A 295 8.73 -17.30 58.18
C GLU A 295 8.47 -15.80 58.09
N GLN A 296 8.51 -15.27 56.87
CA GLN A 296 8.32 -13.84 56.65
C GLN A 296 7.98 -13.59 55.18
N VAL A 297 7.08 -12.63 54.94
CA VAL A 297 6.78 -12.15 53.61
C VAL A 297 7.17 -10.69 53.56
N PHE A 298 8.01 -10.33 52.60
CA PHE A 298 8.49 -8.97 52.52
C PHE A 298 7.54 -8.15 51.68
N ASP A 299 7.25 -6.93 52.15
CA ASP A 299 6.33 -6.07 51.44
C ASP A 299 6.89 -5.73 50.06
N SER A 300 6.02 -5.68 49.08
CA SER A 300 6.48 -5.44 47.72
C SER A 300 5.65 -4.35 47.03
N GLU A 301 6.29 -3.71 46.06
CA GLU A 301 5.62 -2.77 45.17
C GLU A 301 5.57 -3.29 43.73
N THR A 302 5.48 -4.61 43.56
CA THR A 302 5.63 -5.24 42.26
C THR A 302 4.58 -6.33 42.13
N ASN A 303 4.70 -7.12 41.05
CA ASN A 303 3.86 -8.30 40.87
C ASN A 303 4.53 -9.58 41.38
N TYR A 304 5.36 -9.48 42.42
CA TYR A 304 5.91 -10.67 43.07
C TYR A 304 6.16 -10.33 44.53
N VAL A 305 6.26 -11.37 45.36
CA VAL A 305 6.63 -11.19 46.76
C VAL A 305 7.73 -12.17 47.09
N LEU A 306 8.67 -11.73 47.91
CA LEU A 306 9.76 -12.55 48.39
C LEU A 306 9.37 -13.09 49.75
N ALA A 307 9.50 -14.41 49.93
CA ALA A 307 9.10 -15.02 51.18
C ALA A 307 10.23 -15.90 51.68
N ARG A 308 10.58 -15.74 52.95
CA ARG A 308 11.53 -16.64 53.59
C ARG A 308 10.75 -17.82 54.13
N ILE A 309 11.20 -19.04 53.78
CA ILE A 309 10.46 -20.26 54.07
C ILE A 309 11.38 -21.25 54.78
N THR A 310 10.85 -21.88 55.83
CA THR A 310 11.60 -22.90 56.56
C THR A 310 11.90 -24.08 55.65
N ALA A 311 13.15 -24.54 55.66
CA ALA A 311 13.62 -25.58 54.73
C ALA A 311 13.20 -25.27 53.31
N SER A 312 13.60 -24.08 52.84
CA SER A 312 13.08 -23.54 51.59
C SER A 312 13.45 -24.43 50.41
N SER A 313 14.64 -25.01 50.42
CA SER A 313 15.04 -25.86 49.30
C SER A 313 14.14 -27.09 49.19
N ALA A 314 13.83 -27.72 50.32
CA ALA A 314 12.93 -28.86 50.29
C ALA A 314 11.52 -28.46 49.88
N VAL A 315 11.07 -27.29 50.32
CA VAL A 315 9.74 -26.81 49.97
C VAL A 315 9.69 -26.46 48.49
N PHE A 316 10.72 -25.78 48.00
CA PHE A 316 10.82 -25.47 46.57
C PHE A 316 10.76 -26.74 45.72
N LYS A 317 11.56 -27.74 46.09
CA LYS A 317 11.54 -28.98 45.34
C LYS A 317 10.17 -29.65 45.42
N SER A 318 9.56 -29.67 46.60
CA SER A 318 8.24 -30.26 46.79
C SER A 318 7.21 -29.62 45.86
N LEU A 319 7.16 -28.29 45.82
CA LEU A 319 6.21 -27.61 44.96
C LEU A 319 6.56 -27.83 43.49
N TRP A 320 7.85 -27.81 43.17
CA TRP A 320 8.29 -28.04 41.79
C TRP A 320 7.84 -29.39 41.29
N ASP A 321 7.99 -30.43 42.13
CA ASP A 321 7.56 -31.76 41.75
C ASP A 321 6.04 -31.87 41.62
N GLN A 322 5.30 -30.99 42.29
CA GLN A 322 3.86 -30.88 42.12
C GLN A 322 3.48 -30.03 40.93
N GLY A 323 4.45 -29.51 40.18
CA GLY A 323 4.16 -28.66 39.05
C GLY A 323 3.86 -27.23 39.40
N ILE A 324 4.21 -26.77 40.60
CA ILE A 324 4.05 -25.38 40.99
C ILE A 324 5.45 -24.75 40.96
N ILE A 325 5.67 -23.81 40.04
CA ILE A 325 7.01 -23.37 39.70
C ILE A 325 7.25 -21.97 40.27
N LEU A 326 8.08 -21.88 41.31
CA LEU A 326 8.49 -20.62 41.91
C LEU A 326 9.90 -20.26 41.46
N ARG A 327 10.41 -19.13 41.93
CA ARG A 327 11.80 -18.76 41.65
C ARG A 327 12.62 -18.88 42.93
N ASP A 328 13.59 -19.79 42.92
CA ASP A 328 14.45 -19.96 44.09
C ASP A 328 15.47 -18.83 44.15
N GLN A 329 15.61 -18.21 45.33
CA GLN A 329 16.59 -17.16 45.53
C GLN A 329 17.54 -17.47 46.68
N ASN A 330 17.57 -18.72 47.15
CA ASN A 330 18.34 -19.11 48.33
C ASN A 330 19.84 -18.81 48.20
N LYS A 331 20.38 -18.77 46.97
CA LYS A 331 21.80 -18.53 46.79
C LYS A 331 22.15 -17.05 46.61
N GLN A 332 21.15 -16.18 46.58
CA GLN A 332 21.40 -14.76 46.47
C GLN A 332 21.94 -14.21 47.79
N PRO A 333 22.85 -13.24 47.76
CA PRO A 333 23.36 -12.63 48.98
C PRO A 333 22.23 -12.09 49.85
N SER A 334 22.23 -12.50 51.12
CA SER A 334 21.28 -12.13 52.16
C SER A 334 19.93 -12.86 52.04
N LEU A 335 19.68 -13.64 50.99
CA LEU A 335 18.36 -14.19 50.73
C LEU A 335 18.26 -15.68 51.00
N SER A 336 19.13 -16.23 51.85
CA SER A 336 18.97 -17.63 52.18
C SER A 336 17.58 -17.88 52.75
N GLY A 337 16.98 -19.00 52.34
CA GLY A 337 15.62 -19.34 52.74
C GLY A 337 14.51 -18.71 51.90
N CYS A 338 14.84 -17.86 50.94
CA CYS A 338 13.83 -17.04 50.25
C CYS A 338 13.46 -17.61 48.90
N LEU A 339 12.15 -17.67 48.64
CA LEU A 339 11.58 -17.94 47.33
C LEU A 339 10.83 -16.71 46.84
N ARG A 340 10.93 -16.42 45.55
CA ARG A 340 10.21 -15.30 44.96
C ARG A 340 8.97 -15.86 44.26
N ILE A 341 7.81 -15.32 44.61
CA ILE A 341 6.54 -15.87 44.17
C ILE A 341 5.83 -14.82 43.33
N THR A 342 5.65 -15.11 42.05
CA THR A 342 4.94 -14.17 41.20
C THR A 342 3.46 -14.16 41.56
N ILE A 343 2.83 -13.00 41.42
CA ILE A 343 1.37 -12.89 41.62
C ILE A 343 0.67 -13.34 40.35
N GLY A 344 -0.09 -14.43 40.46
CA GLY A 344 -0.82 -14.95 39.32
C GLY A 344 -2.32 -14.73 39.46
N THR A 345 -3.13 -15.64 38.91
CA THR A 345 -4.56 -15.57 39.15
C THR A 345 -4.90 -16.04 40.57
N ARG A 346 -6.15 -15.83 40.97
CA ARG A 346 -6.57 -16.27 42.29
C ARG A 346 -6.41 -17.78 42.44
N ALA A 347 -6.78 -18.54 41.42
CA ALA A 347 -6.68 -20.00 41.49
C ALA A 347 -5.23 -20.45 41.58
N GLU A 348 -4.31 -19.70 40.97
CA GLU A 348 -2.88 -19.99 41.10
C GLU A 348 -2.37 -19.63 42.49
N SER A 349 -2.76 -18.46 43.02
CA SER A 349 -2.43 -18.17 44.41
C SER A 349 -2.91 -19.28 45.32
N GLN A 350 -4.11 -19.79 45.06
CA GLN A 350 -4.68 -20.80 45.96
C GLN A 350 -3.92 -22.11 45.83
N ARG A 351 -3.46 -22.46 44.63
CA ARG A 351 -2.58 -23.61 44.49
C ARG A 351 -1.34 -23.46 45.37
N VAL A 352 -0.71 -22.28 45.36
CA VAL A 352 0.47 -22.05 46.18
C VAL A 352 0.13 -22.14 47.65
N ILE A 353 -0.90 -21.40 48.09
CA ILE A 353 -1.34 -21.45 49.48
C ILE A 353 -1.58 -22.90 49.91
N ASP A 354 -2.33 -23.64 49.11
CA ASP A 354 -2.71 -24.99 49.51
C ASP A 354 -1.48 -25.89 49.63
N ALA A 355 -0.57 -25.78 48.68
CA ALA A 355 0.62 -26.63 48.70
C ALA A 355 1.52 -26.26 49.88
N LEU A 356 1.71 -24.97 50.14
CA LEU A 356 2.55 -24.58 51.27
C LEU A 356 1.93 -25.03 52.58
N THR A 357 0.61 -24.96 52.70
CA THR A 357 -0.06 -25.41 53.91
C THR A 357 0.14 -26.90 54.13
N ALA A 358 0.20 -27.68 53.04
CA ALA A 358 0.35 -29.13 53.13
C ALA A 358 1.78 -29.55 53.47
N GLU A 359 2.74 -28.64 53.44
CA GLU A 359 4.09 -28.98 53.90
C GLU A 359 4.14 -29.24 55.40
N ASN A 360 3.04 -29.08 56.11
CA ASN A 360 2.97 -29.28 57.57
C ASN A 360 3.63 -30.57 58.08
N HIS B 6 39.46 11.74 40.03
CA HIS B 6 39.50 11.64 38.58
C HIS B 6 38.69 12.76 37.94
N HIS B 7 38.97 13.08 36.68
CA HIS B 7 38.32 14.20 36.02
C HIS B 7 37.06 13.74 35.28
N HIS B 8 36.06 14.61 35.26
CA HIS B 8 34.77 14.33 34.66
C HIS B 8 34.84 14.40 33.13
N MET B 9 33.90 13.71 32.50
CA MET B 9 33.76 13.72 31.05
C MET B 9 32.29 13.90 30.66
N SER B 10 32.08 14.48 29.49
CA SER B 10 30.75 14.61 28.93
C SER B 10 30.22 13.24 28.55
N ILE B 11 28.90 13.17 28.29
CA ILE B 11 28.29 11.94 27.81
C ILE B 11 29.04 11.41 26.60
N GLU B 12 29.33 12.29 25.64
CA GLU B 12 29.95 11.82 24.41
C GLU B 12 31.38 11.31 24.65
N ASP B 13 32.08 11.89 25.62
CA ASP B 13 33.40 11.40 25.96
C ASP B 13 33.38 10.18 26.89
N LEU B 14 32.27 9.93 27.58
CA LEU B 14 32.15 8.68 28.31
C LEU B 14 31.95 7.50 27.38
N ALA B 15 31.43 7.73 26.18
CA ALA B 15 31.26 6.65 25.23
C ALA B 15 32.63 6.08 24.84
N ARG B 16 32.64 4.79 24.47
CA ARG B 16 33.87 4.18 24.00
C ARG B 16 34.42 4.94 22.82
N ALA B 17 35.76 4.94 22.68
CA ALA B 17 36.38 5.66 21.58
C ALA B 17 35.87 5.17 20.22
N ASN B 18 35.72 3.84 20.05
CA ASN B 18 35.29 3.34 18.73
C ASN B 18 33.86 3.77 18.43
N VAL B 19 33.05 3.86 19.48
CA VAL B 19 31.65 4.25 19.33
C VAL B 19 31.53 5.70 18.92
N ARG B 20 32.34 6.55 19.54
CA ARG B 20 32.37 7.95 19.16
C ARG B 20 32.73 8.11 17.68
N ALA B 21 33.67 7.28 17.20
CA ALA B 21 34.22 7.46 15.87
C ALA B 21 33.37 6.82 14.79
N LEU B 22 32.59 5.80 15.10
CA LEU B 22 32.02 5.02 14.01
C LEU B 22 30.92 5.81 13.29
N THR B 23 30.67 5.41 12.04
CA THR B 23 29.49 5.82 11.30
C THR B 23 28.54 4.64 11.23
N PRO B 24 27.33 4.74 11.80
CA PRO B 24 26.42 3.59 11.78
C PRO B 24 25.76 3.45 10.41
N TYR B 25 25.31 2.22 10.13
CA TYR B 25 24.53 2.00 8.92
C TYR B 25 23.30 2.91 8.91
N GLN B 26 23.02 3.49 7.74
CA GLN B 26 21.86 4.33 7.55
C GLN B 26 21.09 3.84 6.32
N SER B 27 19.78 4.10 6.32
CA SER B 27 18.91 3.62 5.25
C SER B 27 18.81 4.65 4.11
N LYS B 34 11.92 8.59 -0.96
CA LYS B 34 10.50 8.81 -1.21
C LYS B 34 10.12 8.46 -2.65
N GLY B 35 9.28 7.45 -2.82
CA GLY B 35 8.79 7.12 -4.14
C GLY B 35 7.81 5.98 -4.08
N ASP B 36 7.61 5.32 -5.22
CA ASP B 36 6.67 4.23 -5.30
C ASP B 36 7.25 2.94 -5.86
N VAL B 37 8.49 2.91 -6.36
CA VAL B 37 9.13 1.69 -6.83
C VAL B 37 10.40 1.48 -6.00
N TRP B 38 10.37 0.51 -5.09
CA TRP B 38 11.49 0.26 -4.17
C TRP B 38 12.22 -1.00 -4.61
N LEU B 39 13.42 -0.82 -5.16
CA LEU B 39 14.23 -1.91 -5.69
C LEU B 39 15.64 -1.76 -5.15
N ASN B 40 15.73 -1.43 -3.86
CA ASN B 40 16.97 -1.00 -3.23
C ASN B 40 17.43 -1.89 -2.09
N ALA B 41 16.62 -2.85 -1.65
CA ALA B 41 16.96 -3.61 -0.45
C ALA B 41 16.84 -5.11 -0.63
N ASN B 42 16.66 -5.59 -1.86
CA ASN B 42 16.59 -7.02 -2.15
C ASN B 42 15.43 -7.69 -1.43
N GLU B 43 14.36 -6.94 -1.22
CA GLU B 43 13.14 -7.50 -0.65
C GLU B 43 12.33 -8.17 -1.75
N PHE B 44 11.67 -9.27 -1.40
CA PHE B 44 10.67 -9.80 -2.31
C PHE B 44 9.59 -8.74 -2.55
N PRO B 45 9.09 -8.58 -3.77
CA PRO B 45 8.32 -7.37 -4.11
C PRO B 45 6.88 -7.32 -3.58
N THR B 46 6.30 -8.42 -3.12
CA THR B 46 4.90 -8.37 -2.71
CA THR B 46 4.89 -8.43 -2.73
C THR B 46 4.73 -9.09 -1.38
N ALA B 47 3.77 -8.61 -0.59
CA ALA B 47 3.54 -9.17 0.72
C ALA B 47 2.87 -10.54 0.64
N VAL B 48 3.29 -11.43 1.52
CA VAL B 48 2.66 -12.71 1.77
C VAL B 48 2.06 -12.61 3.16
N ALA B 49 0.74 -12.71 3.25
CA ALA B 49 0.05 -12.42 4.51
C ALA B 49 0.14 -13.61 5.46
N PHE B 50 0.30 -13.30 6.76
CA PHE B 50 0.26 -14.31 7.81
C PHE B 50 -0.49 -13.75 8.99
N GLN B 51 -1.27 -14.61 9.66
CA GLN B 51 -1.94 -14.22 10.89
C GLN B 51 -1.32 -14.95 12.08
N LEU B 52 -1.39 -14.34 13.25
CA LEU B 52 -0.91 -15.03 14.44
C LEU B 52 -1.82 -16.20 14.75
N THR B 53 -1.23 -17.30 15.22
CA THR B 53 -2.00 -18.48 15.64
C THR B 53 -1.78 -18.85 17.11
N GLU B 54 -0.97 -18.09 17.84
CA GLU B 54 -0.61 -18.39 19.22
C GLU B 54 -0.85 -17.16 20.08
N GLN B 55 -1.89 -17.17 20.90
CA GLN B 55 -2.18 -16.04 21.78
C GLN B 55 -1.62 -16.33 23.17
N THR B 56 -0.30 -16.26 23.25
CA THR B 56 0.41 -16.57 24.49
C THR B 56 1.32 -15.41 24.88
N LEU B 57 0.96 -14.17 24.49
CA LEU B 57 1.97 -13.11 24.52
C LEU B 57 2.30 -12.66 25.92
N ASN B 58 1.56 -13.09 26.93
CA ASN B 58 1.95 -12.76 28.29
C ASN B 58 3.14 -13.56 28.76
N ARG B 59 3.47 -14.65 28.07
CA ARG B 59 4.56 -15.55 28.46
C ARG B 59 5.80 -15.29 27.62
N TYR B 60 6.95 -15.44 28.24
CA TYR B 60 8.19 -15.39 27.49
C TYR B 60 8.18 -16.47 26.42
N PRO B 61 8.78 -16.21 25.27
CA PRO B 61 8.91 -17.25 24.24
C PRO B 61 9.91 -18.31 24.67
N GLU B 62 9.99 -19.40 23.88
CA GLU B 62 11.12 -20.30 24.06
C GLU B 62 12.41 -19.57 23.67
N PRO B 63 13.51 -19.81 24.40
CA PRO B 63 14.80 -19.20 23.98
C PRO B 63 15.20 -19.55 22.56
N GLN B 64 14.97 -20.80 22.15
CA GLN B 64 15.25 -21.23 20.78
C GLN B 64 14.05 -22.08 20.36
N PRO B 65 13.02 -21.45 19.78
CA PRO B 65 11.72 -22.14 19.56
C PRO B 65 11.89 -23.42 18.78
N LYS B 66 11.47 -24.52 19.41
CA LYS B 66 11.73 -25.85 18.88
C LYS B 66 11.09 -26.06 17.50
N ALA B 67 9.83 -25.64 17.33
CA ALA B 67 9.19 -25.87 16.03
C ALA B 67 9.88 -25.09 14.91
N VAL B 68 10.43 -23.91 15.22
CA VAL B 68 11.15 -23.14 14.22
C VAL B 68 12.46 -23.82 13.89
N ILE B 69 13.22 -24.20 14.91
CA ILE B 69 14.50 -24.88 14.73
C ILE B 69 14.32 -26.17 13.96
N GLU B 70 13.34 -26.98 14.38
CA GLU B 70 13.18 -28.30 13.76
C GLU B 70 12.69 -28.17 12.32
N SER B 71 11.80 -27.22 12.04
CA SER B 71 11.33 -27.03 10.68
CA SER B 71 11.34 -27.05 10.67
C SER B 71 12.44 -26.48 9.78
N TYR B 72 13.24 -25.54 10.30
CA TYR B 72 14.35 -25.06 9.47
C TYR B 72 15.36 -26.17 9.21
N ALA B 73 15.65 -26.98 10.24
CA ALA B 73 16.59 -28.08 10.07
C ALA B 73 16.10 -29.07 9.02
N ARG B 74 14.80 -29.40 9.04
CA ARG B 74 14.25 -30.25 7.99
C ARG B 74 14.40 -29.60 6.62
N TYR B 75 14.11 -28.31 6.52
CA TYR B 75 14.21 -27.62 5.23
C TYR B 75 15.64 -27.65 4.69
N ALA B 76 16.61 -27.34 5.56
CA ALA B 76 18.01 -27.24 5.17
C ALA B 76 18.69 -28.59 5.14
N GLU B 77 17.99 -29.63 5.59
CA GLU B 77 18.52 -30.99 5.65
C GLU B 77 19.76 -31.10 6.53
N VAL B 78 19.72 -30.43 7.69
CA VAL B 78 20.76 -30.54 8.71
C VAL B 78 20.09 -31.03 9.99
N LYS B 79 20.92 -31.33 11.00
CA LYS B 79 20.37 -31.77 12.28
C LYS B 79 19.91 -30.57 13.09
N PRO B 80 18.86 -30.72 13.90
CA PRO B 80 18.41 -29.60 14.74
C PRO B 80 19.50 -29.03 15.62
N GLU B 81 20.45 -29.86 16.08
CA GLU B 81 21.50 -29.34 16.95
C GLU B 81 22.54 -28.55 16.19
N GLN B 82 22.42 -28.50 14.85
CA GLN B 82 23.27 -27.67 14.01
C GLN B 82 22.63 -26.34 13.62
N VAL B 83 21.53 -25.96 14.27
CA VAL B 83 20.75 -24.78 13.91
C VAL B 83 20.58 -23.90 15.12
N LEU B 84 20.84 -22.59 14.95
CA LEU B 84 20.49 -21.52 15.87
C LEU B 84 19.58 -20.54 15.12
N VAL B 85 18.61 -19.95 15.82
CA VAL B 85 17.76 -18.93 15.23
C VAL B 85 18.04 -17.59 15.93
N SER B 86 18.05 -16.52 15.13
CA SER B 86 18.43 -15.20 15.64
C SER B 86 17.59 -14.15 14.93
N ARG B 87 17.82 -12.89 15.32
CA ARG B 87 17.17 -11.72 14.73
C ARG B 87 17.89 -11.39 13.43
N GLY B 88 17.53 -12.16 12.40
CA GLY B 88 18.10 -12.00 11.08
C GLY B 88 19.50 -12.57 11.00
N ALA B 89 19.99 -12.75 9.77
CA ALA B 89 21.40 -13.06 9.65
C ALA B 89 22.26 -11.95 10.24
N ASP B 90 21.75 -10.72 10.32
CA ASP B 90 22.52 -9.65 10.96
C ASP B 90 22.96 -10.04 12.36
N GLU B 91 22.04 -10.57 13.17
CA GLU B 91 22.44 -10.98 14.51
C GLU B 91 23.43 -12.16 14.45
N GLY B 92 23.27 -13.08 13.49
CA GLY B 92 24.26 -14.14 13.34
C GLY B 92 25.67 -13.59 13.19
N ILE B 93 25.84 -12.56 12.35
CA ILE B 93 27.14 -11.90 12.22
C ILE B 93 27.64 -11.43 13.58
N GLU B 94 26.78 -10.70 14.31
CA GLU B 94 27.16 -10.20 15.63
C GLU B 94 27.58 -11.33 16.56
N LEU B 95 26.81 -12.41 16.60
CA LEU B 95 27.11 -13.49 17.54
C LEU B 95 28.48 -14.11 17.26
N LEU B 96 28.81 -14.25 15.97
CA LEU B 96 30.09 -14.85 15.64
C LEU B 96 31.25 -13.97 16.07
N ILE B 97 31.14 -12.66 15.86
CA ILE B 97 32.24 -11.80 16.29
C ILE B 97 32.29 -11.75 17.82
N ARG B 98 31.12 -11.71 18.46
CA ARG B 98 31.03 -11.64 19.92
C ARG B 98 31.66 -12.86 20.57
N ALA B 99 31.48 -14.03 19.94
CA ALA B 99 31.96 -15.26 20.58
C ALA B 99 33.45 -15.48 20.34
N PHE B 100 33.95 -15.12 19.15
CA PHE B 100 35.27 -15.57 18.72
C PHE B 100 36.35 -14.50 18.64
N CYS B 101 35.99 -13.20 18.69
CA CYS B 101 36.98 -12.14 18.46
C CYS B 101 37.21 -11.33 19.73
N GLU B 102 38.42 -11.41 20.26
CA GLU B 102 38.77 -10.61 21.42
C GLU B 102 38.99 -9.16 20.97
N PRO B 103 38.21 -8.21 21.46
CA PRO B 103 38.35 -6.82 20.98
C PRO B 103 39.74 -6.29 21.23
N GLY B 104 40.32 -5.67 20.19
CA GLY B 104 41.65 -5.12 20.28
C GLY B 104 42.76 -6.12 20.07
N GLU B 105 42.44 -7.40 19.95
CA GLU B 105 43.45 -8.43 19.79
C GLU B 105 43.24 -9.26 18.53
N ASP B 106 41.99 -9.55 18.18
CA ASP B 106 41.67 -10.42 17.06
C ASP B 106 41.08 -9.58 15.93
N ALA B 107 41.03 -10.15 14.71
CA ALA B 107 40.47 -9.44 13.56
C ALA B 107 39.37 -10.25 12.89
N VAL B 108 38.51 -9.56 12.14
CA VAL B 108 37.66 -10.23 11.16
C VAL B 108 38.25 -9.94 9.79
N LEU B 109 37.92 -10.78 8.81
CA LEU B 109 38.39 -10.57 7.45
C LEU B 109 37.23 -10.75 6.49
N TYR B 110 37.11 -9.82 5.52
CA TYR B 110 36.15 -9.95 4.43
C TYR B 110 36.75 -9.32 3.18
N CYS B 111 36.05 -9.47 2.07
CA CYS B 111 36.64 -9.24 0.74
C CYS B 111 35.79 -8.30 -0.09
N PRO B 112 36.11 -7.00 -0.08
CA PRO B 112 35.29 -6.03 -0.79
C PRO B 112 35.38 -6.23 -2.30
N PRO B 113 34.33 -5.85 -3.05
CA PRO B 113 33.08 -5.24 -2.59
C PRO B 113 32.11 -6.29 -2.09
N THR B 114 31.60 -6.12 -0.87
CA THR B 114 30.65 -7.10 -0.36
C THR B 114 29.71 -6.41 0.64
N TYR B 115 28.97 -7.24 1.39
CA TYR B 115 27.99 -6.77 2.35
C TYR B 115 28.66 -5.97 3.46
N GLY B 116 28.04 -4.85 3.82
CA GLY B 116 28.66 -3.92 4.73
C GLY B 116 28.55 -4.24 6.21
N MET B 117 27.69 -5.17 6.63
CA MET B 117 27.51 -5.34 8.07
C MET B 117 28.64 -6.13 8.74
N TYR B 118 29.44 -6.94 8.02
CA TYR B 118 30.62 -7.51 8.68
C TYR B 118 31.48 -6.42 9.29
N SER B 119 31.72 -5.37 8.49
CA SER B 119 32.54 -4.25 8.94
CA SER B 119 32.55 -4.27 8.97
C SER B 119 31.86 -3.47 10.07
N VAL B 120 30.56 -3.19 9.90
CA VAL B 120 29.83 -2.41 10.89
C VAL B 120 29.83 -3.13 12.23
N SER B 121 29.51 -4.43 12.22
CA SER B 121 29.46 -5.15 13.50
C SER B 121 30.85 -5.20 14.14
N ALA B 122 31.87 -5.48 13.34
CA ALA B 122 33.22 -5.54 13.88
C ALA B 122 33.63 -4.20 14.48
N GLU B 123 33.41 -3.11 13.74
CA GLU B 123 33.83 -1.79 14.23
C GLU B 123 33.07 -1.42 15.50
N THR B 124 31.78 -1.77 15.56
CA THR B 124 30.98 -1.44 16.73
C THR B 124 31.42 -2.26 17.94
N ILE B 125 31.79 -3.52 17.73
CA ILE B 125 32.22 -4.37 18.84
C ILE B 125 33.63 -3.98 19.29
N GLY B 126 34.43 -3.41 18.38
CA GLY B 126 35.80 -3.08 18.68
C GLY B 126 36.83 -4.04 18.12
N VAL B 127 36.55 -4.66 16.97
CA VAL B 127 37.40 -5.70 16.39
C VAL B 127 37.95 -5.19 15.07
N GLU B 128 39.27 -5.33 14.88
CA GLU B 128 39.93 -4.89 13.65
C GLU B 128 39.33 -5.57 12.43
N CYS B 129 39.24 -4.84 11.32
CA CYS B 129 38.84 -5.42 10.04
C CYS B 129 40.06 -5.60 9.14
N ARG B 130 40.25 -6.81 8.63
CA ARG B 130 41.19 -7.08 7.56
C ARG B 130 40.39 -7.14 6.27
N THR B 131 40.85 -6.44 5.24
CA THR B 131 40.14 -6.46 3.97
C THR B 131 41.06 -7.02 2.90
N VAL B 132 40.50 -7.90 2.07
CA VAL B 132 41.23 -8.46 0.93
C VAL B 132 40.31 -8.37 -0.28
N PRO B 133 40.49 -7.35 -1.11
CA PRO B 133 39.64 -7.22 -2.31
C PRO B 133 39.59 -8.49 -3.13
N THR B 134 38.42 -8.80 -3.65
CA THR B 134 38.34 -9.90 -4.58
C THR B 134 38.97 -9.50 -5.91
N LEU B 135 39.18 -10.50 -6.74
CA LEU B 135 39.80 -10.34 -8.04
C LEU B 135 38.81 -9.68 -9.00
N ALA B 136 39.24 -9.53 -10.26
CA ALA B 136 38.47 -8.73 -11.19
C ALA B 136 37.10 -9.35 -11.46
N ASP B 137 37.00 -10.67 -11.38
CA ASP B 137 35.72 -11.36 -11.53
C ASP B 137 35.03 -11.59 -10.18
N TRP B 138 35.55 -10.95 -9.14
CA TRP B 138 35.01 -10.99 -7.78
C TRP B 138 35.19 -12.35 -7.12
N GLN B 139 36.07 -13.18 -7.66
CA GLN B 139 36.46 -14.41 -6.98
C GLN B 139 37.54 -14.10 -5.93
N LEU B 140 37.77 -15.06 -5.05
CA LEU B 140 38.64 -14.79 -3.90
C LEU B 140 40.09 -14.67 -4.31
N ASP B 141 40.81 -13.77 -3.67
CA ASP B 141 42.27 -13.66 -3.78
C ASP B 141 42.88 -14.52 -2.67
N LEU B 142 43.04 -15.82 -2.93
CA LEU B 142 43.51 -16.69 -1.86
C LEU B 142 44.91 -16.34 -1.38
N PRO B 143 45.88 -16.03 -2.24
CA PRO B 143 47.19 -15.59 -1.72
C PRO B 143 47.07 -14.33 -0.89
N GLY B 144 46.24 -13.38 -1.31
CA GLY B 144 46.06 -12.16 -0.54
C GLY B 144 45.49 -12.42 0.83
N ILE B 145 44.57 -13.40 0.94
CA ILE B 145 44.01 -13.75 2.23
C ILE B 145 45.07 -14.40 3.12
N GLU B 146 45.83 -15.35 2.55
CA GLU B 146 46.88 -16.01 3.31
C GLU B 146 47.81 -15.00 3.96
N ALA B 147 48.23 -13.99 3.18
CA ALA B 147 49.15 -12.98 3.67
C ALA B 147 48.57 -12.17 4.81
N ARG B 148 47.25 -12.13 4.92
CA ARG B 148 46.60 -11.20 5.85
C ARG B 148 45.84 -11.92 6.96
N LEU B 149 46.10 -13.21 7.16
CA LEU B 149 45.33 -13.98 8.13
C LEU B 149 45.84 -13.92 9.55
N ASP B 150 47.02 -13.36 9.80
CA ASP B 150 47.58 -13.40 11.15
C ASP B 150 46.68 -12.63 12.11
N GLY B 151 46.26 -13.27 13.19
CA GLY B 151 45.34 -12.66 14.14
C GLY B 151 43.87 -12.66 13.75
N VAL B 152 43.53 -13.23 12.59
CA VAL B 152 42.12 -13.31 12.18
C VAL B 152 41.46 -14.49 12.86
N LYS B 153 40.25 -14.25 13.39
CA LYS B 153 39.46 -15.30 14.00
C LYS B 153 38.20 -15.63 13.22
N VAL B 154 37.69 -14.73 12.41
CA VAL B 154 36.45 -14.95 11.66
C VAL B 154 36.64 -14.38 10.28
N VAL B 155 36.40 -15.21 9.27
CA VAL B 155 36.39 -14.81 7.87
C VAL B 155 34.96 -14.87 7.37
N PHE B 156 34.47 -13.79 6.79
CA PHE B 156 33.14 -13.76 6.17
C PHE B 156 33.29 -13.78 4.66
N VAL B 157 32.58 -14.70 3.99
CA VAL B 157 32.48 -14.76 2.53
C VAL B 157 31.01 -14.85 2.13
N CYS B 158 30.51 -13.87 1.37
CA CYS B 158 29.14 -13.88 0.88
C CYS B 158 29.08 -14.63 -0.46
N SER B 159 28.33 -15.74 -0.50
CA SER B 159 28.22 -16.50 -1.75
C SER B 159 26.81 -17.06 -1.86
N PRO B 160 26.03 -16.63 -2.85
CA PRO B 160 26.35 -15.62 -3.88
C PRO B 160 26.60 -14.25 -3.26
N ASN B 161 27.48 -13.47 -3.88
CA ASN B 161 27.90 -12.20 -3.31
C ASN B 161 26.89 -11.10 -3.52
N ASN B 162 26.71 -10.30 -2.48
CA ASN B 162 26.03 -9.02 -2.53
C ASN B 162 27.11 -7.94 -2.50
N PRO B 163 27.25 -7.09 -3.53
CA PRO B 163 26.26 -6.75 -4.55
C PRO B 163 26.51 -7.30 -5.94
N THR B 164 27.52 -8.13 -6.16
CA THR B 164 27.93 -8.47 -7.52
C THR B 164 27.18 -9.66 -8.11
N GLY B 165 26.60 -10.54 -7.28
CA GLY B 165 25.63 -11.52 -7.77
C GLY B 165 26.14 -12.92 -8.03
N GLN B 166 27.46 -13.14 -8.07
CA GLN B 166 27.98 -14.43 -8.53
C GLN B 166 28.26 -15.37 -7.36
N ILE B 167 28.28 -16.67 -7.68
CA ILE B 167 28.66 -17.70 -6.71
C ILE B 167 30.18 -17.75 -6.61
N ILE B 168 30.71 -17.91 -5.40
CA ILE B 168 32.15 -18.08 -5.18
C ILE B 168 32.53 -19.51 -5.54
N ASP B 169 33.63 -19.67 -6.28
CA ASP B 169 34.04 -20.99 -6.75
C ASP B 169 34.14 -21.97 -5.57
N PRO B 170 33.47 -23.13 -5.65
CA PRO B 170 33.49 -24.06 -4.52
C PRO B 170 34.87 -24.53 -4.13
N GLN B 171 35.75 -24.86 -5.10
CA GLN B 171 37.06 -25.34 -4.68
C GLN B 171 37.83 -24.24 -3.96
N SER B 172 37.65 -22.99 -4.35
CA SER B 172 38.33 -21.91 -3.64
C SER B 172 37.84 -21.82 -2.20
N MET B 173 36.57 -22.15 -1.94
CA MET B 173 36.09 -22.19 -0.56
C MET B 173 36.75 -23.33 0.22
N ARG B 174 36.90 -24.50 -0.41
CA ARG B 174 37.64 -25.58 0.25
C ARG B 174 39.07 -25.16 0.54
N ASP B 175 39.70 -24.49 -0.43
CA ASP B 175 41.06 -24.01 -0.20
C ASP B 175 41.11 -23.05 0.98
N LEU B 176 40.15 -22.12 1.03
CA LEU B 176 40.07 -21.20 2.16
C LEU B 176 39.83 -21.94 3.46
N LEU B 177 38.95 -22.95 3.45
CA LEU B 177 38.69 -23.71 4.66
C LEU B 177 39.93 -24.49 5.13
N GLU B 178 40.74 -24.99 4.19
CA GLU B 178 41.97 -25.66 4.64
C GLU B 178 42.98 -24.65 5.17
N MET B 179 43.04 -23.47 4.55
CA MET B 179 43.95 -22.43 4.99
C MET B 179 43.65 -22.00 6.43
N THR B 180 42.38 -22.02 6.82
CA THR B 180 41.93 -21.53 8.12
C THR B 180 41.73 -22.63 9.13
N ARG B 181 41.91 -23.89 8.75
CA ARG B 181 41.66 -25.01 9.64
C ARG B 181 42.46 -24.85 10.91
N GLY B 182 41.77 -24.89 12.05
CA GLY B 182 42.43 -24.74 13.33
C GLY B 182 42.82 -23.33 13.69
N LYS B 183 42.44 -22.33 12.87
CA LYS B 183 42.88 -20.95 13.06
C LYS B 183 41.73 -19.95 13.11
N ALA B 184 40.73 -20.13 12.26
CA ALA B 184 39.67 -19.14 12.15
C ALA B 184 38.38 -19.81 11.74
N ILE B 185 37.27 -19.22 12.18
CA ILE B 185 35.96 -19.60 11.68
C ILE B 185 35.77 -19.04 10.28
N VAL B 186 35.20 -19.82 9.38
CA VAL B 186 34.83 -19.35 8.05
C VAL B 186 33.31 -19.32 7.94
N VAL B 187 32.77 -18.15 7.61
CA VAL B 187 31.32 -17.94 7.57
C VAL B 187 30.90 -17.73 6.13
N ALA B 188 30.09 -18.64 5.59
CA ALA B 188 29.50 -18.47 4.26
C ALA B 188 28.16 -17.78 4.45
N ASP B 189 28.04 -16.54 4.00
CA ASP B 189 26.79 -15.79 4.13
C ASP B 189 25.90 -16.16 2.94
N GLU B 190 24.86 -16.96 3.21
CA GLU B 190 23.98 -17.52 2.19
C GLU B 190 22.61 -16.83 2.21
N ALA B 191 22.61 -15.51 2.43
CA ALA B 191 21.34 -14.77 2.47
C ALA B 191 20.55 -14.94 1.17
N TYR B 192 21.23 -15.18 0.05
CA TYR B 192 20.58 -15.29 -1.25
C TYR B 192 20.58 -16.71 -1.81
N ILE B 193 20.89 -17.71 -0.98
CA ILE B 193 21.12 -19.06 -1.53
C ILE B 193 19.85 -19.72 -2.05
N GLU B 194 18.67 -19.24 -1.65
CA GLU B 194 17.45 -19.83 -2.17
C GLU B 194 17.33 -19.63 -3.68
N PHE B 195 18.00 -18.62 -4.23
CA PHE B 195 17.93 -18.40 -5.66
C PHE B 195 18.87 -19.31 -6.43
N CYS B 196 19.77 -20.02 -5.74
CA CYS B 196 20.71 -20.93 -6.39
C CYS B 196 20.98 -22.04 -5.37
N PRO B 197 19.93 -22.78 -5.01
CA PRO B 197 20.03 -23.68 -3.83
C PRO B 197 21.09 -24.76 -3.95
N GLN B 198 21.39 -25.20 -5.17
CA GLN B 198 22.42 -26.21 -5.36
C GLN B 198 23.81 -25.72 -4.97
N ALA B 199 24.00 -24.42 -4.76
CA ALA B 199 25.32 -23.88 -4.46
C ALA B 199 25.62 -23.81 -2.96
N THR B 200 24.70 -24.25 -2.11
CA THR B 200 24.90 -24.07 -0.68
C THR B 200 26.09 -24.89 -0.18
N LEU B 201 26.73 -24.39 0.88
CA LEU B 201 27.80 -25.12 1.56
C LEU B 201 27.31 -25.80 2.83
N ALA B 202 26.00 -25.77 3.11
CA ALA B 202 25.51 -26.30 4.37
C ALA B 202 25.72 -27.80 4.46
N GLY B 203 25.90 -28.47 3.35
CA GLY B 203 26.18 -29.89 3.41
C GLY B 203 27.61 -30.25 3.75
N TRP B 204 28.50 -29.27 3.91
CA TRP B 204 29.91 -29.54 4.14
C TRP B 204 30.30 -29.53 5.62
N LEU B 205 29.35 -29.42 6.55
CA LEU B 205 29.70 -29.25 7.96
C LEU B 205 30.59 -30.39 8.46
N SER B 206 30.34 -31.62 8.03
CA SER B 206 31.13 -32.73 8.55
C SER B 206 32.61 -32.63 8.20
N ASP B 207 32.97 -31.91 7.14
CA ASP B 207 34.37 -31.86 6.73
C ASP B 207 35.15 -30.80 7.48
N TYR B 208 34.46 -29.77 7.97
CA TYR B 208 35.07 -28.52 8.41
C TYR B 208 34.48 -28.11 9.74
N PRO B 209 35.17 -28.40 10.85
CA PRO B 209 34.62 -28.03 12.17
C PRO B 209 34.39 -26.54 12.31
N HIS B 210 35.09 -25.75 11.52
CA HIS B 210 35.07 -24.29 11.61
C HIS B 210 34.17 -23.62 10.57
N LEU B 211 33.39 -24.37 9.79
CA LEU B 211 32.49 -23.79 8.80
C LEU B 211 31.15 -23.42 9.40
N VAL B 212 30.67 -22.23 9.06
CA VAL B 212 29.39 -21.71 9.53
C VAL B 212 28.66 -21.14 8.34
N VAL B 213 27.33 -21.32 8.29
CA VAL B 213 26.52 -20.83 7.18
C VAL B 213 25.41 -19.93 7.75
N LEU B 214 25.29 -18.70 7.22
CA LEU B 214 24.19 -17.82 7.60
C LEU B 214 23.04 -17.90 6.59
N ARG B 215 21.82 -17.94 7.11
CA ARG B 215 20.62 -18.02 6.31
C ARG B 215 19.61 -16.98 6.81
N THR B 216 18.67 -16.61 5.94
CA THR B 216 17.68 -15.62 6.34
C THR B 216 16.31 -15.97 5.78
N LEU B 217 15.26 -15.46 6.45
CA LEU B 217 13.92 -15.43 5.88
C LEU B 217 13.62 -14.12 5.16
N SER B 218 14.59 -13.20 5.07
CA SER B 218 14.28 -11.86 4.60
C SER B 218 14.14 -11.71 3.09
N LYS B 219 14.58 -12.69 2.28
CA LYS B 219 14.77 -12.45 0.86
C LYS B 219 13.78 -13.33 0.10
N ALA B 220 14.20 -14.51 -0.37
CA ALA B 220 13.27 -15.39 -1.08
C ALA B 220 12.05 -15.75 -0.24
N PHE B 221 12.21 -15.86 1.08
CA PHE B 221 11.07 -16.19 1.92
C PHE B 221 10.12 -15.02 2.12
N ALA B 222 10.52 -13.81 1.69
CA ALA B 222 9.63 -12.64 1.65
C ALA B 222 9.21 -12.20 3.05
N LEU B 223 10.09 -12.36 4.05
CA LEU B 223 9.71 -12.07 5.43
C LEU B 223 10.75 -11.18 6.10
N ALA B 224 11.25 -10.18 5.37
CA ALA B 224 12.20 -9.24 5.95
C ALA B 224 11.65 -8.58 7.22
N GLY B 225 10.34 -8.34 7.26
CA GLY B 225 9.72 -7.73 8.42
C GLY B 225 9.75 -8.58 9.67
N LEU B 226 9.97 -9.89 9.55
CA LEU B 226 10.03 -10.75 10.73
C LEU B 226 11.35 -10.61 11.49
N ARG B 227 12.43 -10.21 10.81
CA ARG B 227 13.78 -10.21 11.36
C ARG B 227 14.12 -11.60 11.92
N CYS B 228 14.10 -12.60 11.05
CA CYS B 228 14.34 -13.98 11.44
C CYS B 228 15.42 -14.58 10.56
N GLY B 229 16.52 -15.03 11.18
CA GLY B 229 17.59 -15.64 10.42
C GLY B 229 18.16 -16.82 11.17
N PHE B 230 19.06 -17.54 10.51
CA PHE B 230 19.55 -18.79 11.07
C PHE B 230 21.06 -18.89 10.90
N THR B 231 21.70 -19.53 11.86
CA THR B 231 23.09 -19.92 11.74
C THR B 231 23.13 -21.44 11.70
N LEU B 232 23.78 -21.99 10.67
CA LEU B 232 24.00 -23.43 10.56
C LEU B 232 25.47 -23.71 10.83
N ALA B 233 25.75 -24.67 11.71
CA ALA B 233 27.15 -24.96 12.04
C ALA B 233 27.20 -26.31 12.72
N ASN B 234 28.39 -26.85 12.89
CA ASN B 234 28.49 -28.04 13.72
C ASN B 234 28.00 -27.73 15.13
N ALA B 235 27.47 -28.76 15.80
CA ALA B 235 26.87 -28.55 17.12
C ALA B 235 27.83 -27.85 18.07
N GLU B 236 29.12 -28.18 17.99
CA GLU B 236 30.12 -27.58 18.86
C GLU B 236 30.18 -26.07 18.69
N VAL B 237 30.03 -25.58 17.45
CA VAL B 237 30.00 -24.13 17.22
C VAL B 237 28.68 -23.52 17.69
N ILE B 238 27.56 -24.18 17.38
CA ILE B 238 26.25 -23.72 17.86
C ILE B 238 26.29 -23.56 19.38
N ASN B 239 26.90 -24.51 20.07
CA ASN B 239 26.90 -24.47 21.53
C ASN B 239 27.72 -23.28 22.06
N VAL B 240 28.79 -22.90 21.36
CA VAL B 240 29.49 -21.67 21.73
C VAL B 240 28.62 -20.46 21.48
N LEU B 241 27.94 -20.40 20.33
CA LEU B 241 27.14 -19.22 20.03
C LEU B 241 25.97 -19.09 21.00
N LEU B 242 25.40 -20.21 21.44
CA LEU B 242 24.33 -20.13 22.43
C LEU B 242 24.80 -19.60 23.77
N LYS B 243 26.11 -19.59 24.03
CA LYS B 243 26.63 -18.97 25.25
C LYS B 243 26.57 -17.46 25.19
N VAL B 244 26.54 -16.86 24.00
CA VAL B 244 26.59 -15.40 23.90
C VAL B 244 25.29 -14.77 23.44
N ILE B 245 24.32 -15.56 22.99
CA ILE B 245 23.06 -15.00 22.49
C ILE B 245 22.20 -14.51 23.65
N ALA B 246 21.35 -13.53 23.36
CA ALA B 246 20.37 -13.06 24.33
C ALA B 246 19.46 -14.21 24.78
N PRO B 247 18.94 -14.14 26.01
CA PRO B 247 18.10 -15.27 26.47
C PRO B 247 16.87 -15.49 25.62
N TYR B 248 16.21 -14.43 25.15
CA TYR B 248 14.96 -14.53 24.38
C TYR B 248 15.06 -13.69 23.12
N PRO B 249 15.78 -14.18 22.10
CA PRO B 249 16.07 -13.36 20.91
C PRO B 249 14.97 -13.29 19.88
N LEU B 250 13.99 -14.22 19.91
CA LEU B 250 12.90 -14.29 18.95
C LEU B 250 11.59 -14.08 19.68
N SER B 251 10.81 -13.11 19.23
CA SER B 251 9.49 -12.90 19.82
C SER B 251 8.55 -14.02 19.40
N THR B 252 7.50 -14.22 20.20
CA THR B 252 6.53 -15.26 19.86
C THR B 252 5.81 -15.00 18.55
N PRO B 253 5.38 -13.78 18.21
CA PRO B 253 4.78 -13.60 16.87
C PRO B 253 5.70 -13.97 15.73
N VAL B 254 6.99 -13.65 15.85
CA VAL B 254 7.95 -14.04 14.82
C VAL B 254 8.10 -15.56 14.76
N ALA B 255 8.23 -16.21 15.93
CA ALA B 255 8.36 -17.67 15.93
C ALA B 255 7.14 -18.33 15.30
N ASP B 256 5.97 -17.83 15.66
CA ASP B 256 4.69 -18.30 15.13
C ASP B 256 4.66 -18.22 13.60
N ILE B 257 4.96 -17.05 13.05
CA ILE B 257 4.90 -16.89 11.60
C ILE B 257 6.03 -17.66 10.91
N ALA B 258 7.23 -17.65 11.49
CA ALA B 258 8.34 -18.42 10.93
C ALA B 258 7.97 -19.89 10.80
N ALA B 259 7.38 -20.46 11.85
CA ALA B 259 6.99 -21.86 11.78
C ALA B 259 5.96 -22.07 10.67
N GLN B 260 5.03 -21.13 10.49
CA GLN B 260 4.06 -21.28 9.41
C GLN B 260 4.74 -21.23 8.05
N ALA B 261 5.67 -20.29 7.89
CA ALA B 261 6.40 -20.13 6.63
C ALA B 261 7.28 -21.33 6.29
N LEU B 262 7.70 -22.10 7.28
CA LEU B 262 8.62 -23.22 7.09
C LEU B 262 7.92 -24.56 7.03
N SER B 263 6.59 -24.57 7.00
CA SER B 263 5.85 -25.79 6.73
C SER B 263 6.15 -26.29 5.32
N PRO B 264 5.84 -27.56 5.03
CA PRO B 264 5.98 -28.00 3.63
C PRO B 264 5.26 -27.08 2.66
N GLU B 265 4.03 -26.66 2.98
CA GLU B 265 3.33 -25.73 2.10
C GLU B 265 4.09 -24.41 1.98
N GLY B 266 4.61 -23.91 3.09
CA GLY B 266 5.39 -22.67 3.04
C GLY B 266 6.64 -22.81 2.20
N ILE B 267 7.31 -23.97 2.29
CA ILE B 267 8.52 -24.18 1.49
C ILE B 267 8.17 -24.20 0.01
N ALA B 268 7.12 -24.93 -0.37
CA ALA B 268 6.70 -24.94 -1.78
C ALA B 268 6.38 -23.53 -2.26
N ALA B 269 5.70 -22.74 -1.42
CA ALA B 269 5.39 -21.36 -1.80
C ALA B 269 6.66 -20.54 -2.01
N MET B 270 7.64 -20.69 -1.14
CA MET B 270 8.91 -20.00 -1.34
C MET B 270 9.57 -20.42 -2.64
N ARG B 271 9.59 -21.72 -2.93
CA ARG B 271 10.19 -22.18 -4.18
CA ARG B 271 10.19 -22.18 -4.18
C ARG B 271 9.49 -21.58 -5.39
N GLN B 272 8.18 -21.32 -5.30
CA GLN B 272 7.51 -20.66 -6.42
C GLN B 272 7.82 -19.17 -6.46
N ARG B 273 8.01 -18.54 -5.30
CA ARG B 273 8.53 -17.17 -5.29
C ARG B 273 9.89 -17.09 -5.98
N VAL B 274 10.75 -18.07 -5.73
CA VAL B 274 12.07 -18.08 -6.37
C VAL B 274 11.92 -18.24 -7.88
N ALA B 275 11.06 -19.15 -8.31
CA ALA B 275 10.87 -19.34 -9.75
C ALA B 275 10.37 -18.05 -10.41
N GLN B 276 9.45 -17.34 -9.75
CA GLN B 276 8.97 -16.08 -10.28
C GLN B 276 10.10 -15.07 -10.43
N ILE B 277 10.96 -14.95 -9.42
CA ILE B 277 12.09 -14.02 -9.46
C ILE B 277 13.05 -14.39 -10.59
N LEU B 278 13.33 -15.69 -10.77
CA LEU B 278 14.28 -16.08 -11.80
C LEU B 278 13.77 -15.73 -13.19
N ASP B 279 12.47 -15.91 -13.41
CA ASP B 279 11.87 -15.55 -14.69
CA ASP B 279 11.90 -15.55 -14.70
C ASP B 279 11.91 -14.04 -14.91
N GLU B 280 11.64 -13.27 -13.85
CA GLU B 280 11.66 -11.83 -13.98
C GLU B 280 13.08 -11.30 -14.16
N ARG B 281 14.05 -11.93 -13.49
CA ARG B 281 15.43 -11.50 -13.67
C ARG B 281 15.87 -11.72 -15.12
N ARG B 282 15.47 -12.85 -15.71
CA ARG B 282 15.80 -13.10 -17.11
C ARG B 282 15.25 -12.00 -18.01
N TYR B 283 14.02 -11.56 -17.75
CA TYR B 283 13.42 -10.50 -18.55
C TYR B 283 14.14 -9.18 -18.35
N LEU B 284 14.40 -8.81 -17.09
CA LEU B 284 14.99 -7.49 -16.84
C LEU B 284 16.40 -7.41 -17.42
N VAL B 285 17.18 -8.49 -17.28
CA VAL B 285 18.54 -8.49 -17.78
C VAL B 285 18.58 -8.33 -19.29
N GLU B 286 17.70 -9.04 -20.00
CA GLU B 286 17.67 -8.94 -21.46
C GLU B 286 17.28 -7.52 -21.89
N GLN B 287 16.31 -6.93 -21.20
CA GLN B 287 15.88 -5.58 -21.54
C GLN B 287 16.96 -4.55 -21.25
N LEU B 288 17.56 -4.61 -20.06
CA LEU B 288 18.63 -3.68 -19.70
C LEU B 288 19.76 -3.68 -20.72
N ARG B 289 20.12 -4.86 -21.24
CA ARG B 289 21.24 -4.94 -22.16
C ARG B 289 20.98 -4.20 -23.45
N GLY B 290 19.73 -3.87 -23.76
CA GLY B 290 19.43 -3.09 -24.94
C GLY B 290 19.34 -1.60 -24.74
N ILE B 291 19.56 -1.09 -23.52
CA ILE B 291 19.34 0.33 -23.20
C ILE B 291 20.66 1.10 -23.37
N ALA B 292 20.57 2.28 -24.01
CA ALA B 292 21.76 3.00 -24.43
C ALA B 292 22.67 3.36 -23.24
N CYS B 293 22.10 3.71 -22.09
CA CYS B 293 22.94 4.13 -20.98
C CYS B 293 23.52 2.96 -20.19
N VAL B 294 23.10 1.73 -20.47
CA VAL B 294 23.60 0.58 -19.75
C VAL B 294 24.86 0.09 -20.44
N GLU B 295 25.97 0.05 -19.70
CA GLU B 295 27.26 -0.36 -20.26
C GLU B 295 27.48 -1.86 -20.14
N GLN B 296 27.04 -2.44 -19.02
CA GLN B 296 27.21 -3.86 -18.77
C GLN B 296 26.23 -4.29 -17.71
N VAL B 297 25.66 -5.49 -17.86
CA VAL B 297 24.88 -6.11 -16.80
C VAL B 297 25.60 -7.40 -16.40
N PHE B 298 25.85 -7.57 -15.12
CA PHE B 298 26.62 -8.71 -14.66
C PHE B 298 25.69 -9.85 -14.31
N ASP B 299 26.11 -11.07 -14.67
CA ASP B 299 25.27 -12.24 -14.43
C ASP B 299 25.08 -12.47 -12.95
N SER B 300 23.86 -12.81 -12.56
CA SER B 300 23.54 -12.91 -11.16
C SER B 300 22.87 -14.26 -10.88
N GLU B 301 23.11 -14.76 -9.67
CA GLU B 301 22.39 -15.92 -9.13
C GLU B 301 21.50 -15.52 -7.95
N THR B 302 21.02 -14.28 -7.94
CA THR B 302 20.26 -13.77 -6.82
C THR B 302 18.99 -13.08 -7.29
N ASN B 303 18.38 -12.28 -6.41
CA ASN B 303 17.24 -11.46 -6.77
C ASN B 303 17.64 -10.00 -6.97
N TYR B 304 18.86 -9.78 -7.48
CA TYR B 304 19.31 -8.45 -7.87
C TYR B 304 20.33 -8.60 -8.97
N VAL B 305 20.50 -7.54 -9.76
CA VAL B 305 21.56 -7.52 -10.77
C VAL B 305 22.32 -6.21 -10.63
N LEU B 306 23.63 -6.29 -10.82
CA LEU B 306 24.51 -5.15 -10.85
C LEU B 306 24.67 -4.69 -12.29
N ALA B 307 24.46 -3.40 -12.55
CA ALA B 307 24.63 -2.86 -13.88
C ALA B 307 25.54 -1.64 -13.82
N ARG B 308 26.57 -1.62 -14.67
CA ARG B 308 27.36 -0.40 -14.84
C ARG B 308 26.67 0.52 -15.84
N ILE B 309 26.52 1.78 -15.46
CA ILE B 309 25.70 2.71 -16.21
C ILE B 309 26.49 3.98 -16.47
N THR B 310 26.42 4.48 -17.71
CA THR B 310 27.03 5.75 -18.06
C THR B 310 26.42 6.87 -17.21
N ALA B 311 27.28 7.70 -16.62
CA ALA B 311 26.85 8.79 -15.76
C ALA B 311 25.96 8.27 -14.63
N SER B 312 26.45 7.22 -13.96
CA SER B 312 25.59 6.46 -13.05
C SER B 312 25.04 7.31 -11.92
N SER B 313 25.82 8.28 -11.43
CA SER B 313 25.34 9.11 -10.33
C SER B 313 24.19 10.01 -10.76
N ALA B 314 24.28 10.60 -11.96
CA ALA B 314 23.18 11.40 -12.48
C ALA B 314 21.96 10.53 -12.76
N VAL B 315 22.18 9.34 -13.32
CA VAL B 315 21.05 8.45 -13.60
C VAL B 315 20.39 7.99 -12.30
N PHE B 316 21.20 7.62 -11.30
CA PHE B 316 20.66 7.20 -10.01
C PHE B 316 19.78 8.29 -9.40
N LYS B 317 20.28 9.52 -9.38
CA LYS B 317 19.52 10.65 -8.87
C LYS B 317 18.28 10.90 -9.71
N SER B 318 18.40 10.76 -11.03
CA SER B 318 17.25 11.00 -11.90
C SER B 318 16.13 10.00 -11.61
N LEU B 319 16.48 8.71 -11.52
CA LEU B 319 15.45 7.72 -11.19
C LEU B 319 14.91 7.95 -9.78
N TRP B 320 15.81 8.26 -8.84
CA TRP B 320 15.41 8.58 -7.47
C TRP B 320 14.37 9.68 -7.44
N ASP B 321 14.61 10.78 -8.16
CA ASP B 321 13.65 11.88 -8.16
C ASP B 321 12.32 11.51 -8.81
N GLN B 322 12.31 10.48 -9.67
CA GLN B 322 11.10 9.94 -10.25
C GLN B 322 10.43 8.90 -9.35
N GLY B 323 10.96 8.66 -8.15
CA GLY B 323 10.39 7.66 -7.28
C GLY B 323 10.81 6.23 -7.56
N ILE B 324 11.90 6.02 -8.28
CA ILE B 324 12.43 4.68 -8.54
C ILE B 324 13.72 4.56 -7.73
N ILE B 325 13.70 3.73 -6.69
CA ILE B 325 14.76 3.73 -5.69
C ILE B 325 15.61 2.50 -5.91
N LEU B 326 16.83 2.71 -6.42
CA LEU B 326 17.83 1.66 -6.58
C LEU B 326 18.86 1.75 -5.46
N ARG B 327 19.93 0.97 -5.57
CA ARG B 327 21.02 1.00 -4.60
C ARG B 327 22.30 1.42 -5.30
N ASP B 328 22.80 2.61 -4.98
CA ASP B 328 24.04 3.10 -5.60
C ASP B 328 25.23 2.33 -5.04
N GLN B 329 26.09 1.82 -5.91
CA GLN B 329 27.29 1.10 -5.47
C GLN B 329 28.57 1.76 -5.98
N ASN B 330 28.46 3.00 -6.47
CA ASN B 330 29.55 3.64 -7.19
C ASN B 330 30.79 3.85 -6.33
N LYS B 331 30.61 3.93 -5.01
CA LYS B 331 31.76 4.12 -4.12
C LYS B 331 32.37 2.81 -3.65
N GLN B 332 31.75 1.66 -3.96
CA GLN B 332 32.32 0.38 -3.57
C GLN B 332 33.55 0.05 -4.40
N PRO B 333 34.56 -0.57 -3.80
CA PRO B 333 35.78 -0.97 -4.53
C PRO B 333 35.47 -1.76 -5.80
N SER B 334 36.00 -1.29 -6.93
CA SER B 334 35.88 -1.86 -8.28
C SER B 334 34.52 -1.59 -8.91
N LEU B 335 33.57 -0.97 -8.20
CA LEU B 335 32.21 -0.86 -8.71
C LEU B 335 31.86 0.56 -9.15
N SER B 336 32.85 1.37 -9.53
CA SER B 336 32.50 2.67 -10.07
CA SER B 336 32.53 2.67 -10.09
C SER B 336 31.56 2.50 -11.25
N GLY B 337 30.53 3.33 -11.28
CA GLY B 337 29.51 3.29 -12.31
C GLY B 337 28.40 2.30 -12.10
N CYS B 338 28.38 1.56 -10.99
CA CYS B 338 27.45 0.43 -10.83
C CYS B 338 26.29 0.77 -9.90
N LEU B 339 25.11 0.37 -10.32
CA LEU B 339 23.90 0.45 -9.50
C LEU B 339 23.39 -0.97 -9.33
N ARG B 340 22.85 -1.27 -8.15
CA ARG B 340 22.29 -2.59 -7.88
C ARG B 340 20.78 -2.48 -7.92
N ILE B 341 20.15 -3.30 -8.77
CA ILE B 341 18.73 -3.24 -9.04
C ILE B 341 18.12 -4.53 -8.53
N THR B 342 17.26 -4.43 -7.52
CA THR B 342 16.54 -5.61 -7.07
C THR B 342 15.53 -6.03 -8.13
N ILE B 343 15.27 -7.34 -8.21
CA ILE B 343 14.24 -7.88 -9.10
C ILE B 343 12.90 -7.76 -8.40
N GLY B 344 12.02 -6.92 -8.94
CA GLY B 344 10.68 -6.76 -8.39
C GLY B 344 9.60 -7.39 -9.25
N THR B 345 8.42 -6.78 -9.29
CA THR B 345 7.38 -7.21 -10.20
C THR B 345 7.73 -6.83 -11.64
N ARG B 346 7.05 -7.48 -12.60
CA ARG B 346 7.17 -7.09 -14.00
C ARG B 346 6.88 -5.61 -14.20
N ALA B 347 5.83 -5.11 -13.55
CA ALA B 347 5.54 -3.68 -13.65
C ALA B 347 6.69 -2.84 -13.11
N GLU B 348 7.33 -3.29 -12.03
CA GLU B 348 8.44 -2.53 -11.47
C GLU B 348 9.67 -2.61 -12.37
N SER B 349 9.93 -3.79 -12.94
CA SER B 349 10.97 -3.89 -13.96
C SER B 349 10.69 -2.93 -15.11
N GLN B 350 9.44 -2.84 -15.56
CA GLN B 350 9.16 -1.99 -16.70
C GLN B 350 9.33 -0.52 -16.37
N ARG B 351 9.01 -0.12 -15.13
CA ARG B 351 9.32 1.24 -14.71
C ARG B 351 10.81 1.53 -14.81
N VAL B 352 11.65 0.57 -14.42
CA VAL B 352 13.09 0.78 -14.51
C VAL B 352 13.53 0.85 -15.96
N ILE B 353 13.07 -0.10 -16.79
CA ILE B 353 13.43 -0.12 -18.21
C ILE B 353 13.03 1.18 -18.88
N ASP B 354 11.81 1.65 -18.63
CA ASP B 354 11.32 2.86 -19.28
C ASP B 354 12.10 4.09 -18.81
N ALA B 355 12.48 4.14 -17.53
CA ALA B 355 13.17 5.33 -17.04
C ALA B 355 14.61 5.38 -17.55
N LEU B 356 15.30 4.23 -17.55
CA LEU B 356 16.65 4.19 -18.11
C LEU B 356 16.65 4.47 -19.60
N THR B 357 15.64 3.96 -20.32
CA THR B 357 15.53 4.24 -21.75
C THR B 357 15.35 5.73 -22.01
N ALA B 358 14.60 6.41 -21.14
CA ALA B 358 14.37 7.84 -21.30
C ALA B 358 15.57 8.71 -20.93
N GLU B 359 16.61 8.14 -20.31
CA GLU B 359 17.72 8.95 -19.81
C GLU B 359 18.53 9.62 -20.92
N ASN B 360 18.51 9.07 -22.14
CA ASN B 360 19.17 9.69 -23.30
C ASN B 360 20.65 9.96 -23.07
N VAL B 361 21.30 9.17 -22.20
CA VAL B 361 22.75 9.25 -22.06
C VAL B 361 23.39 7.92 -22.49
N MET C 9 -5.11 23.17 -43.50
CA MET C 9 -5.25 23.35 -42.05
C MET C 9 -4.67 22.17 -41.26
N SER C 10 -3.78 22.47 -40.32
CA SER C 10 -3.22 21.46 -39.44
C SER C 10 -4.31 20.89 -38.53
N ILE C 11 -3.95 19.86 -37.76
CA ILE C 11 -4.93 19.26 -36.84
C ILE C 11 -5.47 20.30 -35.87
N GLU C 12 -4.57 21.03 -35.22
CA GLU C 12 -5.01 22.01 -34.23
C GLU C 12 -5.90 23.07 -34.88
N ASP C 13 -5.64 23.41 -36.15
CA ASP C 13 -6.48 24.36 -36.85
C ASP C 13 -7.91 23.83 -37.01
N LEU C 14 -8.08 22.51 -37.15
CA LEU C 14 -9.42 21.96 -37.31
C LEU C 14 -10.19 21.96 -36.00
N ALA C 15 -9.48 22.04 -34.87
CA ALA C 15 -10.16 21.97 -33.59
C ALA C 15 -10.99 23.24 -33.35
N ARG C 16 -12.05 23.09 -32.54
CA ARG C 16 -12.89 24.24 -32.23
C ARG C 16 -12.08 25.33 -31.54
N ALA C 17 -12.48 26.58 -31.77
CA ALA C 17 -11.76 27.72 -31.21
C ALA C 17 -11.74 27.66 -29.70
N ASN C 18 -12.86 27.31 -29.07
CA ASN C 18 -12.88 27.23 -27.62
C ASN C 18 -11.97 26.11 -27.13
N VAL C 19 -11.88 25.02 -27.88
CA VAL C 19 -11.04 23.89 -27.50
C VAL C 19 -9.57 24.26 -27.57
N ARG C 20 -9.16 24.97 -28.62
CA ARG C 20 -7.78 25.43 -28.70
C ARG C 20 -7.43 26.35 -27.53
N ALA C 21 -8.38 27.16 -27.09
CA ALA C 21 -8.08 28.23 -26.15
C ALA C 21 -8.22 27.83 -24.69
N LEU C 22 -8.94 26.75 -24.39
CA LEU C 22 -9.22 26.45 -22.98
C LEU C 22 -8.01 25.80 -22.30
N THR C 23 -7.95 25.98 -20.98
CA THR C 23 -7.07 25.19 -20.13
C THR C 23 -7.88 24.11 -19.45
N PRO C 24 -7.54 22.83 -19.64
CA PRO C 24 -8.29 21.75 -18.97
C PRO C 24 -7.89 21.64 -17.50
N TYR C 25 -8.62 20.80 -16.77
CA TYR C 25 -8.18 20.42 -15.44
C TYR C 25 -6.89 19.61 -15.55
N GLN C 26 -5.88 19.98 -14.77
CA GLN C 26 -4.61 19.26 -14.75
C GLN C 26 -4.36 18.71 -13.35
N SER C 27 -3.89 17.47 -13.27
CA SER C 27 -3.66 16.82 -11.99
C SER C 27 -2.30 17.23 -11.43
N ALA C 28 -1.96 16.65 -10.29
CA ALA C 28 -0.72 16.98 -9.59
C ALA C 28 0.25 15.81 -9.63
N LYS C 34 4.17 14.10 -6.04
CA LYS C 34 5.12 13.12 -5.52
C LYS C 34 5.32 13.22 -4.00
N GLY C 35 5.00 12.14 -3.30
CA GLY C 35 5.11 12.11 -1.87
C GLY C 35 4.21 11.03 -1.27
N ASP C 36 4.17 11.01 0.06
CA ASP C 36 3.50 9.95 0.80
C ASP C 36 2.29 10.43 1.61
N VAL C 37 2.01 11.72 1.64
CA VAL C 37 0.82 12.24 2.32
C VAL C 37 -0.01 12.99 1.30
N TRP C 38 -1.11 12.38 0.87
CA TRP C 38 -1.98 12.95 -0.15
C TRP C 38 -3.25 13.45 0.54
N LEU C 39 -3.32 14.77 0.70
CA LEU C 39 -4.47 15.44 1.32
C LEU C 39 -4.97 16.54 0.41
N ASN C 40 -5.06 16.23 -0.89
CA ASN C 40 -5.26 17.22 -1.92
C ASN C 40 -6.53 17.03 -2.73
N ALA C 41 -7.21 15.89 -2.62
CA ALA C 41 -8.34 15.58 -3.47
C ALA C 41 -9.61 15.23 -2.71
N ASN C 42 -9.63 15.44 -1.39
CA ASN C 42 -10.80 15.18 -0.54
C ASN C 42 -11.23 13.72 -0.58
N GLU C 43 -10.26 12.85 -0.82
CA GLU C 43 -10.51 11.40 -0.78
C GLU C 43 -10.55 10.92 0.67
N PHE C 44 -11.35 9.88 0.91
CA PHE C 44 -11.24 9.20 2.19
C PHE C 44 -9.86 8.53 2.27
N PRO C 45 -9.19 8.58 3.44
CA PRO C 45 -7.74 8.26 3.46
C PRO C 45 -7.36 6.79 3.36
N THR C 46 -8.28 5.83 3.52
CA THR C 46 -7.96 4.41 3.51
CA THR C 46 -7.91 4.43 3.42
C THR C 46 -8.91 3.67 2.57
N ALA C 47 -8.41 2.62 1.93
CA ALA C 47 -9.24 1.82 1.03
C ALA C 47 -10.24 0.96 1.81
N VAL C 48 -11.43 0.81 1.22
CA VAL C 48 -12.40 -0.21 1.63
C VAL C 48 -12.46 -1.24 0.50
N ALA C 49 -12.23 -2.51 0.82
CA ALA C 49 -12.10 -3.53 -0.20
C ALA C 49 -13.47 -4.04 -0.63
N PHE C 50 -13.62 -4.26 -1.94
CA PHE C 50 -14.79 -4.91 -2.54
C PHE C 50 -14.34 -5.87 -3.62
N GLN C 51 -15.03 -7.00 -3.74
CA GLN C 51 -14.82 -7.96 -4.81
C GLN C 51 -16.01 -7.95 -5.75
N LEU C 52 -15.75 -8.29 -7.01
CA LEU C 52 -16.83 -8.48 -7.97
C LEU C 52 -17.65 -9.70 -7.58
N THR C 53 -18.96 -9.61 -7.79
CA THR C 53 -19.85 -10.73 -7.47
C THR C 53 -20.65 -11.20 -8.67
N GLU C 54 -20.44 -10.63 -9.85
CA GLU C 54 -21.17 -11.04 -11.03
CA GLU C 54 -21.19 -10.95 -11.05
C GLU C 54 -20.22 -11.08 -12.22
N GLN C 55 -20.19 -12.23 -12.87
CA GLN C 55 -19.30 -12.50 -13.99
C GLN C 55 -20.13 -12.52 -15.26
N THR C 56 -20.53 -11.33 -15.71
CA THR C 56 -21.35 -11.14 -16.90
C THR C 56 -20.71 -10.15 -17.86
N LEU C 57 -19.37 -10.04 -17.84
CA LEU C 57 -18.69 -8.93 -18.51
C LEU C 57 -18.73 -8.99 -20.04
N ASN C 58 -19.15 -10.11 -20.62
CA ASN C 58 -19.35 -10.12 -22.06
C ASN C 58 -20.60 -9.34 -22.48
N ARG C 59 -21.54 -9.10 -21.56
CA ARG C 59 -22.78 -8.44 -21.88
C ARG C 59 -22.71 -6.96 -21.49
N TYR C 60 -23.38 -6.14 -22.27
CA TYR C 60 -23.52 -4.73 -21.92
C TYR C 60 -24.20 -4.59 -20.56
N PRO C 61 -23.81 -3.58 -19.78
CA PRO C 61 -24.49 -3.33 -18.51
C PRO C 61 -25.91 -2.84 -18.71
N GLU C 62 -26.65 -2.77 -17.61
CA GLU C 62 -27.90 -2.03 -17.64
C GLU C 62 -27.62 -0.56 -17.92
N PRO C 63 -28.39 0.09 -18.77
CA PRO C 63 -28.19 1.54 -18.96
C PRO C 63 -28.27 2.33 -17.68
N GLN C 64 -29.23 1.99 -16.79
CA GLN C 64 -29.35 2.63 -15.49
C GLN C 64 -29.61 1.52 -14.49
N PRO C 65 -28.56 0.97 -13.90
CA PRO C 65 -28.67 -0.30 -13.17
C PRO C 65 -29.66 -0.20 -12.02
N LYS C 66 -30.70 -1.05 -12.10
CA LYS C 66 -31.86 -0.92 -11.23
C LYS C 66 -31.50 -1.09 -9.76
N ALA C 67 -30.67 -2.09 -9.43
CA ALA C 67 -30.33 -2.29 -8.03
C ALA C 67 -29.54 -1.11 -7.46
N VAL C 68 -28.72 -0.46 -8.30
CA VAL C 68 -27.99 0.70 -7.83
C VAL C 68 -28.93 1.88 -7.62
N ILE C 69 -29.82 2.11 -8.59
CA ILE C 69 -30.77 3.22 -8.48
C ILE C 69 -31.68 3.02 -7.27
N GLU C 70 -32.26 1.82 -7.13
CA GLU C 70 -33.20 1.60 -6.04
C GLU C 70 -32.52 1.69 -4.68
N SER C 71 -31.29 1.17 -4.57
CA SER C 71 -30.57 1.26 -3.31
C SER C 71 -30.23 2.70 -2.98
N TYR C 72 -29.78 3.47 -3.98
CA TYR C 72 -29.48 4.87 -3.71
C TYR C 72 -30.74 5.65 -3.36
N ALA C 73 -31.85 5.37 -4.06
CA ALA C 73 -33.10 6.06 -3.73
C ALA C 73 -33.52 5.80 -2.29
N ARG C 74 -33.41 4.54 -1.83
CA ARG C 74 -33.79 4.23 -0.45
C ARG C 74 -32.88 4.99 0.51
N TYR C 75 -31.58 4.98 0.23
CA TYR C 75 -30.63 5.68 1.10
C TYR C 75 -30.92 7.17 1.15
N ALA C 76 -31.19 7.79 0.00
CA ALA C 76 -31.41 9.23 -0.05
C ALA C 76 -32.86 9.61 0.24
N GLU C 77 -33.73 8.62 0.46
CA GLU C 77 -35.13 8.89 0.80
C GLU C 77 -35.85 9.64 -0.31
N VAL C 78 -35.56 9.26 -1.55
CA VAL C 78 -36.31 9.79 -2.68
C VAL C 78 -36.88 8.59 -3.42
N LYS C 79 -37.66 8.84 -4.51
CA LYS C 79 -38.22 7.74 -5.31
C LYS C 79 -37.23 7.31 -6.39
N PRO C 80 -37.31 6.06 -6.84
CA PRO C 80 -36.39 5.61 -7.89
C PRO C 80 -36.46 6.43 -9.17
N GLU C 81 -37.65 6.91 -9.53
CA GLU C 81 -37.76 7.73 -10.74
C GLU C 81 -37.12 9.10 -10.59
N GLN C 82 -36.65 9.46 -9.39
CA GLN C 82 -36.02 10.75 -9.12
C GLN C 82 -34.51 10.65 -9.10
N VAL C 83 -33.95 9.53 -9.59
CA VAL C 83 -32.53 9.24 -9.48
C VAL C 83 -31.98 8.85 -10.86
N LEU C 84 -30.85 9.45 -11.22
CA LEU C 84 -30.02 9.02 -12.36
C LEU C 84 -28.62 8.73 -11.85
N VAL C 85 -27.97 7.70 -12.39
CA VAL C 85 -26.60 7.38 -12.00
C VAL C 85 -25.68 7.71 -13.18
N SER C 86 -24.52 8.29 -12.86
CA SER C 86 -23.61 8.77 -13.89
C SER C 86 -22.19 8.46 -13.47
N ARG C 87 -21.23 8.81 -14.34
CA ARG C 87 -19.81 8.64 -14.02
C ARG C 87 -19.38 9.82 -13.15
N GLY C 88 -19.69 9.71 -11.85
CA GLY C 88 -19.39 10.77 -10.89
C GLY C 88 -20.36 11.92 -11.00
N ALA C 89 -20.32 12.80 -9.99
CA ALA C 89 -21.04 14.07 -10.10
C ALA C 89 -20.47 14.91 -11.23
N ASP C 90 -19.21 14.68 -11.62
CA ASP C 90 -18.66 15.37 -12.78
C ASP C 90 -19.52 15.14 -14.01
N GLU C 91 -19.98 13.91 -14.24
CA GLU C 91 -20.85 13.72 -15.40
C GLU C 91 -22.22 14.36 -15.20
N GLY C 92 -22.73 14.39 -13.95
CA GLY C 92 -23.98 15.11 -13.69
C GLY C 92 -23.89 16.56 -14.12
N ILE C 93 -22.77 17.21 -13.84
CA ILE C 93 -22.59 18.60 -14.26
C ILE C 93 -22.67 18.69 -15.78
N GLU C 94 -21.99 17.77 -16.47
CA GLU C 94 -21.98 17.76 -17.94
C GLU C 94 -23.38 17.56 -18.50
N LEU C 95 -24.15 16.63 -17.92
CA LEU C 95 -25.47 16.34 -18.49
C LEU C 95 -26.40 17.54 -18.35
N LEU C 96 -26.33 18.23 -17.22
CA LEU C 96 -27.20 19.39 -17.00
C LEU C 96 -26.92 20.48 -18.03
N ILE C 97 -25.66 20.75 -18.29
CA ILE C 97 -25.35 21.77 -19.29
C ILE C 97 -25.71 21.27 -20.68
N ARG C 98 -25.42 20.00 -20.98
CA ARG C 98 -25.71 19.40 -22.28
C ARG C 98 -27.22 19.44 -22.59
N ALA C 99 -28.05 19.25 -21.57
CA ALA C 99 -29.49 19.21 -21.82
C ALA C 99 -30.13 20.59 -21.86
N PHE C 100 -29.64 21.55 -21.06
CA PHE C 100 -30.37 22.80 -20.83
C PHE C 100 -29.72 24.04 -21.42
N CYS C 101 -28.44 24.00 -21.80
CA CYS C 101 -27.72 25.21 -22.20
C CYS C 101 -27.41 25.17 -23.69
N GLU C 102 -28.07 26.05 -24.45
CA GLU C 102 -27.79 26.15 -25.88
C GLU C 102 -26.44 26.83 -26.06
N PRO C 103 -25.45 26.19 -26.68
CA PRO C 103 -24.12 26.80 -26.79
C PRO C 103 -24.20 28.11 -27.58
N GLY C 104 -23.56 29.13 -27.03
CA GLY C 104 -23.55 30.45 -27.65
C GLY C 104 -24.77 31.29 -27.38
N GLU C 105 -25.79 30.74 -26.72
CA GLU C 105 -27.07 31.40 -26.47
C GLU C 105 -27.42 31.47 -24.99
N ASP C 106 -27.19 30.41 -24.22
CA ASP C 106 -27.51 30.35 -22.79
C ASP C 106 -26.25 30.36 -21.95
N ALA C 107 -26.40 30.70 -20.67
CA ALA C 107 -25.28 30.76 -19.75
C ALA C 107 -25.48 29.84 -18.55
N VAL C 108 -24.38 29.47 -17.92
CA VAL C 108 -24.40 28.93 -16.57
C VAL C 108 -23.95 30.05 -15.64
N LEU C 109 -24.36 29.95 -14.38
CA LEU C 109 -24.01 30.94 -13.38
C LEU C 109 -23.48 30.21 -12.15
N TYR C 110 -22.37 30.69 -11.58
CA TYR C 110 -21.88 30.15 -10.33
C TYR C 110 -21.18 31.27 -9.59
N CYS C 111 -20.78 31.00 -8.35
CA CYS C 111 -20.44 32.06 -7.40
C CYS C 111 -19.07 31.79 -6.78
N PRO C 112 -18.00 32.36 -7.36
CA PRO C 112 -16.66 32.08 -6.85
C PRO C 112 -16.50 32.65 -5.45
N PRO C 113 -15.61 32.06 -4.63
CA PRO C 113 -14.73 30.92 -4.96
C PRO C 113 -15.44 29.60 -4.80
N THR C 114 -15.36 28.69 -5.78
CA THR C 114 -16.06 27.44 -5.64
C THR C 114 -15.44 26.42 -6.57
N TYR C 115 -16.13 25.30 -6.75
CA TYR C 115 -15.62 24.17 -7.51
C TYR C 115 -15.44 24.54 -8.98
N GLY C 116 -14.30 24.14 -9.56
CA GLY C 116 -13.95 24.62 -10.89
C GLY C 116 -14.58 23.88 -12.06
N MET C 117 -15.20 22.72 -11.84
CA MET C 117 -15.64 21.95 -12.99
C MET C 117 -16.91 22.49 -13.63
N TYR C 118 -17.71 23.31 -12.93
CA TYR C 118 -18.83 23.98 -13.60
C TYR C 118 -18.30 24.81 -14.76
N SER C 119 -17.25 25.59 -14.49
CA SER C 119 -16.63 26.41 -15.52
C SER C 119 -15.97 25.57 -16.60
N VAL C 120 -15.20 24.54 -16.21
CA VAL C 120 -14.50 23.74 -17.20
C VAL C 120 -15.49 23.08 -18.15
N SER C 121 -16.54 22.46 -17.60
CA SER C 121 -17.54 21.81 -18.44
C SER C 121 -18.21 22.80 -19.37
N ALA C 122 -18.63 23.94 -18.82
CA ALA C 122 -19.30 24.94 -19.64
C ALA C 122 -18.38 25.45 -20.73
N GLU C 123 -17.14 25.83 -20.38
CA GLU C 123 -16.21 26.33 -21.38
C GLU C 123 -15.96 25.31 -22.47
N THR C 124 -15.91 24.01 -22.11
CA THR C 124 -15.60 22.98 -23.10
C THR C 124 -16.78 22.73 -24.04
N ILE C 125 -18.00 22.82 -23.50
CA ILE C 125 -19.18 22.63 -24.34
C ILE C 125 -19.40 23.85 -25.23
N GLY C 126 -19.05 25.05 -24.75
CA GLY C 126 -19.23 26.27 -25.51
C GLY C 126 -20.34 27.12 -24.93
N VAL C 127 -20.46 27.13 -23.59
CA VAL C 127 -21.54 27.80 -22.88
C VAL C 127 -20.95 28.90 -22.01
N GLU C 128 -21.50 30.11 -22.13
CA GLU C 128 -21.03 31.26 -21.36
C GLU C 128 -21.03 30.97 -19.86
N CYS C 129 -19.97 31.42 -19.18
CA CYS C 129 -19.91 31.30 -17.73
C CYS C 129 -20.16 32.68 -17.13
N ARG C 130 -21.20 32.81 -16.32
CA ARG C 130 -21.42 34.03 -15.56
C ARG C 130 -21.04 33.81 -14.10
N THR C 131 -20.28 34.73 -13.55
CA THR C 131 -19.86 34.61 -12.16
C THR C 131 -20.46 35.75 -11.38
N VAL C 132 -21.02 35.42 -10.22
CA VAL C 132 -21.40 36.39 -9.20
C VAL C 132 -20.72 35.99 -7.91
N PRO C 133 -19.63 36.68 -7.53
CA PRO C 133 -18.90 36.28 -6.31
C PRO C 133 -19.84 36.20 -5.12
N THR C 134 -19.53 35.28 -4.22
CA THR C 134 -20.23 35.25 -2.94
C THR C 134 -19.79 36.43 -2.09
N LEU C 135 -20.56 36.66 -1.02
CA LEU C 135 -20.26 37.74 -0.11
C LEU C 135 -19.01 37.42 0.70
N ALA C 136 -18.63 38.36 1.58
CA ALA C 136 -17.39 38.20 2.35
C ALA C 136 -17.38 36.92 3.17
N ASP C 137 -18.55 36.46 3.66
CA ASP C 137 -18.64 35.21 4.40
C ASP C 137 -18.96 34.00 3.50
N TRP C 138 -18.91 34.17 2.18
CA TRP C 138 -19.09 33.15 1.16
C TRP C 138 -20.54 32.69 1.04
N GLN C 139 -21.47 33.45 1.61
CA GLN C 139 -22.89 33.23 1.40
C GLN C 139 -23.30 33.93 0.11
N LEU C 140 -24.47 33.56 -0.40
CA LEU C 140 -24.88 34.03 -1.71
C LEU C 140 -25.17 35.52 -1.73
N ASP C 141 -24.77 36.17 -2.82
CA ASP C 141 -25.16 37.55 -3.15
C ASP C 141 -26.44 37.46 -3.98
N LEU C 142 -27.59 37.43 -3.31
CA LEU C 142 -28.82 37.20 -4.06
C LEU C 142 -29.17 38.37 -4.96
N PRO C 143 -29.09 39.64 -4.53
CA PRO C 143 -29.31 40.72 -5.50
C PRO C 143 -28.35 40.63 -6.67
N GLY C 144 -27.10 40.25 -6.41
CA GLY C 144 -26.14 40.15 -7.49
C GLY C 144 -26.48 39.03 -8.46
N ILE C 145 -27.06 37.95 -7.95
CA ILE C 145 -27.45 36.84 -8.82
C ILE C 145 -28.66 37.23 -9.66
N GLU C 146 -29.65 37.87 -9.03
CA GLU C 146 -30.87 38.22 -9.75
C GLU C 146 -30.57 39.15 -10.91
N ALA C 147 -29.62 40.09 -10.71
CA ALA C 147 -29.25 41.04 -11.73
C ALA C 147 -28.57 40.38 -12.93
N ARG C 148 -28.11 39.13 -12.81
CA ARG C 148 -27.42 38.47 -13.91
C ARG C 148 -28.18 37.26 -14.43
N LEU C 149 -29.43 37.07 -14.02
CA LEU C 149 -30.18 35.86 -14.36
C LEU C 149 -30.68 35.81 -15.81
N ASP C 150 -30.83 36.96 -16.47
CA ASP C 150 -31.40 36.93 -17.81
C ASP C 150 -30.44 36.22 -18.76
N GLY C 151 -30.89 35.12 -19.36
CA GLY C 151 -30.04 34.33 -20.21
C GLY C 151 -29.35 33.15 -19.55
N VAL C 152 -29.52 32.98 -18.25
CA VAL C 152 -28.98 31.84 -17.51
C VAL C 152 -30.00 30.71 -17.52
N LYS C 153 -29.54 29.51 -17.85
CA LYS C 153 -30.37 28.30 -17.79
C LYS C 153 -30.06 27.42 -16.61
N VAL C 154 -28.82 27.40 -16.11
CA VAL C 154 -28.42 26.55 -15.00
C VAL C 154 -27.60 27.36 -14.02
N VAL C 155 -28.01 27.33 -12.75
CA VAL C 155 -27.27 27.92 -11.64
C VAL C 155 -26.69 26.78 -10.80
N PHE C 156 -25.38 26.78 -10.59
CA PHE C 156 -24.72 25.81 -9.72
C PHE C 156 -24.39 26.46 -8.39
N VAL C 157 -24.77 25.80 -7.29
CA VAL C 157 -24.40 26.22 -5.94
C VAL C 157 -23.84 25.00 -5.23
N CYS C 158 -22.61 25.10 -4.77
CA CYS C 158 -21.97 24.03 -4.02
C CYS C 158 -22.26 24.23 -2.53
N SER C 159 -22.94 23.26 -1.92
CA SER C 159 -23.26 23.41 -0.50
C SER C 159 -23.28 22.05 0.17
N PRO C 160 -22.34 21.77 1.09
CA PRO C 160 -21.28 22.66 1.58
C PRO C 160 -20.29 23.03 0.49
N ASN C 161 -19.72 24.22 0.56
CA ASN C 161 -18.92 24.71 -0.54
C ASN C 161 -17.53 24.10 -0.53
N ASN C 162 -17.03 23.81 -1.73
CA ASN C 162 -15.64 23.48 -1.94
C ASN C 162 -15.02 24.67 -2.64
N PRO C 163 -13.97 25.33 -2.08
CA PRO C 163 -13.09 24.86 -1.01
C PRO C 163 -13.32 25.44 0.37
N THR C 164 -14.34 26.28 0.59
CA THR C 164 -14.38 27.07 1.82
C THR C 164 -15.03 26.32 2.97
N GLY C 165 -15.89 25.34 2.70
CA GLY C 165 -16.28 24.39 3.71
C GLY C 165 -17.64 24.62 4.35
N GLN C 166 -18.28 25.77 4.15
CA GLN C 166 -19.48 26.12 4.90
C GLN C 166 -20.74 25.78 4.12
N ILE C 167 -21.85 25.62 4.87
CA ILE C 167 -23.15 25.34 4.27
C ILE C 167 -23.79 26.67 3.87
N ILE C 168 -24.41 26.70 2.69
CA ILE C 168 -25.16 27.87 2.25
C ILE C 168 -26.47 27.94 3.04
N ASP C 169 -26.77 29.12 3.58
CA ASP C 169 -27.95 29.32 4.41
C ASP C 169 -29.19 28.76 3.70
N PRO C 170 -29.97 27.87 4.34
CA PRO C 170 -31.13 27.30 3.63
C PRO C 170 -32.13 28.33 3.15
N GLN C 171 -32.39 29.40 3.93
CA GLN C 171 -33.37 30.37 3.44
C GLN C 171 -32.88 31.04 2.16
N SER C 172 -31.56 31.19 1.99
CA SER C 172 -31.07 31.80 0.76
C SER C 172 -31.23 30.85 -0.41
N MET C 173 -31.18 29.54 -0.15
CA MET C 173 -31.46 28.58 -1.22
C MET C 173 -32.93 28.64 -1.62
N ARG C 174 -33.84 28.71 -0.64
CA ARG C 174 -35.26 28.89 -0.96
C ARG C 174 -35.47 30.16 -1.76
N ASP C 175 -34.84 31.27 -1.35
CA ASP C 175 -34.98 32.53 -2.08
C ASP C 175 -34.43 32.42 -3.51
N LEU C 176 -33.29 31.75 -3.66
CA LEU C 176 -32.75 31.52 -5.00
C LEU C 176 -33.69 30.67 -5.85
N LEU C 177 -34.28 29.64 -5.25
CA LEU C 177 -35.20 28.78 -6.00
C LEU C 177 -36.46 29.54 -6.40
N GLU C 178 -36.96 30.43 -5.54
CA GLU C 178 -38.10 31.23 -5.93
C GLU C 178 -37.73 32.20 -7.05
N MET C 179 -36.53 32.78 -6.98
CA MET C 179 -36.07 33.74 -7.98
C MET C 179 -35.93 33.09 -9.37
N THR C 180 -35.63 31.79 -9.41
CA THR C 180 -35.40 31.09 -10.66
C THR C 180 -36.59 30.29 -11.14
N ARG C 181 -37.68 30.27 -10.38
CA ARG C 181 -38.83 29.47 -10.76
C ARG C 181 -39.27 29.80 -12.18
N GLY C 182 -39.38 28.77 -13.01
CA GLY C 182 -39.77 28.97 -14.40
C GLY C 182 -38.75 29.66 -15.26
N LYS C 183 -37.53 29.89 -14.76
CA LYS C 183 -36.46 30.55 -15.51
C LYS C 183 -35.21 29.70 -15.68
N ALA C 184 -34.84 28.90 -14.68
CA ALA C 184 -33.53 28.27 -14.67
C ALA C 184 -33.58 27.04 -13.79
N ILE C 185 -32.69 26.11 -14.08
CA ILE C 185 -32.45 24.98 -13.18
C ILE C 185 -31.49 25.41 -12.09
N VAL C 186 -31.75 25.02 -10.85
CA VAL C 186 -30.86 25.29 -9.73
C VAL C 186 -30.27 23.97 -9.28
N VAL C 187 -28.94 23.88 -9.28
CA VAL C 187 -28.24 22.64 -8.97
C VAL C 187 -27.50 22.83 -7.66
N ALA C 188 -27.89 22.04 -6.67
CA ALA C 188 -27.18 22.01 -5.39
C ALA C 188 -26.17 20.87 -5.44
N ASP C 189 -24.88 21.21 -5.42
CA ASP C 189 -23.82 20.22 -5.51
C ASP C 189 -23.54 19.74 -4.10
N GLU C 190 -23.97 18.51 -3.81
CA GLU C 190 -23.90 17.97 -2.46
C GLU C 190 -22.88 16.84 -2.38
N ALA C 191 -21.77 16.99 -3.11
CA ALA C 191 -20.69 16.02 -3.06
C ALA C 191 -20.21 15.72 -1.63
N TYR C 192 -20.32 16.69 -0.71
CA TYR C 192 -19.83 16.53 0.67
C TYR C 192 -20.96 16.46 1.69
N ILE C 193 -22.21 16.25 1.25
CA ILE C 193 -23.34 16.29 2.17
C ILE C 193 -23.33 15.16 3.20
N GLU C 194 -22.65 14.05 2.92
CA GLU C 194 -22.55 12.99 3.92
C GLU C 194 -21.90 13.46 5.20
N PHE C 195 -21.11 14.53 5.16
CA PHE C 195 -20.49 15.01 6.38
C PHE C 195 -21.42 15.92 7.19
N CYS C 196 -22.53 16.31 6.61
CA CYS C 196 -23.53 17.14 7.25
C CYS C 196 -24.89 16.76 6.70
N PRO C 197 -25.32 15.50 6.92
CA PRO C 197 -26.51 14.99 6.22
C PRO C 197 -27.80 15.73 6.53
N GLN C 198 -27.90 16.34 7.71
CA GLN C 198 -29.14 17.02 8.03
C GLN C 198 -29.33 18.30 7.21
N ALA C 199 -28.31 18.75 6.51
CA ALA C 199 -28.41 19.96 5.69
C ALA C 199 -28.81 19.68 4.25
N THR C 200 -29.14 18.44 3.89
CA THR C 200 -29.41 18.17 2.48
C THR C 200 -30.67 18.88 2.02
N LEU C 201 -30.70 19.24 0.73
CA LEU C 201 -31.91 19.76 0.10
C LEU C 201 -32.71 18.69 -0.63
N ALA C 202 -32.32 17.41 -0.51
CA ALA C 202 -32.99 16.38 -1.31
C ALA C 202 -34.46 16.26 -0.97
N GLY C 203 -34.84 16.59 0.28
CA GLY C 203 -36.23 16.52 0.68
C GLY C 203 -37.08 17.66 0.15
N TRP C 204 -36.47 18.64 -0.54
CA TRP C 204 -37.21 19.77 -1.04
C TRP C 204 -37.78 19.57 -2.44
N LEU C 205 -37.60 18.38 -3.03
CA LEU C 205 -37.98 18.20 -4.43
C LEU C 205 -39.45 18.52 -4.66
N SER C 206 -40.33 18.16 -3.71
CA SER C 206 -41.76 18.38 -3.93
C SER C 206 -42.12 19.86 -4.00
N ASP C 207 -41.29 20.75 -3.45
CA ASP C 207 -41.52 22.19 -3.48
C ASP C 207 -41.03 22.86 -4.75
N TYR C 208 -40.06 22.27 -5.45
CA TYR C 208 -39.32 22.96 -6.50
C TYR C 208 -39.11 22.06 -7.70
N PRO C 209 -39.91 22.23 -8.76
CA PRO C 209 -39.72 21.40 -9.97
C PRO C 209 -38.35 21.54 -10.59
N HIS C 210 -37.64 22.64 -10.35
CA HIS C 210 -36.39 22.94 -11.02
C HIS C 210 -35.17 22.73 -10.13
N LEU C 211 -35.34 22.14 -8.95
CA LEU C 211 -34.21 21.83 -8.07
C LEU C 211 -33.57 20.51 -8.45
N VAL C 212 -32.25 20.49 -8.49
CA VAL C 212 -31.47 19.31 -8.82
C VAL C 212 -30.36 19.18 -7.77
N VAL C 213 -30.12 17.96 -7.30
CA VAL C 213 -29.09 17.69 -6.30
C VAL C 213 -28.08 16.71 -6.87
N LEU C 214 -26.79 17.07 -6.78
CA LEU C 214 -25.71 16.20 -7.19
C LEU C 214 -25.12 15.48 -6.00
N ARG C 215 -24.93 14.16 -6.13
CA ARG C 215 -24.35 13.33 -5.09
C ARG C 215 -23.20 12.51 -5.67
N THR C 216 -22.34 12.01 -4.80
CA THR C 216 -21.20 11.21 -5.24
C THR C 216 -20.92 10.06 -4.28
N LEU C 217 -20.32 8.99 -4.81
CA LEU C 217 -19.68 7.99 -3.96
C LEU C 217 -18.19 8.24 -3.74
N SER C 218 -17.68 9.40 -4.18
CA SER C 218 -16.24 9.59 -4.20
C SER C 218 -15.63 10.00 -2.87
N LYS C 219 -16.43 10.51 -1.92
CA LYS C 219 -15.86 11.20 -0.76
C LYS C 219 -16.12 10.37 0.49
N ALA C 220 -17.24 10.58 1.20
CA ALA C 220 -17.50 9.80 2.42
C ALA C 220 -17.62 8.32 2.10
N PHE C 221 -18.19 7.97 0.95
CA PHE C 221 -18.36 6.57 0.61
C PHE C 221 -17.03 5.89 0.26
N ALA C 222 -15.95 6.67 0.08
CA ALA C 222 -14.59 6.15 -0.07
C ALA C 222 -14.45 5.33 -1.35
N LEU C 223 -15.12 5.77 -2.42
CA LEU C 223 -15.16 5.03 -3.67
C LEU C 223 -14.89 5.93 -4.86
N ALA C 224 -13.92 6.85 -4.71
CA ALA C 224 -13.58 7.73 -5.81
C ALA C 224 -13.08 6.96 -7.01
N GLY C 225 -12.47 5.79 -6.79
CA GLY C 225 -12.00 4.99 -7.91
C GLY C 225 -13.11 4.37 -8.75
N LEU C 226 -14.35 4.35 -8.25
CA LEU C 226 -15.47 3.80 -9.01
C LEU C 226 -15.99 4.75 -10.07
N ARG C 227 -15.80 6.05 -9.88
CA ARG C 227 -16.40 7.09 -10.72
C ARG C 227 -17.92 6.90 -10.80
N CYS C 228 -18.57 6.95 -9.63
CA CYS C 228 -20.01 6.73 -9.57
C CYS C 228 -20.63 7.89 -8.81
N GLY C 229 -21.58 8.60 -9.46
CA GLY C 229 -22.31 9.66 -8.82
C GLY C 229 -23.78 9.60 -9.20
N PHE C 230 -24.57 10.48 -8.59
CA PHE C 230 -26.01 10.45 -8.79
C PHE C 230 -26.53 11.86 -8.96
N THR C 231 -27.61 11.97 -9.73
CA THR C 231 -28.35 13.21 -9.83
C THR C 231 -29.73 12.92 -9.25
N LEU C 232 -30.18 13.76 -8.31
CA LEU C 232 -31.49 13.63 -7.70
C LEU C 232 -32.35 14.80 -8.17
N ALA C 233 -33.53 14.50 -8.70
CA ALA C 233 -34.36 15.54 -9.29
C ALA C 233 -35.77 14.99 -9.44
N ASN C 234 -36.73 15.89 -9.62
CA ASN C 234 -38.06 15.42 -9.98
C ASN C 234 -38.00 14.63 -11.28
N ALA C 235 -38.95 13.70 -11.44
CA ALA C 235 -38.89 12.77 -12.57
C ALA C 235 -38.86 13.49 -13.91
N GLU C 236 -39.54 14.64 -14.02
CA GLU C 236 -39.53 15.38 -15.27
C GLU C 236 -38.12 15.81 -15.65
N VAL C 237 -37.30 16.16 -14.66
CA VAL C 237 -35.92 16.56 -14.95
C VAL C 237 -35.06 15.34 -15.26
N ILE C 238 -35.19 14.26 -14.48
CA ILE C 238 -34.49 13.03 -14.77
C ILE C 238 -34.75 12.57 -16.21
N ASN C 239 -36.00 12.65 -16.64
CA ASN C 239 -36.35 12.16 -17.97
C ASN C 239 -35.71 12.98 -19.08
N VAL C 240 -35.53 14.29 -18.85
CA VAL C 240 -34.79 15.11 -19.80
C VAL C 240 -33.31 14.70 -19.82
N LEU C 241 -32.69 14.54 -18.65
CA LEU C 241 -31.28 14.17 -18.60
C LEU C 241 -31.04 12.81 -19.24
N LEU C 242 -31.98 11.88 -19.08
CA LEU C 242 -31.81 10.58 -19.71
C LEU C 242 -31.85 10.64 -21.22
N LYS C 243 -32.34 11.75 -21.79
CA LYS C 243 -32.27 11.89 -23.24
C LYS C 243 -30.86 12.21 -23.74
N VAL C 244 -29.99 12.76 -22.90
CA VAL C 244 -28.65 13.17 -23.35
C VAL C 244 -27.53 12.31 -22.80
N ILE C 245 -27.83 11.39 -21.88
CA ILE C 245 -26.79 10.55 -21.29
C ILE C 245 -26.30 9.50 -22.29
N ALA C 246 -25.05 9.08 -22.13
CA ALA C 246 -24.53 7.96 -22.89
C ALA C 246 -25.38 6.72 -22.68
N PRO C 247 -25.47 5.84 -23.68
CA PRO C 247 -26.32 4.63 -23.53
C PRO C 247 -25.95 3.78 -22.34
N TYR C 248 -24.66 3.59 -22.09
CA TYR C 248 -24.18 2.70 -21.03
C TYR C 248 -23.13 3.44 -20.22
N PRO C 249 -23.55 4.35 -19.36
CA PRO C 249 -22.59 5.22 -18.66
C PRO C 249 -21.87 4.56 -17.49
N LEU C 250 -22.38 3.44 -16.99
CA LEU C 250 -21.80 2.76 -15.83
C LEU C 250 -21.42 1.35 -16.23
N SER C 251 -20.16 0.97 -15.97
CA SER C 251 -19.74 -0.38 -16.26
C SER C 251 -20.31 -1.34 -15.22
N THR C 252 -20.34 -2.62 -15.61
CA THR C 252 -20.88 -3.62 -14.69
C THR C 252 -20.08 -3.76 -13.40
N PRO C 253 -18.74 -3.77 -13.42
CA PRO C 253 -18.02 -3.85 -12.15
C PRO C 253 -18.37 -2.71 -11.21
N VAL C 254 -18.52 -1.51 -11.75
CA VAL C 254 -18.86 -0.35 -10.91
C VAL C 254 -20.27 -0.51 -10.35
N ALA C 255 -21.24 -0.89 -11.19
CA ALA C 255 -22.60 -1.11 -10.71
C ALA C 255 -22.62 -2.18 -9.62
N ASP C 256 -21.87 -3.25 -9.83
CA ASP C 256 -21.76 -4.35 -8.87
C ASP C 256 -21.27 -3.84 -7.52
N ILE C 257 -20.14 -3.14 -7.53
CA ILE C 257 -19.58 -2.63 -6.28
C ILE C 257 -20.48 -1.55 -5.68
N ALA C 258 -21.01 -0.67 -6.52
CA ALA C 258 -21.87 0.39 -5.98
C ALA C 258 -23.06 -0.19 -5.25
N ALA C 259 -23.65 -1.26 -5.79
CA ALA C 259 -24.79 -1.88 -5.12
C ALA C 259 -24.37 -2.48 -3.78
N GLN C 260 -23.17 -3.06 -3.71
CA GLN C 260 -22.70 -3.60 -2.42
C GLN C 260 -22.49 -2.48 -1.42
N ALA C 261 -21.89 -1.36 -1.86
CA ALA C 261 -21.62 -0.25 -0.96
C ALA C 261 -22.89 0.43 -0.47
N LEU C 262 -24.01 0.23 -1.15
CA LEU C 262 -25.25 0.91 -0.80
C LEU C 262 -26.22 -0.02 -0.07
N SER C 263 -25.77 -1.22 0.31
CA SER C 263 -26.56 -2.07 1.18
C SER C 263 -26.71 -1.39 2.54
N PRO C 264 -27.69 -1.82 3.35
CA PRO C 264 -27.78 -1.27 4.72
C PRO C 264 -26.47 -1.36 5.48
N GLU C 265 -25.75 -2.49 5.36
CA GLU C 265 -24.43 -2.62 5.97
C GLU C 265 -23.46 -1.59 5.42
N GLY C 266 -23.51 -1.34 4.10
CA GLY C 266 -22.62 -0.37 3.50
C GLY C 266 -22.94 1.05 3.93
N ILE C 267 -24.23 1.38 4.07
CA ILE C 267 -24.60 2.70 4.56
C ILE C 267 -24.09 2.91 5.98
N ALA C 268 -24.23 1.88 6.82
CA ALA C 268 -23.73 1.97 8.19
C ALA C 268 -22.22 2.17 8.21
N ALA C 269 -21.51 1.46 7.33
CA ALA C 269 -20.05 1.60 7.28
C ALA C 269 -19.65 3.00 6.86
N MET C 270 -20.35 3.56 5.87
CA MET C 270 -20.12 4.94 5.46
C MET C 270 -20.37 5.89 6.63
N ARG C 271 -21.44 5.68 7.40
CA ARG C 271 -21.69 6.62 8.48
C ARG C 271 -20.60 6.58 9.55
N GLN C 272 -19.94 5.43 9.71
CA GLN C 272 -18.80 5.37 10.63
C GLN C 272 -17.59 6.08 10.05
N ARG C 273 -17.40 5.98 8.73
CA ARG C 273 -16.34 6.73 8.07
C ARG C 273 -16.53 8.22 8.30
N VAL C 274 -17.77 8.69 8.24
CA VAL C 274 -18.07 10.09 8.47
C VAL C 274 -17.74 10.45 9.92
N ALA C 275 -18.16 9.62 10.87
CA ALA C 275 -17.86 9.90 12.27
C ALA C 275 -16.35 9.97 12.49
N GLN C 276 -15.59 9.10 11.83
CA GLN C 276 -14.13 9.14 11.97
C GLN C 276 -13.56 10.45 11.45
N ILE C 277 -14.06 10.90 10.28
CA ILE C 277 -13.53 12.14 9.70
C ILE C 277 -13.87 13.34 10.58
N LEU C 278 -15.10 13.41 11.09
CA LEU C 278 -15.48 14.55 11.92
C LEU C 278 -14.62 14.63 13.18
N ASP C 279 -14.28 13.47 13.74
CA ASP C 279 -13.44 13.49 14.94
C ASP C 279 -12.03 13.94 14.58
N GLU C 280 -11.49 13.43 13.47
CA GLU C 280 -10.16 13.87 13.05
C GLU C 280 -10.17 15.35 12.70
N ARG C 281 -11.25 15.83 12.09
CA ARG C 281 -11.33 17.23 11.72
C ARG C 281 -11.23 18.13 12.95
N ARG C 282 -11.93 17.77 14.03
CA ARG C 282 -11.81 18.56 15.25
CA ARG C 282 -11.81 18.53 15.28
C ARG C 282 -10.37 18.56 15.77
N TYR C 283 -9.69 17.42 15.74
CA TYR C 283 -8.30 17.40 16.18
C TYR C 283 -7.45 18.32 15.30
N LEU C 284 -7.51 18.13 13.98
CA LEU C 284 -6.65 18.91 13.09
C LEU C 284 -6.88 20.40 13.26
N VAL C 285 -8.14 20.82 13.39
CA VAL C 285 -8.45 22.24 13.49
C VAL C 285 -7.91 22.82 14.80
N GLU C 286 -8.09 22.09 15.90
CA GLU C 286 -7.55 22.56 17.18
C GLU C 286 -6.04 22.73 17.11
N GLN C 287 -5.36 21.80 16.45
CA GLN C 287 -3.90 21.85 16.38
C GLN C 287 -3.43 22.95 15.45
N LEU C 288 -4.12 23.15 14.32
CA LEU C 288 -3.73 24.18 13.36
C LEU C 288 -3.88 25.57 13.97
N ARG C 289 -4.85 25.78 14.87
CA ARG C 289 -5.05 27.11 15.40
C ARG C 289 -3.94 27.56 16.33
N GLY C 290 -3.09 26.65 16.78
CA GLY C 290 -1.94 27.00 17.57
C GLY C 290 -0.64 27.15 16.81
N ILE C 291 -0.64 26.97 15.50
CA ILE C 291 0.58 27.04 14.71
C ILE C 291 0.77 28.47 14.20
N ALA C 292 2.02 28.95 14.26
CA ALA C 292 2.28 30.36 14.05
C ALA C 292 2.01 30.80 12.62
N CYS C 293 2.31 29.95 11.63
CA CYS C 293 2.10 30.37 10.26
C CYS C 293 0.63 30.32 9.84
N VAL C 294 -0.25 29.81 10.69
CA VAL C 294 -1.68 29.66 10.38
C VAL C 294 -2.40 30.93 10.85
N GLU C 295 -2.82 31.77 9.91
CA GLU C 295 -3.54 32.99 10.29
C GLU C 295 -4.95 32.66 10.77
N GLN C 296 -5.67 31.80 10.05
CA GLN C 296 -7.04 31.50 10.42
C GLN C 296 -7.45 30.17 9.79
N VAL C 297 -8.21 29.37 10.54
CA VAL C 297 -8.81 28.13 10.05
C VAL C 297 -10.31 28.35 9.97
N PHE C 298 -10.88 28.10 8.81
CA PHE C 298 -12.29 28.40 8.60
C PHE C 298 -13.16 27.19 8.92
N ASP C 299 -14.34 27.47 9.47
CA ASP C 299 -15.30 26.44 9.82
C ASP C 299 -15.58 25.53 8.64
N SER C 300 -15.67 24.23 8.91
CA SER C 300 -15.90 23.25 7.86
C SER C 300 -17.05 22.33 8.24
N GLU C 301 -17.84 21.98 7.24
CA GLU C 301 -18.88 20.95 7.35
C GLU C 301 -18.57 19.79 6.42
N THR C 302 -17.27 19.61 6.12
CA THR C 302 -16.84 18.66 5.10
C THR C 302 -15.68 17.83 5.62
N ASN C 303 -15.01 17.09 4.74
CA ASN C 303 -13.77 16.39 5.04
C ASN C 303 -12.54 17.17 4.59
N TYR C 304 -12.60 18.50 4.66
CA TYR C 304 -11.43 19.33 4.40
C TYR C 304 -11.59 20.62 5.17
N VAL C 305 -10.47 21.31 5.40
CA VAL C 305 -10.49 22.61 6.06
C VAL C 305 -9.69 23.60 5.23
N LEU C 306 -10.23 24.81 5.09
CA LEU C 306 -9.51 25.90 4.45
C LEU C 306 -8.79 26.72 5.51
N ALA C 307 -7.50 26.93 5.33
CA ALA C 307 -6.69 27.66 6.31
C ALA C 307 -5.94 28.76 5.58
N ARG C 308 -6.02 29.98 6.11
CA ARG C 308 -5.20 31.06 5.59
C ARG C 308 -3.86 30.99 6.30
N ILE C 309 -2.79 31.12 5.52
CA ILE C 309 -1.44 30.86 6.00
C ILE C 309 -0.51 31.96 5.50
N THR C 310 0.37 32.44 6.38
CA THR C 310 1.33 33.47 6.01
C THR C 310 2.32 32.92 4.98
N ALA C 311 2.51 33.68 3.89
CA ALA C 311 3.36 33.28 2.77
C ALA C 311 2.99 31.88 2.29
N SER C 312 1.68 31.69 2.06
CA SER C 312 1.17 30.35 1.79
C SER C 312 1.85 29.69 0.61
N SER C 313 2.24 30.47 -0.40
CA SER C 313 2.83 29.88 -1.61
C SER C 313 4.15 29.21 -1.31
N ALA C 314 4.97 29.82 -0.45
CA ALA C 314 6.23 29.19 -0.04
C ALA C 314 5.98 27.99 0.86
N VAL C 315 4.99 28.09 1.75
CA VAL C 315 4.64 26.99 2.64
C VAL C 315 4.11 25.81 1.83
N PHE C 316 3.26 26.09 0.84
CA PHE C 316 2.74 25.04 -0.04
C PHE C 316 3.86 24.30 -0.75
N LYS C 317 4.79 25.05 -1.34
CA LYS C 317 5.92 24.42 -2.01
C LYS C 317 6.77 23.65 -1.02
N SER C 318 6.99 24.21 0.17
CA SER C 318 7.79 23.53 1.19
C SER C 318 7.21 22.17 1.54
N LEU C 319 5.91 22.12 1.87
CA LEU C 319 5.31 20.83 2.24
C LEU C 319 5.27 19.88 1.05
N TRP C 320 4.99 20.42 -0.14
CA TRP C 320 5.02 19.60 -1.35
C TRP C 320 6.37 18.92 -1.52
N ASP C 321 7.45 19.69 -1.39
CA ASP C 321 8.79 19.12 -1.53
C ASP C 321 9.10 18.13 -0.40
N GLN C 322 8.38 18.20 0.72
CA GLN C 322 8.46 17.21 1.78
C GLN C 322 7.51 16.03 1.56
N GLY C 323 6.81 15.98 0.43
CA GLY C 323 5.91 14.87 0.18
C GLY C 323 4.57 14.97 0.90
N ILE C 324 4.17 16.17 1.31
CA ILE C 324 2.85 16.42 1.86
C ILE C 324 2.10 17.26 0.83
N ILE C 325 1.10 16.67 0.20
CA ILE C 325 0.43 17.29 -0.94
C ILE C 325 -0.91 17.83 -0.48
N LEU C 326 -1.03 19.15 -0.50
CA LEU C 326 -2.27 19.84 -0.21
C LEU C 326 -2.82 20.42 -1.51
N ARG C 327 -3.84 21.27 -1.38
CA ARG C 327 -4.46 21.93 -2.52
C ARG C 327 -4.34 23.44 -2.34
N ASP C 328 -3.51 24.06 -3.17
CA ASP C 328 -3.33 25.49 -3.16
C ASP C 328 -4.56 26.19 -3.71
N GLN C 329 -5.06 27.18 -2.97
CA GLN C 329 -6.23 27.95 -3.39
C GLN C 329 -5.92 29.45 -3.47
N ASN C 330 -4.63 29.81 -3.51
CA ASN C 330 -4.20 31.20 -3.43
C ASN C 330 -4.73 32.07 -4.57
N LYS C 331 -5.01 31.47 -5.74
CA LYS C 331 -5.50 32.21 -6.89
C LYS C 331 -7.02 32.29 -6.96
N GLN C 332 -7.74 31.65 -6.03
CA GLN C 332 -9.18 31.79 -6.00
C GLN C 332 -9.58 33.17 -5.51
N PRO C 333 -10.67 33.74 -6.03
CA PRO C 333 -11.16 35.03 -5.53
C PRO C 333 -11.40 34.97 -4.02
N SER C 334 -10.87 35.97 -3.30
CA SER C 334 -10.95 36.19 -1.86
C SER C 334 -10.09 35.22 -1.06
N LEU C 335 -9.44 34.24 -1.68
CA LEU C 335 -8.75 33.20 -0.94
C LEU C 335 -7.24 33.38 -0.96
N SER C 336 -6.75 34.59 -1.12
CA SER C 336 -5.31 34.83 -1.04
C SER C 336 -4.77 34.21 0.25
N GLY C 337 -3.67 33.47 0.12
CA GLY C 337 -3.02 32.87 1.27
C GLY C 337 -3.62 31.57 1.78
N CYS C 338 -4.62 31.01 1.10
CA CYS C 338 -5.38 29.88 1.63
C CYS C 338 -4.97 28.56 0.97
N LEU C 339 -4.76 27.54 1.80
CA LEU C 339 -4.54 26.16 1.37
C LEU C 339 -5.68 25.29 1.91
N ARG C 340 -6.15 24.36 1.09
CA ARG C 340 -7.22 23.44 1.48
C ARG C 340 -6.59 22.10 1.87
N ILE C 341 -6.83 21.67 3.11
CA ILE C 341 -6.23 20.48 3.67
C ILE C 341 -7.32 19.43 3.82
N THR C 342 -7.20 18.32 3.10
CA THR C 342 -8.14 17.23 3.30
C THR C 342 -7.91 16.57 4.66
N ILE C 343 -8.99 16.09 5.27
CA ILE C 343 -8.88 15.34 6.51
C ILE C 343 -8.52 13.90 6.17
N GLY C 344 -7.35 13.46 6.61
CA GLY C 344 -6.87 12.12 6.37
C GLY C 344 -6.82 11.32 7.65
N THR C 345 -5.81 10.46 7.79
CA THR C 345 -5.58 9.76 9.04
C THR C 345 -4.93 10.69 10.06
N ARG C 346 -4.88 10.21 11.31
CA ARG C 346 -4.21 10.97 12.37
C ARG C 346 -2.73 11.18 12.08
N ALA C 347 -2.05 10.14 11.58
CA ALA C 347 -0.63 10.27 11.24
C ALA C 347 -0.43 11.25 10.08
N GLU C 348 -1.39 11.30 9.16
CA GLU C 348 -1.32 12.30 8.09
C GLU C 348 -1.56 13.71 8.65
N SER C 349 -2.56 13.88 9.52
CA SER C 349 -2.74 15.15 10.19
C SER C 349 -1.47 15.59 10.92
N GLN C 350 -0.79 14.64 11.56
CA GLN C 350 0.40 15.01 12.34
C GLN C 350 1.55 15.42 11.42
N ARG C 351 1.67 14.79 10.25
CA ARG C 351 2.68 15.24 9.29
C ARG C 351 2.43 16.71 8.93
N VAL C 352 1.17 17.05 8.67
CA VAL C 352 0.81 18.43 8.36
C VAL C 352 1.16 19.36 9.52
N ILE C 353 0.73 18.99 10.73
CA ILE C 353 0.95 19.84 11.90
C ILE C 353 2.44 20.06 12.10
N ASP C 354 3.24 19.00 11.97
CA ASP C 354 4.66 19.11 12.19
C ASP C 354 5.33 19.97 11.12
N ALA C 355 5.00 19.73 9.85
CA ALA C 355 5.61 20.50 8.78
C ALA C 355 5.30 21.98 8.91
N LEU C 356 4.04 22.31 9.25
CA LEU C 356 3.64 23.71 9.39
C LEU C 356 4.32 24.35 10.58
N THR C 357 4.46 23.63 11.69
CA THR C 357 5.16 24.17 12.84
C THR C 357 6.63 24.44 12.50
N ALA C 358 7.24 23.55 11.71
CA ALA C 358 8.65 23.67 11.34
C ALA C 358 8.90 24.80 10.35
N GLU C 359 7.86 25.43 9.80
CA GLU C 359 8.08 26.60 8.96
C GLU C 359 8.60 27.79 9.78
N ASN C 360 8.13 27.91 11.02
CA ASN C 360 8.59 28.95 11.95
C ASN C 360 8.49 30.35 11.35
N MET D 9 -42.29 28.61 -17.64
CA MET D 9 -41.80 27.54 -18.53
C MET D 9 -41.62 26.20 -17.80
N SER D 10 -42.22 25.14 -18.36
CA SER D 10 -42.03 23.79 -17.84
C SER D 10 -40.57 23.35 -18.04
N ILE D 11 -40.22 22.25 -17.38
CA ILE D 11 -38.85 21.74 -17.48
C ILE D 11 -38.46 21.49 -18.92
N GLU D 12 -39.30 20.77 -19.64
CA GLU D 12 -38.99 20.43 -21.03
C GLU D 12 -38.85 21.67 -21.89
N ASP D 13 -39.59 22.74 -21.56
CA ASP D 13 -39.44 23.98 -22.31
C ASP D 13 -38.11 24.66 -22.03
N LEU D 14 -37.52 24.41 -20.86
CA LEU D 14 -36.18 24.93 -20.57
C LEU D 14 -35.09 24.15 -21.31
N ALA D 15 -35.33 22.88 -21.64
CA ALA D 15 -34.33 22.10 -22.36
C ALA D 15 -34.08 22.69 -23.75
N ARG D 16 -32.90 22.36 -24.29
CA ARG D 16 -32.60 22.74 -25.67
CA ARG D 16 -32.59 22.72 -25.67
C ARG D 16 -33.62 22.12 -26.61
N ALA D 17 -33.95 22.85 -27.69
CA ALA D 17 -34.96 22.37 -28.62
C ALA D 17 -34.57 21.02 -29.22
N ASN D 18 -33.29 20.83 -29.56
CA ASN D 18 -32.91 19.55 -30.16
C ASN D 18 -33.09 18.41 -29.16
N VAL D 19 -32.87 18.69 -27.88
CA VAL D 19 -32.98 17.67 -26.84
C VAL D 19 -34.41 17.21 -26.65
N ARG D 20 -35.39 18.11 -26.84
CA ARG D 20 -36.79 17.72 -26.69
CA ARG D 20 -36.79 17.71 -26.67
C ARG D 20 -37.17 16.57 -27.61
N ALA D 21 -36.55 16.49 -28.78
CA ALA D 21 -36.92 15.47 -29.76
C ALA D 21 -36.08 14.21 -29.64
N LEU D 22 -35.09 14.17 -28.75
CA LEU D 22 -34.33 12.96 -28.55
C LEU D 22 -35.17 11.93 -27.80
N THR D 23 -34.86 10.68 -28.01
CA THR D 23 -35.47 9.59 -27.28
C THR D 23 -34.46 8.99 -26.30
N PRO D 24 -34.87 8.73 -25.05
CA PRO D 24 -33.95 8.05 -24.13
C PRO D 24 -33.63 6.65 -24.65
N TYR D 25 -32.41 6.19 -24.34
CA TYR D 25 -31.99 4.88 -24.81
C TYR D 25 -32.70 3.81 -23.99
N GLN D 26 -33.57 3.04 -24.66
CA GLN D 26 -34.30 1.96 -24.03
C GLN D 26 -33.67 0.63 -24.42
N SER D 27 -33.54 -0.25 -23.43
CA SER D 27 -33.10 -1.62 -23.65
C SER D 27 -34.27 -2.54 -23.36
N ALA D 28 -34.74 -3.28 -24.37
CA ALA D 28 -35.84 -4.19 -24.17
C ALA D 28 -35.38 -5.47 -23.49
N ARG D 29 -34.27 -5.37 -22.77
CA ARG D 29 -33.61 -6.54 -22.21
C ARG D 29 -34.20 -6.87 -20.85
N ARG D 30 -34.65 -8.12 -20.71
CA ARG D 30 -35.23 -8.58 -19.46
C ARG D 30 -34.13 -9.12 -18.56
N LEU D 31 -34.52 -9.52 -17.35
CA LEU D 31 -33.63 -10.24 -16.45
C LEU D 31 -32.95 -11.38 -17.19
N GLY D 32 -31.64 -11.50 -17.02
CA GLY D 32 -31.02 -12.78 -17.21
C GLY D 32 -31.81 -13.72 -16.31
N GLY D 33 -32.24 -14.85 -16.83
CA GLY D 33 -33.14 -15.73 -16.10
C GLY D 33 -34.46 -15.98 -16.79
N LYS D 34 -34.81 -15.21 -17.82
CA LYS D 34 -35.94 -15.55 -18.66
C LYS D 34 -35.57 -16.54 -19.76
N GLY D 35 -34.28 -16.78 -19.99
CA GLY D 35 -33.85 -17.68 -21.05
C GLY D 35 -33.83 -17.07 -22.43
N ASP D 36 -33.97 -15.75 -22.55
CA ASP D 36 -33.93 -15.14 -23.86
C ASP D 36 -32.57 -15.38 -24.51
N VAL D 37 -32.58 -15.56 -25.83
CA VAL D 37 -31.36 -15.75 -26.61
C VAL D 37 -30.99 -14.38 -27.17
N TRP D 38 -29.88 -13.81 -26.71
CA TRP D 38 -29.49 -12.44 -27.06
C TRP D 38 -28.51 -12.51 -28.22
N LEU D 39 -28.98 -12.21 -29.41
CA LEU D 39 -28.13 -12.18 -30.59
C LEU D 39 -28.30 -10.86 -31.30
N ASN D 40 -28.40 -9.79 -30.52
CA ASN D 40 -28.82 -8.50 -31.06
C ASN D 40 -27.84 -7.37 -30.83
N ALA D 41 -26.74 -7.60 -30.09
CA ALA D 41 -25.83 -6.51 -29.72
C ALA D 41 -24.39 -6.83 -30.05
N ASN D 42 -24.16 -7.91 -30.79
CA ASN D 42 -22.83 -8.31 -31.24
C ASN D 42 -21.89 -8.58 -30.07
N GLU D 43 -22.45 -9.05 -28.96
CA GLU D 43 -21.65 -9.44 -27.82
C GLU D 43 -21.07 -10.83 -28.04
N PHE D 44 -19.86 -11.05 -27.52
CA PHE D 44 -19.36 -12.42 -27.45
C PHE D 44 -20.29 -13.23 -26.55
N PRO D 45 -20.62 -14.47 -26.91
CA PRO D 45 -21.76 -15.13 -26.26
C PRO D 45 -21.48 -15.68 -24.86
N THR D 46 -20.24 -15.79 -24.41
CA THR D 46 -19.85 -16.44 -23.17
CA THR D 46 -20.01 -16.36 -23.10
C THR D 46 -19.04 -15.49 -22.31
N ALA D 47 -19.21 -15.57 -20.99
CA ALA D 47 -18.44 -14.73 -20.09
C ALA D 47 -17.02 -15.25 -19.94
N VAL D 48 -16.07 -14.31 -19.90
CA VAL D 48 -14.70 -14.54 -19.45
C VAL D 48 -14.57 -13.86 -18.10
N ALA D 49 -14.17 -14.62 -17.08
CA ALA D 49 -14.23 -14.12 -15.71
C ALA D 49 -12.94 -13.43 -15.33
N PHE D 50 -13.08 -12.31 -14.61
CA PHE D 50 -11.95 -11.58 -14.06
C PHE D 50 -12.30 -11.11 -12.66
N GLN D 51 -11.29 -11.05 -11.79
CA GLN D 51 -11.47 -10.47 -10.47
CA GLN D 51 -11.41 -10.52 -10.44
C GLN D 51 -10.49 -9.33 -10.28
N LEU D 52 -10.84 -8.41 -9.37
CA LEU D 52 -9.99 -7.26 -9.09
C LEU D 52 -8.69 -7.70 -8.42
N THR D 53 -7.61 -6.98 -8.74
CA THR D 53 -6.31 -7.20 -8.09
C THR D 53 -5.80 -5.99 -7.33
N GLU D 54 -6.47 -4.83 -7.45
CA GLU D 54 -5.99 -3.58 -6.88
CA GLU D 54 -6.00 -3.57 -6.88
C GLU D 54 -7.10 -2.99 -6.00
N GLN D 55 -6.88 -2.99 -4.69
CA GLN D 55 -7.87 -2.48 -3.74
C GLN D 55 -7.45 -1.06 -3.34
N THR D 56 -7.75 -0.10 -4.22
CA THR D 56 -7.36 1.30 -4.06
C THR D 56 -8.54 2.24 -4.26
N LEU D 57 -9.77 1.75 -4.08
CA LEU D 57 -10.94 2.44 -4.62
C LEU D 57 -11.26 3.74 -3.89
N ASN D 58 -10.59 4.03 -2.77
CA ASN D 58 -10.76 5.33 -2.14
C ASN D 58 -10.06 6.45 -2.92
N ARG D 59 -9.10 6.11 -3.78
CA ARG D 59 -8.34 7.11 -4.53
C ARG D 59 -8.90 7.24 -5.93
N TYR D 60 -8.85 8.47 -6.47
CA TYR D 60 -9.19 8.67 -7.87
C TYR D 60 -8.26 7.82 -8.74
N PRO D 61 -8.75 7.33 -9.87
CA PRO D 61 -7.88 6.56 -10.78
C PRO D 61 -6.92 7.49 -11.49
N GLU D 62 -6.00 6.89 -12.24
CA GLU D 62 -5.23 7.66 -13.19
C GLU D 62 -6.18 8.27 -14.23
N PRO D 63 -5.96 9.51 -14.63
CA PRO D 63 -6.79 10.08 -15.72
C PRO D 63 -6.73 9.26 -17.00
N GLN D 64 -5.56 8.73 -17.33
CA GLN D 64 -5.37 7.85 -18.48
C GLN D 64 -4.45 6.74 -18.03
N PRO D 65 -5.00 5.62 -17.56
CA PRO D 65 -4.19 4.59 -16.86
C PRO D 65 -3.07 4.02 -17.72
N LYS D 66 -1.83 4.15 -17.21
CA LYS D 66 -0.65 3.85 -18.00
C LYS D 66 -0.57 2.39 -18.41
N ALA D 67 -0.86 1.47 -17.48
CA ALA D 67 -0.74 0.05 -17.78
C ALA D 67 -1.74 -0.38 -18.85
N VAL D 68 -2.91 0.27 -18.90
CA VAL D 68 -3.86 -0.04 -19.96
C VAL D 68 -3.39 0.56 -21.28
N ILE D 69 -3.00 1.83 -21.26
CA ILE D 69 -2.56 2.50 -22.48
CA ILE D 69 -2.55 2.52 -22.47
C ILE D 69 -1.36 1.79 -23.09
N GLU D 70 -0.36 1.47 -22.25
CA GLU D 70 0.86 0.84 -22.76
C GLU D 70 0.60 -0.60 -23.22
N SER D 71 -0.28 -1.32 -22.53
CA SER D 71 -0.64 -2.66 -22.98
C SER D 71 -1.42 -2.61 -24.30
N TYR D 72 -2.37 -1.69 -24.44
CA TYR D 72 -3.11 -1.64 -25.70
C TYR D 72 -2.20 -1.23 -26.85
N ALA D 73 -1.33 -0.25 -26.63
CA ALA D 73 -0.42 0.20 -27.69
C ALA D 73 0.49 -0.92 -28.17
N ARG D 74 0.96 -1.76 -27.25
CA ARG D 74 1.78 -2.90 -27.66
C ARG D 74 0.95 -3.86 -28.49
N TYR D 75 -0.29 -4.11 -28.05
CA TYR D 75 -1.22 -4.96 -28.79
C TYR D 75 -1.48 -4.40 -30.18
N ALA D 76 -1.80 -3.11 -30.26
CA ALA D 76 -2.15 -2.49 -31.52
C ALA D 76 -0.93 -2.09 -32.36
N GLU D 77 0.28 -2.29 -31.83
CA GLU D 77 1.52 -1.97 -32.55
C GLU D 77 1.62 -0.48 -32.88
N VAL D 78 1.17 0.36 -31.96
CA VAL D 78 1.35 1.80 -32.06
C VAL D 78 2.14 2.27 -30.85
N LYS D 79 2.43 3.61 -30.78
CA LYS D 79 3.15 4.19 -29.65
C LYS D 79 2.17 4.60 -28.55
N PRO D 80 2.60 4.59 -27.28
CA PRO D 80 1.66 4.94 -26.20
C PRO D 80 1.05 6.32 -26.36
N GLU D 81 1.82 7.28 -26.86
CA GLU D 81 1.31 8.63 -27.05
C GLU D 81 0.32 8.72 -28.19
N GLN D 82 0.07 7.63 -28.91
CA GLN D 82 -0.93 7.58 -29.96
C GLN D 82 -2.23 6.94 -29.49
N VAL D 83 -2.40 6.75 -28.18
CA VAL D 83 -3.54 6.02 -27.64
C VAL D 83 -4.25 6.86 -26.58
N LEU D 84 -5.57 6.86 -26.64
CA LEU D 84 -6.43 7.42 -25.60
C LEU D 84 -7.39 6.32 -25.19
N VAL D 85 -7.70 6.23 -23.89
CA VAL D 85 -8.67 5.25 -23.41
C VAL D 85 -9.92 5.99 -22.95
N SER D 86 -11.09 5.43 -23.27
CA SER D 86 -12.35 6.11 -23.03
C SER D 86 -13.41 5.10 -22.62
N ARG D 87 -14.60 5.60 -22.28
CA ARG D 87 -15.72 4.74 -21.90
C ARG D 87 -16.34 4.17 -23.18
N GLY D 88 -15.68 3.15 -23.73
CA GLY D 88 -16.13 2.54 -24.97
C GLY D 88 -15.74 3.37 -26.17
N ALA D 89 -15.83 2.74 -27.34
CA ALA D 89 -15.73 3.53 -28.57
C ALA D 89 -16.84 4.56 -28.65
N ASP D 90 -17.98 4.33 -27.97
CA ASP D 90 -19.03 5.36 -27.94
C ASP D 90 -18.48 6.68 -27.45
N GLU D 91 -17.66 6.65 -26.39
CA GLU D 91 -17.12 7.91 -25.91
C GLU D 91 -16.09 8.47 -26.87
N GLY D 92 -15.36 7.59 -27.57
CA GLY D 92 -14.47 8.06 -28.61
C GLY D 92 -15.17 8.90 -29.65
N ILE D 93 -16.35 8.45 -30.09
CA ILE D 93 -17.15 9.20 -31.05
C ILE D 93 -17.52 10.58 -30.48
N GLU D 94 -17.99 10.59 -29.24
CA GLU D 94 -18.35 11.84 -28.58
C GLU D 94 -17.17 12.79 -28.51
N LEU D 95 -15.99 12.27 -28.18
CA LEU D 95 -14.83 13.16 -28.00
C LEU D 95 -14.42 13.82 -29.31
N LEU D 96 -14.46 13.06 -30.41
CA LEU D 96 -14.11 13.61 -31.72
C LEU D 96 -15.05 14.74 -32.12
N ILE D 97 -16.36 14.53 -31.94
CA ILE D 97 -17.31 15.58 -32.29
C ILE D 97 -17.17 16.77 -31.33
N ARG D 98 -17.01 16.48 -30.04
CA ARG D 98 -16.80 17.52 -29.03
C ARG D 98 -15.57 18.38 -29.34
N ALA D 99 -14.50 17.77 -29.85
CA ALA D 99 -13.27 18.54 -30.06
C ALA D 99 -13.26 19.28 -31.38
N PHE D 100 -13.83 18.71 -32.43
CA PHE D 100 -13.61 19.23 -33.78
C PHE D 100 -14.82 19.90 -34.44
N CYS D 101 -16.05 19.71 -33.93
CA CYS D 101 -17.24 20.20 -34.62
C CYS D 101 -17.88 21.32 -33.82
N GLU D 102 -17.81 22.53 -34.35
CA GLU D 102 -18.50 23.65 -33.73
C GLU D 102 -20.00 23.52 -33.93
N PRO D 103 -20.80 23.45 -32.86
CA PRO D 103 -22.25 23.23 -33.02
C PRO D 103 -22.91 24.35 -33.82
N GLY D 104 -23.73 23.97 -34.79
CA GLY D 104 -24.39 24.90 -35.66
C GLY D 104 -23.57 25.37 -36.85
N GLU D 105 -22.27 25.14 -36.83
CA GLU D 105 -21.40 25.56 -37.93
C GLU D 105 -20.82 24.38 -38.71
N ASP D 106 -20.40 23.33 -38.02
CA ASP D 106 -19.65 22.24 -38.63
C ASP D 106 -20.53 21.00 -38.73
N ALA D 107 -20.11 20.05 -39.54
CA ALA D 107 -20.89 18.84 -39.72
C ALA D 107 -20.02 17.62 -39.50
N VAL D 108 -20.69 16.50 -39.22
CA VAL D 108 -20.09 15.18 -39.32
C VAL D 108 -20.65 14.57 -40.59
N LEU D 109 -19.91 13.60 -41.15
CA LEU D 109 -20.36 12.92 -42.35
C LEU D 109 -20.21 11.41 -42.11
N TYR D 110 -21.23 10.65 -42.48
CA TYR D 110 -21.18 9.19 -42.43
C TYR D 110 -22.05 8.67 -43.56
N CYS D 111 -21.99 7.34 -43.80
CA CYS D 111 -22.44 6.74 -45.05
C CYS D 111 -23.43 5.62 -44.74
N PRO D 112 -24.73 5.92 -44.73
CA PRO D 112 -25.73 4.89 -44.41
C PRO D 112 -25.80 3.80 -45.46
N PRO D 113 -26.22 2.57 -45.09
CA PRO D 113 -26.64 2.14 -43.74
C PRO D 113 -25.42 1.87 -42.88
N THR D 114 -25.31 2.46 -41.69
CA THR D 114 -24.15 2.18 -40.86
C THR D 114 -24.55 2.34 -39.40
N TYR D 115 -23.53 2.39 -38.55
CA TYR D 115 -23.74 2.47 -37.11
C TYR D 115 -24.44 3.78 -36.76
N GLY D 116 -25.41 3.69 -35.84
CA GLY D 116 -26.25 4.83 -35.56
C GLY D 116 -25.69 5.87 -34.60
N MET D 117 -24.63 5.56 -33.85
CA MET D 117 -24.26 6.51 -32.80
C MET D 117 -23.52 7.74 -33.31
N TYR D 118 -22.91 7.71 -34.50
CA TYR D 118 -22.39 8.98 -35.05
C TYR D 118 -23.50 10.01 -35.14
N SER D 119 -24.67 9.57 -35.61
CA SER D 119 -25.82 10.45 -35.75
C SER D 119 -26.34 10.89 -34.38
N VAL D 120 -26.50 9.95 -33.46
CA VAL D 120 -27.06 10.27 -32.15
C VAL D 120 -26.19 11.28 -31.43
N SER D 121 -24.87 11.03 -31.42
CA SER D 121 -23.99 11.97 -30.74
C SER D 121 -24.06 13.35 -31.38
N ALA D 122 -24.03 13.40 -32.72
CA ALA D 122 -24.07 14.69 -33.41
C ALA D 122 -25.38 15.42 -33.12
N GLU D 123 -26.50 14.71 -33.20
CA GLU D 123 -27.79 15.35 -32.96
C GLU D 123 -27.89 15.84 -31.52
N THR D 124 -27.32 15.07 -30.58
CA THR D 124 -27.39 15.46 -29.18
C THR D 124 -26.54 16.69 -28.90
N ILE D 125 -25.33 16.72 -29.47
CA ILE D 125 -24.44 17.86 -29.30
C ILE D 125 -24.97 19.08 -30.02
N GLY D 126 -25.64 18.88 -31.16
CA GLY D 126 -26.13 19.96 -32.00
C GLY D 126 -25.28 20.23 -33.23
N VAL D 127 -24.79 19.16 -33.86
CA VAL D 127 -23.92 19.23 -35.04
C VAL D 127 -24.63 18.59 -36.23
N GLU D 128 -24.56 19.25 -37.39
CA GLU D 128 -25.24 18.77 -38.59
C GLU D 128 -24.76 17.37 -38.95
N CYS D 129 -25.70 16.53 -39.36
CA CYS D 129 -25.39 15.20 -39.90
C CYS D 129 -25.48 15.27 -41.43
N ARG D 130 -24.34 15.14 -42.08
CA ARG D 130 -24.27 15.07 -43.53
C ARG D 130 -24.18 13.59 -43.89
N THR D 131 -25.13 13.09 -44.68
CA THR D 131 -25.12 11.68 -45.03
C THR D 131 -24.76 11.49 -46.50
N VAL D 132 -24.01 10.43 -46.80
CA VAL D 132 -23.71 10.05 -48.18
C VAL D 132 -23.93 8.55 -48.27
N PRO D 133 -25.14 8.09 -48.57
CA PRO D 133 -25.41 6.65 -48.65
C PRO D 133 -24.39 5.91 -49.51
N THR D 134 -24.03 4.69 -49.09
CA THR D 134 -23.04 3.94 -49.85
C THR D 134 -23.63 3.40 -51.14
N LEU D 135 -22.75 2.85 -51.97
CA LEU D 135 -23.18 2.23 -53.22
C LEU D 135 -23.98 0.96 -52.93
N ALA D 136 -24.38 0.28 -54.01
CA ALA D 136 -25.21 -0.92 -53.90
C ALA D 136 -24.52 -2.00 -53.09
N ASP D 137 -23.21 -2.17 -53.26
CA ASP D 137 -22.44 -3.15 -52.51
C ASP D 137 -21.93 -2.59 -51.19
N TRP D 138 -22.41 -1.42 -50.78
CA TRP D 138 -22.08 -0.74 -49.52
C TRP D 138 -20.65 -0.22 -49.47
N GLN D 139 -19.98 -0.12 -50.63
CA GLN D 139 -18.71 0.58 -50.68
C GLN D 139 -18.96 2.08 -50.80
N LEU D 140 -17.92 2.85 -50.49
CA LEU D 140 -18.04 4.30 -50.42
C LEU D 140 -18.35 4.91 -51.77
N ASP D 141 -19.22 5.93 -51.77
CA ASP D 141 -19.49 6.75 -52.95
C ASP D 141 -18.56 7.95 -52.87
N LEU D 142 -17.37 7.84 -53.47
CA LEU D 142 -16.38 8.89 -53.28
C LEU D 142 -16.76 10.19 -53.98
N PRO D 143 -17.31 10.16 -55.20
CA PRO D 143 -17.85 11.42 -55.77
C PRO D 143 -18.93 12.03 -54.91
N GLY D 144 -19.83 11.21 -54.38
CA GLY D 144 -20.86 11.71 -53.48
C GLY D 144 -20.30 12.35 -52.23
N ILE D 145 -19.23 11.76 -51.67
CA ILE D 145 -18.62 12.35 -50.48
C ILE D 145 -17.94 13.66 -50.83
N GLU D 146 -17.21 13.69 -51.95
CA GLU D 146 -16.51 14.90 -52.33
C GLU D 146 -17.47 16.07 -52.53
N ALA D 147 -18.65 15.79 -53.07
CA ALA D 147 -19.64 16.83 -53.34
C ALA D 147 -20.27 17.35 -52.05
N ARG D 148 -20.15 16.61 -50.95
CA ARG D 148 -20.83 16.97 -49.70
C ARG D 148 -19.85 17.30 -48.58
N LEU D 149 -18.59 17.62 -48.87
CA LEU D 149 -17.61 17.82 -47.80
C LEU D 149 -17.56 19.23 -47.23
N ASP D 150 -18.17 20.22 -47.88
CA ASP D 150 -18.13 21.59 -47.36
CA ASP D 150 -18.13 21.58 -47.36
C ASP D 150 -18.68 21.64 -45.95
N GLY D 151 -17.91 22.22 -45.04
CA GLY D 151 -18.33 22.34 -43.65
C GLY D 151 -18.13 21.11 -42.79
N VAL D 152 -17.70 19.99 -43.38
CA VAL D 152 -17.52 18.76 -42.61
C VAL D 152 -16.19 18.82 -41.88
N LYS D 153 -16.21 18.49 -40.58
CA LYS D 153 -14.98 18.42 -39.80
C LYS D 153 -14.55 17.01 -39.46
N VAL D 154 -15.50 16.07 -39.38
CA VAL D 154 -15.21 14.69 -38.99
C VAL D 154 -16.00 13.77 -39.90
N VAL D 155 -15.30 12.85 -40.56
CA VAL D 155 -15.91 11.78 -41.36
C VAL D 155 -15.76 10.48 -40.59
N PHE D 156 -16.88 9.75 -40.40
CA PHE D 156 -16.85 8.44 -39.78
C PHE D 156 -17.09 7.36 -40.84
N VAL D 157 -16.20 6.37 -40.90
CA VAL D 157 -16.38 5.21 -41.76
C VAL D 157 -16.20 3.98 -40.90
N CYS D 158 -17.24 3.14 -40.85
CA CYS D 158 -17.17 1.86 -40.13
C CYS D 158 -16.63 0.78 -41.07
N SER D 159 -15.47 0.19 -40.71
CA SER D 159 -14.87 -0.86 -41.53
C SER D 159 -14.17 -1.88 -40.64
N PRO D 160 -14.64 -3.14 -40.61
CA PRO D 160 -15.79 -3.68 -41.36
C PRO D 160 -17.11 -3.01 -40.94
N ASN D 161 -18.10 -2.92 -41.82
CA ASN D 161 -19.28 -2.11 -41.51
C ASN D 161 -20.30 -2.86 -40.66
N ASN D 162 -20.89 -2.14 -39.74
CA ASN D 162 -22.08 -2.56 -39.03
C ASN D 162 -23.26 -1.80 -39.61
N PRO D 163 -24.29 -2.45 -40.17
CA PRO D 163 -24.66 -3.87 -40.03
C PRO D 163 -24.34 -4.79 -41.18
N THR D 164 -23.75 -4.29 -42.26
CA THR D 164 -23.71 -5.07 -43.49
C THR D 164 -22.59 -6.09 -43.51
N GLY D 165 -21.51 -5.88 -42.74
CA GLY D 165 -20.49 -6.88 -42.48
C GLY D 165 -19.19 -6.78 -43.28
N GLN D 166 -19.13 -5.97 -44.34
CA GLN D 166 -17.99 -6.05 -45.26
C GLN D 166 -16.92 -5.01 -44.92
N ILE D 167 -15.70 -5.31 -45.35
CA ILE D 167 -14.57 -4.38 -45.22
C ILE D 167 -14.65 -3.33 -46.32
N ILE D 168 -14.37 -2.07 -45.97
CA ILE D 168 -14.29 -1.01 -46.96
C ILE D 168 -12.96 -1.15 -47.72
N ASP D 169 -13.04 -1.10 -49.05
CA ASP D 169 -11.85 -1.21 -49.91
C ASP D 169 -10.75 -0.27 -49.43
N PRO D 170 -9.55 -0.77 -49.15
CA PRO D 170 -8.50 0.11 -48.60
C PRO D 170 -8.08 1.23 -49.54
N GLN D 171 -8.02 0.98 -50.85
CA GLN D 171 -7.70 2.07 -51.76
C GLN D 171 -8.71 3.20 -51.65
N SER D 172 -10.00 2.88 -51.41
CA SER D 172 -10.99 3.93 -51.24
C SER D 172 -10.75 4.73 -49.96
N MET D 173 -10.26 4.08 -48.91
CA MET D 173 -9.88 4.82 -47.71
C MET D 173 -8.68 5.73 -47.99
N ARG D 174 -7.72 5.25 -48.78
CA ARG D 174 -6.62 6.13 -49.16
C ARG D 174 -7.14 7.34 -49.94
N ASP D 175 -8.05 7.10 -50.90
CA ASP D 175 -8.62 8.20 -51.69
C ASP D 175 -9.41 9.16 -50.81
N LEU D 176 -10.16 8.63 -49.84
CA LEU D 176 -10.91 9.46 -48.91
C LEU D 176 -9.98 10.31 -48.06
N LEU D 177 -8.87 9.72 -47.60
CA LEU D 177 -7.93 10.45 -46.76
C LEU D 177 -7.22 11.55 -47.55
N GLU D 178 -6.90 11.30 -48.83
CA GLU D 178 -6.33 12.36 -49.64
C GLU D 178 -7.34 13.46 -49.90
N MET D 179 -8.60 13.09 -50.14
CA MET D 179 -9.67 14.06 -50.38
C MET D 179 -9.88 14.98 -49.18
N THR D 180 -9.63 14.50 -47.97
CA THR D 180 -9.89 15.23 -46.75
C THR D 180 -8.64 15.82 -46.13
N ARG D 181 -7.47 15.59 -46.72
CA ARG D 181 -6.22 16.08 -46.16
C ARG D 181 -6.28 17.60 -46.00
N GLY D 182 -6.05 18.08 -44.78
CA GLY D 182 -6.17 19.49 -44.47
C GLY D 182 -7.57 20.03 -44.30
N LYS D 183 -8.60 19.18 -44.40
CA LYS D 183 -9.99 19.62 -44.38
C LYS D 183 -10.80 18.99 -43.27
N ALA D 184 -10.58 17.70 -42.97
CA ALA D 184 -11.42 16.99 -42.02
C ALA D 184 -10.62 15.87 -41.37
N ILE D 185 -11.10 15.43 -40.20
CA ILE D 185 -10.62 14.24 -39.54
C ILE D 185 -11.34 13.04 -40.14
N VAL D 186 -10.62 11.96 -40.43
CA VAL D 186 -11.26 10.73 -40.90
C VAL D 186 -11.12 9.68 -39.81
N VAL D 187 -12.25 9.14 -39.37
CA VAL D 187 -12.30 8.19 -38.26
C VAL D 187 -12.69 6.83 -38.82
N ALA D 188 -11.79 5.86 -38.72
CA ALA D 188 -12.07 4.48 -39.11
C ALA D 188 -12.56 3.76 -37.85
N ASP D 189 -13.83 3.41 -37.81
CA ASP D 189 -14.40 2.77 -36.63
C ASP D 189 -14.10 1.28 -36.77
N GLU D 190 -13.17 0.78 -35.97
CA GLU D 190 -12.68 -0.60 -36.04
C GLU D 190 -13.17 -1.45 -34.87
N ALA D 191 -14.42 -1.22 -34.46
CA ALA D 191 -15.03 -2.01 -33.38
C ALA D 191 -14.97 -3.51 -33.66
N TYR D 192 -14.98 -3.92 -34.93
CA TYR D 192 -15.02 -5.34 -35.27
C TYR D 192 -13.73 -5.83 -35.93
N ILE D 193 -12.66 -5.02 -35.85
CA ILE D 193 -11.46 -5.31 -36.62
C ILE D 193 -10.76 -6.57 -36.12
N GLU D 194 -10.99 -6.98 -34.86
CA GLU D 194 -10.38 -8.21 -34.36
C GLU D 194 -10.78 -9.42 -35.18
N PHE D 195 -11.92 -9.37 -35.88
CA PHE D 195 -12.36 -10.51 -36.67
C PHE D 195 -11.76 -10.53 -38.06
N CYS D 196 -11.12 -9.43 -38.47
CA CYS D 196 -10.37 -9.35 -39.74
C CYS D 196 -9.18 -8.44 -39.49
N PRO D 197 -8.22 -8.90 -38.69
CA PRO D 197 -7.18 -7.98 -38.19
C PRO D 197 -6.27 -7.45 -39.28
N GLN D 198 -6.13 -8.16 -40.39
CA GLN D 198 -5.35 -7.71 -41.54
C GLN D 198 -5.90 -6.43 -42.16
N ALA D 199 -7.13 -6.07 -41.85
CA ALA D 199 -7.80 -4.94 -42.49
C ALA D 199 -7.63 -3.64 -41.73
N THR D 200 -6.95 -3.66 -40.58
CA THR D 200 -6.85 -2.45 -39.78
C THR D 200 -6.05 -1.37 -40.50
N LEU D 201 -6.43 -0.12 -40.24
CA LEU D 201 -5.70 1.03 -40.75
C LEU D 201 -4.76 1.63 -39.70
N ALA D 202 -4.62 0.98 -38.54
CA ALA D 202 -3.79 1.53 -37.48
C ALA D 202 -2.34 1.73 -37.92
N GLY D 203 -1.85 0.91 -38.85
CA GLY D 203 -0.50 1.08 -39.34
C GLY D 203 -0.29 2.24 -40.30
N TRP D 204 -1.35 2.98 -40.65
CA TRP D 204 -1.28 4.09 -41.59
C TRP D 204 -1.05 5.45 -40.93
N LEU D 205 -0.96 5.53 -39.60
CA LEU D 205 -0.90 6.82 -38.93
C LEU D 205 0.25 7.69 -39.43
N SER D 206 1.39 7.10 -39.79
CA SER D 206 2.54 7.92 -40.16
C SER D 206 2.35 8.59 -41.52
N ASP D 207 1.39 8.12 -42.33
CA ASP D 207 1.12 8.71 -43.64
C ASP D 207 -0.02 9.71 -43.63
N TYR D 208 -0.84 9.74 -42.58
CA TYR D 208 -2.06 10.55 -42.56
C TYR D 208 -2.22 11.23 -41.21
N PRO D 209 -1.88 12.51 -41.11
CA PRO D 209 -2.01 13.21 -39.83
C PRO D 209 -3.42 13.22 -39.30
N HIS D 210 -4.43 13.11 -40.18
CA HIS D 210 -5.82 13.28 -39.81
C HIS D 210 -6.57 11.97 -39.67
N LEU D 211 -5.88 10.84 -39.70
CA LEU D 211 -6.53 9.54 -39.55
C LEU D 211 -6.65 9.16 -38.08
N VAL D 212 -7.82 8.67 -37.71
CA VAL D 212 -8.14 8.23 -36.36
C VAL D 212 -8.76 6.85 -36.45
N VAL D 213 -8.42 5.98 -35.51
CA VAL D 213 -8.98 4.63 -35.46
C VAL D 213 -9.66 4.44 -34.11
N LEU D 214 -10.91 3.97 -34.13
CA LEU D 214 -11.63 3.61 -32.90
C LEU D 214 -11.55 2.10 -32.68
N ARG D 215 -11.33 1.71 -31.43
CA ARG D 215 -11.16 0.31 -31.04
C ARG D 215 -11.97 0.09 -29.77
N THR D 216 -12.34 -1.17 -29.51
CA THR D 216 -13.13 -1.46 -28.33
C THR D 216 -12.73 -2.80 -27.74
N LEU D 217 -13.08 -2.99 -26.45
CA LEU D 217 -12.98 -4.31 -25.84
C LEU D 217 -14.34 -5.01 -25.79
N SER D 218 -15.36 -4.41 -26.39
CA SER D 218 -16.73 -4.89 -26.19
C SER D 218 -17.06 -6.13 -27.01
N LYS D 219 -16.30 -6.45 -28.05
CA LYS D 219 -16.75 -7.41 -29.04
C LYS D 219 -15.90 -8.66 -28.92
N ALA D 220 -14.88 -8.84 -29.76
CA ALA D 220 -14.02 -10.02 -29.68
C ALA D 220 -13.34 -10.15 -28.31
N PHE D 221 -13.06 -9.04 -27.64
CA PHE D 221 -12.45 -9.16 -26.32
C PHE D 221 -13.45 -9.61 -25.25
N ALA D 222 -14.75 -9.65 -25.56
CA ALA D 222 -15.78 -10.18 -24.67
C ALA D 222 -15.87 -9.39 -23.37
N LEU D 223 -15.79 -8.06 -23.48
CA LEU D 223 -15.77 -7.23 -22.28
C LEU D 223 -16.66 -6.01 -22.47
N ALA D 224 -17.82 -6.19 -23.11
CA ALA D 224 -18.80 -5.12 -23.25
C ALA D 224 -19.17 -4.51 -21.91
N GLY D 225 -19.19 -5.33 -20.86
CA GLY D 225 -19.57 -4.84 -19.54
C GLY D 225 -18.58 -3.86 -18.93
N LEU D 226 -17.36 -3.82 -19.46
CA LEU D 226 -16.33 -2.92 -18.94
C LEU D 226 -16.49 -1.50 -19.45
N ARG D 227 -17.14 -1.30 -20.60
CA ARG D 227 -17.23 0.01 -21.23
C ARG D 227 -15.84 0.60 -21.42
N CYS D 228 -14.99 -0.11 -22.15
CA CYS D 228 -13.61 0.30 -22.32
C CYS D 228 -13.27 0.31 -23.80
N GLY D 229 -12.90 1.48 -24.31
CA GLY D 229 -12.55 1.61 -25.72
C GLY D 229 -11.32 2.48 -25.87
N PHE D 230 -10.84 2.55 -27.10
CA PHE D 230 -9.59 3.26 -27.35
C PHE D 230 -9.70 4.07 -28.61
N THR D 231 -8.98 5.19 -28.63
CA THR D 231 -8.79 5.98 -29.82
C THR D 231 -7.31 5.95 -30.18
N LEU D 232 -7.02 5.61 -31.43
CA LEU D 232 -5.66 5.59 -31.96
C LEU D 232 -5.52 6.71 -32.98
N ALA D 233 -4.52 7.56 -32.78
CA ALA D 233 -4.32 8.71 -33.63
C ALA D 233 -2.89 9.19 -33.44
N ASN D 234 -2.41 10.00 -34.38
CA ASN D 234 -1.15 10.68 -34.14
C ASN D 234 -1.24 11.51 -32.86
N ALA D 235 -0.09 11.68 -32.19
CA ALA D 235 -0.05 12.32 -30.89
C ALA D 235 -0.73 13.67 -30.90
N GLU D 236 -0.60 14.42 -32.00
CA GLU D 236 -1.21 15.74 -32.10
C GLU D 236 -2.73 15.67 -31.94
N VAL D 237 -3.36 14.64 -32.53
CA VAL D 237 -4.81 14.47 -32.40
C VAL D 237 -5.16 14.01 -30.98
N ILE D 238 -4.41 13.04 -30.46
CA ILE D 238 -4.65 12.58 -29.09
C ILE D 238 -4.62 13.75 -28.13
N ASN D 239 -3.64 14.65 -28.30
CA ASN D 239 -3.49 15.76 -27.37
C ASN D 239 -4.68 16.72 -27.44
N VAL D 240 -5.27 16.90 -28.62
CA VAL D 240 -6.49 17.71 -28.72
C VAL D 240 -7.63 17.03 -27.96
N LEU D 241 -7.79 15.72 -28.18
CA LEU D 241 -8.89 15.01 -27.52
C LEU D 241 -8.74 15.03 -26.00
N LEU D 242 -7.51 14.96 -25.50
CA LEU D 242 -7.28 15.04 -24.06
C LEU D 242 -7.68 16.39 -23.48
N LYS D 243 -7.82 17.42 -24.29
CA LYS D 243 -8.31 18.70 -23.80
C LYS D 243 -9.81 18.68 -23.51
N VAL D 244 -10.57 17.76 -24.10
CA VAL D 244 -12.02 17.75 -23.92
C VAL D 244 -12.52 16.55 -23.16
N ILE D 245 -11.65 15.61 -22.80
CA ILE D 245 -12.09 14.40 -22.09
C ILE D 245 -12.40 14.73 -20.63
N ALA D 246 -13.27 13.93 -20.03
CA ALA D 246 -13.53 14.05 -18.60
C ALA D 246 -12.24 13.85 -17.81
N PRO D 247 -12.10 14.54 -16.68
CA PRO D 247 -10.86 14.39 -15.88
C PRO D 247 -10.53 12.95 -15.54
N TYR D 248 -11.52 12.13 -15.17
CA TYR D 248 -11.29 10.76 -14.71
C TYR D 248 -12.30 9.85 -15.39
N PRO D 249 -12.07 9.52 -16.66
CA PRO D 249 -13.10 8.81 -17.44
C PRO D 249 -13.14 7.31 -17.24
N LEU D 250 -12.12 6.70 -16.63
CA LEU D 250 -12.04 5.25 -16.56
C LEU D 250 -11.91 4.86 -15.09
N SER D 251 -12.80 4.00 -14.63
CA SER D 251 -12.76 3.62 -13.23
C SER D 251 -11.61 2.64 -13.00
N THR D 252 -11.15 2.62 -11.75
CA THR D 252 -10.07 1.69 -11.40
C THR D 252 -10.42 0.23 -11.65
N PRO D 253 -11.61 -0.29 -11.28
CA PRO D 253 -11.89 -1.69 -11.60
C PRO D 253 -11.79 -2.00 -13.09
N VAL D 254 -12.20 -1.05 -13.94
CA VAL D 254 -12.14 -1.29 -15.38
C VAL D 254 -10.69 -1.28 -15.87
N ALA D 255 -9.91 -0.32 -15.40
CA ALA D 255 -8.48 -0.30 -15.73
C ALA D 255 -7.79 -1.58 -15.28
N ASP D 256 -8.09 -2.03 -14.07
CA ASP D 256 -7.56 -3.27 -13.51
C ASP D 256 -7.83 -4.44 -14.45
N ILE D 257 -9.10 -4.64 -14.81
CA ILE D 257 -9.48 -5.78 -15.63
C ILE D 257 -8.99 -5.61 -17.07
N ALA D 258 -9.11 -4.39 -17.62
CA ALA D 258 -8.61 -4.17 -18.98
C ALA D 258 -7.15 -4.54 -19.11
N ALA D 259 -6.34 -4.17 -18.12
CA ALA D 259 -4.92 -4.51 -18.16
C ALA D 259 -4.71 -6.01 -18.11
N GLN D 260 -5.54 -6.71 -17.34
CA GLN D 260 -5.45 -8.16 -17.30
C GLN D 260 -5.81 -8.77 -18.64
N ALA D 261 -6.84 -8.22 -19.28
CA ALA D 261 -7.27 -8.76 -20.57
C ALA D 261 -6.29 -8.47 -21.68
N LEU D 262 -5.44 -7.45 -21.54
CA LEU D 262 -4.48 -7.09 -22.57
C LEU D 262 -3.09 -7.68 -22.32
N SER D 263 -2.94 -8.58 -21.34
CA SER D 263 -1.72 -9.32 -21.19
C SER D 263 -1.53 -10.23 -22.41
N PRO D 264 -0.30 -10.70 -22.65
CA PRO D 264 -0.10 -11.65 -23.76
C PRO D 264 -1.02 -12.85 -23.71
N GLU D 265 -1.27 -13.41 -22.52
CA GLU D 265 -2.23 -14.51 -22.39
C GLU D 265 -3.64 -14.04 -22.73
N GLY D 266 -4.00 -12.84 -22.31
CA GLY D 266 -5.31 -12.31 -22.65
C GLY D 266 -5.47 -12.10 -24.15
N ILE D 267 -4.44 -11.55 -24.80
CA ILE D 267 -4.47 -11.39 -26.25
C ILE D 267 -4.64 -12.74 -26.93
N ALA D 268 -3.90 -13.76 -26.46
CA ALA D 268 -4.01 -15.06 -27.10
C ALA D 268 -5.38 -15.67 -26.89
N ALA D 269 -6.00 -15.43 -25.72
CA ALA D 269 -7.34 -15.94 -25.49
C ALA D 269 -8.35 -15.22 -26.39
N MET D 270 -8.15 -13.92 -26.60
CA MET D 270 -9.00 -13.20 -27.54
C MET D 270 -8.86 -13.79 -28.95
N ARG D 271 -7.64 -14.11 -29.37
CA ARG D 271 -7.50 -14.66 -30.71
CA ARG D 271 -7.45 -14.71 -30.69
C ARG D 271 -8.20 -16.02 -30.82
N GLN D 272 -8.24 -16.81 -29.74
CA GLN D 272 -9.02 -18.04 -29.78
C GLN D 272 -10.51 -17.74 -29.79
N ARG D 273 -10.95 -16.71 -29.05
CA ARG D 273 -12.34 -16.29 -29.16
C ARG D 273 -12.69 -15.91 -30.60
N VAL D 274 -11.80 -15.18 -31.29
CA VAL D 274 -12.05 -14.85 -32.68
C VAL D 274 -12.20 -16.11 -33.52
N ALA D 275 -11.26 -17.05 -33.37
CA ALA D 275 -11.30 -18.26 -34.18
C ALA D 275 -12.60 -19.02 -33.94
N GLN D 276 -13.05 -19.06 -32.69
CA GLN D 276 -14.31 -19.71 -32.37
C GLN D 276 -15.48 -19.08 -33.13
N ILE D 277 -15.56 -17.75 -33.13
CA ILE D 277 -16.64 -17.06 -33.82
C ILE D 277 -16.57 -17.31 -35.32
N LEU D 278 -15.37 -17.30 -35.90
CA LEU D 278 -15.22 -17.50 -37.34
C LEU D 278 -15.73 -18.88 -37.73
N ASP D 279 -15.40 -19.89 -36.92
CA ASP D 279 -15.89 -21.23 -37.15
CA ASP D 279 -15.90 -21.23 -37.16
C ASP D 279 -17.41 -21.28 -37.05
N GLU D 280 -17.97 -20.64 -36.02
CA GLU D 280 -19.42 -20.64 -35.83
C GLU D 280 -20.12 -19.89 -36.96
N ARG D 281 -19.54 -18.77 -37.40
CA ARG D 281 -20.12 -18.00 -38.49
C ARG D 281 -20.23 -18.83 -39.76
N ARG D 282 -19.20 -19.63 -40.06
CA ARG D 282 -19.25 -20.49 -41.22
C ARG D 282 -20.43 -21.46 -41.13
N TYR D 283 -20.67 -22.01 -39.93
CA TYR D 283 -21.79 -22.92 -39.76
C TYR D 283 -23.13 -22.21 -39.92
N LEU D 284 -23.31 -21.07 -39.23
CA LEU D 284 -24.60 -20.41 -39.30
C LEU D 284 -24.94 -20.00 -40.73
N VAL D 285 -23.98 -19.45 -41.47
CA VAL D 285 -24.28 -18.97 -42.80
C VAL D 285 -24.68 -20.13 -43.70
N GLU D 286 -23.92 -21.24 -43.61
CA GLU D 286 -24.25 -22.41 -44.42
C GLU D 286 -25.67 -22.87 -44.13
N GLN D 287 -26.04 -22.91 -42.85
CA GLN D 287 -27.38 -23.35 -42.47
C GLN D 287 -28.44 -22.35 -42.90
N LEU D 288 -28.17 -21.03 -42.72
CA LEU D 288 -29.17 -20.04 -43.08
C LEU D 288 -29.54 -20.13 -44.55
N ARG D 289 -28.56 -20.36 -45.41
CA ARG D 289 -28.80 -20.29 -46.85
C ARG D 289 -29.74 -21.39 -47.32
N GLY D 290 -29.87 -22.47 -46.57
CA GLY D 290 -30.78 -23.54 -46.87
C GLY D 290 -32.18 -23.38 -46.32
N ILE D 291 -32.45 -22.30 -45.61
CA ILE D 291 -33.75 -22.08 -44.99
C ILE D 291 -34.65 -21.33 -45.97
N ALA D 292 -35.90 -21.78 -46.07
CA ALA D 292 -36.80 -21.27 -47.10
C ALA D 292 -37.02 -19.77 -46.99
N CYS D 293 -37.25 -19.28 -45.77
CA CYS D 293 -37.57 -17.87 -45.58
C CYS D 293 -36.36 -16.96 -45.65
N VAL D 294 -35.15 -17.52 -45.72
CA VAL D 294 -33.95 -16.72 -45.90
C VAL D 294 -33.76 -16.49 -47.39
N GLU D 295 -33.99 -15.24 -47.82
CA GLU D 295 -33.76 -14.86 -49.22
C GLU D 295 -32.28 -14.72 -49.54
N GLN D 296 -31.51 -14.09 -48.65
CA GLN D 296 -30.08 -13.91 -48.92
C GLN D 296 -29.34 -13.72 -47.60
N VAL D 297 -28.14 -14.31 -47.50
CA VAL D 297 -27.21 -14.04 -46.40
C VAL D 297 -26.00 -13.32 -46.97
N PHE D 298 -25.65 -12.19 -46.38
CA PHE D 298 -24.54 -11.40 -46.89
C PHE D 298 -23.26 -11.83 -46.19
N ASP D 299 -22.19 -11.95 -46.98
CA ASP D 299 -20.88 -12.34 -46.46
C ASP D 299 -20.42 -11.33 -45.43
N SER D 300 -19.74 -11.81 -44.38
CA SER D 300 -19.35 -10.90 -43.30
C SER D 300 -17.93 -11.18 -42.85
N GLU D 301 -17.27 -10.13 -42.35
CA GLU D 301 -15.95 -10.26 -41.73
C GLU D 301 -16.01 -9.93 -40.24
N THR D 302 -17.14 -10.22 -39.60
CA THR D 302 -17.41 -9.77 -38.24
C THR D 302 -18.05 -10.91 -37.44
N ASN D 303 -18.56 -10.59 -36.26
CA ASN D 303 -19.31 -11.55 -35.46
C ASN D 303 -20.82 -11.38 -35.61
N TYR D 304 -21.28 -11.02 -36.81
CA TYR D 304 -22.70 -10.95 -37.12
C TYR D 304 -22.85 -11.13 -38.61
N VAL D 305 -24.07 -11.46 -39.03
CA VAL D 305 -24.40 -11.59 -40.44
C VAL D 305 -25.73 -10.91 -40.69
N LEU D 306 -25.85 -10.27 -41.85
CA LEU D 306 -27.08 -9.62 -42.26
C LEU D 306 -27.80 -10.56 -43.21
N ALA D 307 -29.07 -10.82 -42.94
CA ALA D 307 -29.87 -11.72 -43.76
C ALA D 307 -31.13 -10.99 -44.20
N ARG D 308 -31.46 -11.08 -45.49
CA ARG D 308 -32.75 -10.61 -45.98
C ARG D 308 -33.73 -11.76 -45.88
N ILE D 309 -34.90 -11.48 -45.31
CA ILE D 309 -35.84 -12.51 -44.88
C ILE D 309 -37.24 -12.13 -45.35
N THR D 310 -37.92 -13.08 -45.98
CA THR D 310 -39.29 -12.87 -46.42
C THR D 310 -40.17 -12.54 -45.23
N ALA D 311 -40.96 -11.47 -45.35
CA ALA D 311 -41.84 -11.01 -44.26
C ALA D 311 -41.04 -10.80 -42.98
N SER D 312 -39.97 -9.99 -43.09
CA SER D 312 -38.99 -9.92 -42.01
C SER D 312 -39.60 -9.40 -40.71
N SER D 313 -40.49 -8.42 -40.81
CA SER D 313 -41.12 -7.90 -39.59
C SER D 313 -41.97 -8.96 -38.93
N ALA D 314 -42.65 -9.80 -39.72
CA ALA D 314 -43.38 -10.91 -39.13
C ALA D 314 -42.43 -11.92 -38.51
N VAL D 315 -41.33 -12.23 -39.19
CA VAL D 315 -40.39 -13.20 -38.64
C VAL D 315 -39.70 -12.63 -37.42
N PHE D 316 -39.31 -11.34 -37.49
CA PHE D 316 -38.67 -10.72 -36.33
C PHE D 316 -39.54 -10.82 -35.09
N LYS D 317 -40.83 -10.54 -35.23
CA LYS D 317 -41.72 -10.60 -34.07
C LYS D 317 -41.92 -12.05 -33.61
N SER D 318 -41.98 -12.98 -34.54
CA SER D 318 -42.17 -14.38 -34.17
C SER D 318 -41.02 -14.86 -33.31
N LEU D 319 -39.78 -14.62 -33.75
CA LEU D 319 -38.63 -15.04 -32.96
C LEU D 319 -38.56 -14.27 -31.65
N TRP D 320 -38.82 -12.96 -31.69
CA TRP D 320 -38.87 -12.17 -30.46
C TRP D 320 -39.83 -12.78 -29.42
N ASP D 321 -41.04 -13.13 -29.85
CA ASP D 321 -42.03 -13.69 -28.95
C ASP D 321 -41.59 -15.04 -28.39
N GLN D 322 -40.69 -15.73 -29.09
CA GLN D 322 -40.13 -16.99 -28.60
C GLN D 322 -38.87 -16.78 -27.78
N GLY D 323 -38.47 -15.52 -27.54
CA GLY D 323 -37.28 -15.26 -26.77
C GLY D 323 -35.99 -15.29 -27.55
N ILE D 324 -36.05 -15.17 -28.87
CA ILE D 324 -34.86 -15.14 -29.71
C ILE D 324 -34.75 -13.71 -30.20
N ILE D 325 -33.75 -12.99 -29.71
CA ILE D 325 -33.68 -11.54 -29.89
C ILE D 325 -32.64 -11.23 -30.96
N LEU D 326 -33.11 -10.85 -32.14
CA LEU D 326 -32.25 -10.41 -33.23
C LEU D 326 -32.27 -8.88 -33.28
N ARG D 327 -31.58 -8.31 -34.27
CA ARG D 327 -31.57 -6.86 -34.48
C ARG D 327 -32.25 -6.54 -35.82
N ASP D 328 -33.41 -5.90 -35.75
CA ASP D 328 -34.14 -5.50 -36.95
C ASP D 328 -33.42 -4.34 -37.62
N GLN D 329 -33.18 -4.46 -38.93
CA GLN D 329 -32.53 -3.40 -39.70
C GLN D 329 -33.40 -2.97 -40.88
N ASN D 330 -34.67 -3.34 -40.86
CA ASN D 330 -35.59 -3.17 -41.97
C ASN D 330 -35.82 -1.71 -42.35
N LYS D 331 -35.57 -0.78 -41.45
CA LYS D 331 -35.79 0.63 -41.74
C LYS D 331 -34.52 1.35 -42.15
N GLN D 332 -33.39 0.66 -42.17
CA GLN D 332 -32.14 1.26 -42.63
C GLN D 332 -32.17 1.41 -44.15
N PRO D 333 -31.55 2.47 -44.69
CA PRO D 333 -31.50 2.62 -46.15
C PRO D 333 -30.91 1.40 -46.82
N SER D 334 -31.62 0.90 -47.84
CA SER D 334 -31.26 -0.24 -48.68
C SER D 334 -31.39 -1.58 -47.96
N LEU D 335 -31.78 -1.60 -46.69
CA LEU D 335 -31.80 -2.84 -45.92
C LEU D 335 -33.21 -3.35 -45.64
N SER D 336 -34.17 -2.96 -46.47
CA SER D 336 -35.53 -3.51 -46.37
C SER D 336 -35.49 -5.02 -46.23
N GLY D 337 -36.23 -5.53 -45.25
CA GLY D 337 -36.29 -6.97 -45.02
C GLY D 337 -35.10 -7.59 -44.33
N CYS D 338 -34.13 -6.80 -43.88
CA CYS D 338 -32.90 -7.37 -43.34
C CYS D 338 -32.90 -7.42 -41.82
N LEU D 339 -32.45 -8.54 -41.27
CA LEU D 339 -32.22 -8.71 -39.85
C LEU D 339 -30.74 -8.98 -39.63
N ARG D 340 -30.18 -8.44 -38.56
CA ARG D 340 -28.78 -8.67 -38.25
C ARG D 340 -28.70 -9.69 -37.13
N ILE D 341 -27.99 -10.80 -37.38
CA ILE D 341 -27.90 -11.92 -36.45
C ILE D 341 -26.48 -12.00 -35.90
N THR D 342 -26.33 -11.79 -34.60
CA THR D 342 -25.02 -11.96 -33.97
C THR D 342 -24.66 -13.44 -33.91
N ILE D 343 -23.36 -13.73 -34.05
CA ILE D 343 -22.86 -15.10 -33.95
C ILE D 343 -22.68 -15.42 -32.48
N GLY D 344 -23.47 -16.36 -31.96
CA GLY D 344 -23.37 -16.76 -30.57
C GLY D 344 -22.79 -18.16 -30.44
N THR D 345 -23.24 -18.91 -29.43
CA THR D 345 -22.79 -20.29 -29.31
C THR D 345 -23.45 -21.17 -30.37
N ARG D 346 -22.91 -22.37 -30.55
CA ARG D 346 -23.56 -23.31 -31.45
C ARG D 346 -25.03 -23.51 -31.07
N ALA D 347 -25.32 -23.61 -29.77
CA ALA D 347 -26.69 -23.90 -29.37
C ALA D 347 -27.62 -22.73 -29.68
N GLU D 348 -27.09 -21.51 -29.61
CA GLU D 348 -27.90 -20.35 -29.96
C GLU D 348 -28.13 -20.26 -31.47
N SER D 349 -27.09 -20.47 -32.28
CA SER D 349 -27.29 -20.58 -33.72
C SER D 349 -28.40 -21.58 -34.04
N GLN D 350 -28.41 -22.72 -33.33
CA GLN D 350 -29.39 -23.76 -33.65
C GLN D 350 -30.79 -23.30 -33.29
N ARG D 351 -30.94 -22.55 -32.19
CA ARG D 351 -32.23 -21.95 -31.87
C ARG D 351 -32.71 -21.04 -33.00
N VAL D 352 -31.80 -20.25 -33.57
CA VAL D 352 -32.17 -19.39 -34.69
C VAL D 352 -32.55 -20.25 -35.90
N ILE D 353 -31.69 -21.22 -36.23
CA ILE D 353 -31.93 -22.09 -37.39
C ILE D 353 -33.27 -22.81 -37.26
N ASP D 354 -33.54 -23.33 -36.07
CA ASP D 354 -34.78 -24.09 -35.86
C ASP D 354 -36.00 -23.18 -35.98
N ALA D 355 -35.93 -21.97 -35.41
CA ALA D 355 -37.10 -21.11 -35.41
C ALA D 355 -37.38 -20.53 -36.80
N LEU D 356 -36.31 -20.17 -37.54
CA LEU D 356 -36.51 -19.71 -38.90
C LEU D 356 -37.09 -20.82 -39.76
N THR D 357 -36.58 -22.04 -39.60
CA THR D 357 -37.09 -23.17 -40.40
C THR D 357 -38.56 -23.42 -40.12
N ALA D 358 -39.00 -23.17 -38.90
CA ALA D 358 -40.40 -23.37 -38.53
C ALA D 358 -41.32 -22.25 -39.01
N GLU D 359 -40.76 -21.20 -39.63
CA GLU D 359 -41.58 -20.20 -40.30
C GLU D 359 -42.00 -20.71 -41.68
#